data_7Y51
# 
_entry.id   7Y51 
# 
_audit_conform.dict_name       mmcif_pdbx.dic 
_audit_conform.dict_version    5.380 
_audit_conform.dict_location   http://mmcif.pdb.org/dictionaries/ascii/mmcif_pdbx.dic 
# 
loop_
_database_2.database_id 
_database_2.database_code 
_database_2.pdbx_database_accession 
_database_2.pdbx_DOI 
PDB   7Y51         pdb_00007y51 10.2210/pdb7y51/pdb 
WWPDB D_1300030273 ?            ?                   
# 
_pdbx_database_status.status_code                     REL 
_pdbx_database_status.status_code_sf                  REL 
_pdbx_database_status.status_code_mr                  ? 
_pdbx_database_status.entry_id                        7Y51 
_pdbx_database_status.recvd_initial_deposition_date   2022-06-16 
_pdbx_database_status.SG_entry                        N 
_pdbx_database_status.deposit_site                    PDBJ 
_pdbx_database_status.process_site                    PDBJ 
_pdbx_database_status.status_code_cs                  ? 
_pdbx_database_status.status_code_nmr_data            ? 
_pdbx_database_status.methods_development_category    ? 
_pdbx_database_status.pdb_format_compatible           Y 
# 
loop_
_audit_author.name 
_audit_author.pdbx_ordinal 
_audit_author.identifier_ORCID 
'Sasamoto, K.'  1 ? 
'Himiyama, T.'  2 ? 
'Moriyoshi, K.' 3 ? 
'Ohmoto, T.'    4 ? 
'Uegaki, K.'    5 ? 
'Nakamura, T.'  6 ? 
'Nishiya, Y.'   7 ? 
# 
_citation.abstract                  ? 
_citation.abstract_id_CAS           ? 
_citation.book_id_ISBN              ? 
_citation.book_publisher            ? 
_citation.book_publisher_city       ? 
_citation.book_title                ? 
_citation.coordinate_linkage        ? 
_citation.country                   NE 
_citation.database_id_Medline       ? 
_citation.details                   ? 
_citation.id                        primary 
_citation.journal_abbrev            'Febs Open Bio' 
_citation.journal_id_ASTM           ? 
_citation.journal_id_CSD            ? 
_citation.journal_id_ISSN           2211-5463 
_citation.journal_full              ? 
_citation.journal_issue             ? 
_citation.journal_volume            12 
_citation.language                  ? 
_citation.page_first                1875 
_citation.page_last                 1885 
_citation.title                     
'Functional analysis of the N-terminal region of acetylxylan esterase from Caldanaerobacter subterraneus subsp. tengcongensis.' 
_citation.year                      2022 
_citation.database_id_CSD           ? 
_citation.pdbx_database_id_DOI      10.1002/2211-5463.13476 
_citation.pdbx_database_id_PubMed   36054591 
_citation.pdbx_database_id_patent   ? 
_citation.unpublished_flag          ? 
# 
loop_
_citation_author.citation_id 
_citation_author.name 
_citation_author.ordinal 
_citation_author.identifier_ORCID 
primary 'Sasamoto, K.'  1 ? 
primary 'Himiyama, T.'  2 ? 
primary 'Moriyoshi, K.' 3 ? 
primary 'Ohmoto, T.'    4 ? 
primary 'Uegaki, K.'    5 ? 
primary 'Nakamura, T.'  6 ? 
primary 'Nishiya, Y.'   7 ? 
# 
_cell.angle_alpha                  90.000 
_cell.angle_alpha_esd              ? 
_cell.angle_beta                   90.000 
_cell.angle_beta_esd               ? 
_cell.angle_gamma                  90.000 
_cell.angle_gamma_esd              ? 
_cell.entry_id                     7Y51 
_cell.details                      ? 
_cell.formula_units_Z              ? 
_cell.length_a                     63.090 
_cell.length_a_esd                 ? 
_cell.length_b                     106.400 
_cell.length_b_esd                 ? 
_cell.length_c                     117.780 
_cell.length_c_esd                 ? 
_cell.volume                       ? 
_cell.volume_esd                   ? 
_cell.Z_PDB                        8 
_cell.reciprocal_angle_alpha       ? 
_cell.reciprocal_angle_beta        ? 
_cell.reciprocal_angle_gamma       ? 
_cell.reciprocal_angle_alpha_esd   ? 
_cell.reciprocal_angle_beta_esd    ? 
_cell.reciprocal_angle_gamma_esd   ? 
_cell.reciprocal_length_a          ? 
_cell.reciprocal_length_b          ? 
_cell.reciprocal_length_c          ? 
_cell.reciprocal_length_a_esd      ? 
_cell.reciprocal_length_b_esd      ? 
_cell.reciprocal_length_c_esd      ? 
_cell.pdbx_unique_axis             ? 
_cell.pdbx_esd_method              ? 
# 
_symmetry.entry_id                         7Y51 
_symmetry.cell_setting                     ? 
_symmetry.Int_Tables_number                24 
_symmetry.space_group_name_Hall            ? 
_symmetry.space_group_name_H-M             'I 21 21 21' 
_symmetry.pdbx_full_space_group_name_H-M   ? 
# 
loop_
_entity.id 
_entity.type 
_entity.src_method 
_entity.pdbx_description 
_entity.formula_weight 
_entity.pdbx_number_of_molecules 
_entity.pdbx_ec 
_entity.pdbx_mutation 
_entity.pdbx_fragment 
_entity.details 
1 polymer     man 'Predicted xylanase/chitin deacetylase' 22974.529 1  ? ? ? ? 
2 non-polymer syn GLYCEROL                                92.094    1  ? ? ? ? 
3 non-polymer syn 'NICKEL (II) ION'                       58.693    1  ? ? ? ? 
4 water       nat water                                   18.015    34 ? ? ? ? 
# 
_entity_name_com.entity_id   1 
_entity_name_com.name        'Acetylxylan esterase' 
# 
_entity_poly.entity_id                      1 
_entity_poly.type                           'polypeptide(L)' 
_entity_poly.nstd_linkage                   no 
_entity_poly.nstd_monomer                   no 
_entity_poly.pdbx_seq_one_letter_code       
;GPAFSKKVLGSNPSSGKEVALTFDDGPFPIYTEKYVDILKSMDVKATFFVIGKHAEKHPELLKYIVENGNEIGLHSYSHF
NMKKLKPEKMVEELYKTQQIIVEATGIKPTLFRPPFGAYNSTLIEISNALGLKVVLWNVDPDDWRNPSVESVVNRVLSHT
RDGSIILMHEGKPSTLAALPQIIKKLKEEGYKFVTVSELLEKRD
;
_entity_poly.pdbx_seq_one_letter_code_can   
;GPAFSKKVLGSNPSSGKEVALTFDDGPFPIYTEKYVDILKSMDVKATFFVIGKHAEKHPELLKYIVENGNEIGLHSYSHF
NMKKLKPEKMVEELYKTQQIIVEATGIKPTLFRPPFGAYNSTLIEISNALGLKVVLWNVDPDDWRNPSVESVVNRVLSHT
RDGSIILMHEGKPSTLAALPQIIKKLKEEGYKFVTVSELLEKRD
;
_entity_poly.pdbx_strand_id                 A 
_entity_poly.pdbx_target_identifier         ? 
# 
loop_
_entity_poly_seq.entity_id 
_entity_poly_seq.num 
_entity_poly_seq.mon_id 
_entity_poly_seq.hetero 
1 1   GLY n 
1 2   PRO n 
1 3   ALA n 
1 4   PHE n 
1 5   SER n 
1 6   LYS n 
1 7   LYS n 
1 8   VAL n 
1 9   LEU n 
1 10  GLY n 
1 11  SER n 
1 12  ASN n 
1 13  PRO n 
1 14  SER n 
1 15  SER n 
1 16  GLY n 
1 17  LYS n 
1 18  GLU n 
1 19  VAL n 
1 20  ALA n 
1 21  LEU n 
1 22  THR n 
1 23  PHE n 
1 24  ASP n 
1 25  ASP n 
1 26  GLY n 
1 27  PRO n 
1 28  PHE n 
1 29  PRO n 
1 30  ILE n 
1 31  TYR n 
1 32  THR n 
1 33  GLU n 
1 34  LYS n 
1 35  TYR n 
1 36  VAL n 
1 37  ASP n 
1 38  ILE n 
1 39  LEU n 
1 40  LYS n 
1 41  SER n 
1 42  MET n 
1 43  ASP n 
1 44  VAL n 
1 45  LYS n 
1 46  ALA n 
1 47  THR n 
1 48  PHE n 
1 49  PHE n 
1 50  VAL n 
1 51  ILE n 
1 52  GLY n 
1 53  LYS n 
1 54  HIS n 
1 55  ALA n 
1 56  GLU n 
1 57  LYS n 
1 58  HIS n 
1 59  PRO n 
1 60  GLU n 
1 61  LEU n 
1 62  LEU n 
1 63  LYS n 
1 64  TYR n 
1 65  ILE n 
1 66  VAL n 
1 67  GLU n 
1 68  ASN n 
1 69  GLY n 
1 70  ASN n 
1 71  GLU n 
1 72  ILE n 
1 73  GLY n 
1 74  LEU n 
1 75  HIS n 
1 76  SER n 
1 77  TYR n 
1 78  SER n 
1 79  HIS n 
1 80  PHE n 
1 81  ASN n 
1 82  MET n 
1 83  LYS n 
1 84  LYS n 
1 85  LEU n 
1 86  LYS n 
1 87  PRO n 
1 88  GLU n 
1 89  LYS n 
1 90  MET n 
1 91  VAL n 
1 92  GLU n 
1 93  GLU n 
1 94  LEU n 
1 95  TYR n 
1 96  LYS n 
1 97  THR n 
1 98  GLN n 
1 99  GLN n 
1 100 ILE n 
1 101 ILE n 
1 102 VAL n 
1 103 GLU n 
1 104 ALA n 
1 105 THR n 
1 106 GLY n 
1 107 ILE n 
1 108 LYS n 
1 109 PRO n 
1 110 THR n 
1 111 LEU n 
1 112 PHE n 
1 113 ARG n 
1 114 PRO n 
1 115 PRO n 
1 116 PHE n 
1 117 GLY n 
1 118 ALA n 
1 119 TYR n 
1 120 ASN n 
1 121 SER n 
1 122 THR n 
1 123 LEU n 
1 124 ILE n 
1 125 GLU n 
1 126 ILE n 
1 127 SER n 
1 128 ASN n 
1 129 ALA n 
1 130 LEU n 
1 131 GLY n 
1 132 LEU n 
1 133 LYS n 
1 134 VAL n 
1 135 VAL n 
1 136 LEU n 
1 137 TRP n 
1 138 ASN n 
1 139 VAL n 
1 140 ASP n 
1 141 PRO n 
1 142 ASP n 
1 143 ASP n 
1 144 TRP n 
1 145 ARG n 
1 146 ASN n 
1 147 PRO n 
1 148 SER n 
1 149 VAL n 
1 150 GLU n 
1 151 SER n 
1 152 VAL n 
1 153 VAL n 
1 154 ASN n 
1 155 ARG n 
1 156 VAL n 
1 157 LEU n 
1 158 SER n 
1 159 HIS n 
1 160 THR n 
1 161 ARG n 
1 162 ASP n 
1 163 GLY n 
1 164 SER n 
1 165 ILE n 
1 166 ILE n 
1 167 LEU n 
1 168 MET n 
1 169 HIS n 
1 170 GLU n 
1 171 GLY n 
1 172 LYS n 
1 173 PRO n 
1 174 SER n 
1 175 THR n 
1 176 LEU n 
1 177 ALA n 
1 178 ALA n 
1 179 LEU n 
1 180 PRO n 
1 181 GLN n 
1 182 ILE n 
1 183 ILE n 
1 184 LYS n 
1 185 LYS n 
1 186 LEU n 
1 187 LYS n 
1 188 GLU n 
1 189 GLU n 
1 190 GLY n 
1 191 TYR n 
1 192 LYS n 
1 193 PHE n 
1 194 VAL n 
1 195 THR n 
1 196 VAL n 
1 197 SER n 
1 198 GLU n 
1 199 LEU n 
1 200 LEU n 
1 201 GLU n 
1 202 LYS n 
1 203 ARG n 
1 204 ASP n 
# 
_entity_src_gen.entity_id                          1 
_entity_src_gen.pdbx_src_id                        1 
_entity_src_gen.pdbx_alt_source_flag               sample 
_entity_src_gen.pdbx_seq_type                      'Biological sequence' 
_entity_src_gen.pdbx_beg_seq_num                   1 
_entity_src_gen.pdbx_end_seq_num                   204 
_entity_src_gen.gene_src_common_name               'Thermoanaerobacter tengcongensis' 
_entity_src_gen.gene_src_genus                     ? 
_entity_src_gen.pdbx_gene_src_gene                 'Cda1, TTE0866' 
_entity_src_gen.gene_src_species                   ? 
_entity_src_gen.gene_src_strain                    'DSM 15242 / JCM 11007 / NBRC 100824 / MB4' 
_entity_src_gen.gene_src_tissue                    ? 
_entity_src_gen.gene_src_tissue_fraction           ? 
_entity_src_gen.gene_src_details                   ? 
_entity_src_gen.pdbx_gene_src_fragment             ? 
_entity_src_gen.pdbx_gene_src_scientific_name      'Caldanaerobacter subterraneus subsp. tengcongensis' 
_entity_src_gen.pdbx_gene_src_ncbi_taxonomy_id     273068 
_entity_src_gen.pdbx_gene_src_variant              ? 
_entity_src_gen.pdbx_gene_src_cell_line            ? 
_entity_src_gen.pdbx_gene_src_atcc                 ? 
_entity_src_gen.pdbx_gene_src_organ                ? 
_entity_src_gen.pdbx_gene_src_organelle            ? 
_entity_src_gen.pdbx_gene_src_cell                 ? 
_entity_src_gen.pdbx_gene_src_cellular_location    ? 
_entity_src_gen.host_org_common_name               ? 
_entity_src_gen.pdbx_host_org_scientific_name      'Escherichia coli' 
_entity_src_gen.pdbx_host_org_ncbi_taxonomy_id     562 
_entity_src_gen.host_org_genus                     ? 
_entity_src_gen.pdbx_host_org_gene                 ? 
_entity_src_gen.pdbx_host_org_organ                ? 
_entity_src_gen.host_org_species                   ? 
_entity_src_gen.pdbx_host_org_tissue               ? 
_entity_src_gen.pdbx_host_org_tissue_fraction      ? 
_entity_src_gen.pdbx_host_org_strain               ? 
_entity_src_gen.pdbx_host_org_variant              ? 
_entity_src_gen.pdbx_host_org_cell_line            ? 
_entity_src_gen.pdbx_host_org_atcc                 ? 
_entity_src_gen.pdbx_host_org_culture_collection   ? 
_entity_src_gen.pdbx_host_org_cell                 ? 
_entity_src_gen.pdbx_host_org_organelle            ? 
_entity_src_gen.pdbx_host_org_cellular_location    ? 
_entity_src_gen.pdbx_host_org_vector_type          ? 
_entity_src_gen.pdbx_host_org_vector               ? 
_entity_src_gen.host_org_details                   ? 
_entity_src_gen.expression_system_id               ? 
_entity_src_gen.plasmid_name                       ? 
_entity_src_gen.plasmid_details                    ? 
_entity_src_gen.pdbx_description                   ? 
# 
_struct_ref.id                         1 
_struct_ref.db_name                    UNP 
_struct_ref.db_code                    Q8RBF4_CALS4 
_struct_ref.pdbx_db_accession          Q8RBF4 
_struct_ref.pdbx_db_isoform            ? 
_struct_ref.entity_id                  1 
_struct_ref.pdbx_seq_one_letter_code   
;AFSKKVLGSNPSSGKEVALTFDDGPFPIYTEKYVDILKSMDVKATFFVIGKHAEKHPELLKYIVENGNEIGLHSYSHFNM
KKLKPEKMVEELYKTQQIIVEATGIKPTLFRPPFGAYNSTLIEISNALGLKVVLWNVDPDDWRNPSVESVVNRVLSHTRD
GSIILMHEGKPSTLAALPQIIKKLKEEGYKFVTVSELLEKRD
;
_struct_ref.pdbx_align_begin           123 
# 
_struct_ref_seq.align_id                      1 
_struct_ref_seq.ref_id                        1 
_struct_ref_seq.pdbx_PDB_id_code              7Y51 
_struct_ref_seq.pdbx_strand_id                A 
_struct_ref_seq.seq_align_beg                 3 
_struct_ref_seq.pdbx_seq_align_beg_ins_code   ? 
_struct_ref_seq.seq_align_end                 204 
_struct_ref_seq.pdbx_seq_align_end_ins_code   ? 
_struct_ref_seq.pdbx_db_accession             Q8RBF4 
_struct_ref_seq.db_align_beg                  123 
_struct_ref_seq.pdbx_db_align_beg_ins_code    ? 
_struct_ref_seq.db_align_end                  324 
_struct_ref_seq.pdbx_db_align_end_ins_code    ? 
_struct_ref_seq.pdbx_auth_seq_align_beg       123 
_struct_ref_seq.pdbx_auth_seq_align_end       324 
# 
loop_
_struct_ref_seq_dif.align_id 
_struct_ref_seq_dif.pdbx_pdb_id_code 
_struct_ref_seq_dif.mon_id 
_struct_ref_seq_dif.pdbx_pdb_strand_id 
_struct_ref_seq_dif.seq_num 
_struct_ref_seq_dif.pdbx_pdb_ins_code 
_struct_ref_seq_dif.pdbx_seq_db_name 
_struct_ref_seq_dif.pdbx_seq_db_accession_code 
_struct_ref_seq_dif.db_mon_id 
_struct_ref_seq_dif.pdbx_seq_db_seq_num 
_struct_ref_seq_dif.details 
_struct_ref_seq_dif.pdbx_auth_seq_num 
_struct_ref_seq_dif.pdbx_ordinal 
1 7Y51 GLY A 1 ? UNP Q8RBF4 ? ? 'expression tag' 121 1 
1 7Y51 PRO A 2 ? UNP Q8RBF4 ? ? 'expression tag' 122 2 
# 
loop_
_chem_comp.id 
_chem_comp.type 
_chem_comp.mon_nstd_flag 
_chem_comp.name 
_chem_comp.pdbx_synonyms 
_chem_comp.formula 
_chem_comp.formula_weight 
ALA 'L-peptide linking' y ALANINE           ?                               'C3 H7 N O2'     89.093  
ARG 'L-peptide linking' y ARGININE          ?                               'C6 H15 N4 O2 1' 175.209 
ASN 'L-peptide linking' y ASPARAGINE        ?                               'C4 H8 N2 O3'    132.118 
ASP 'L-peptide linking' y 'ASPARTIC ACID'   ?                               'C4 H7 N O4'     133.103 
GLN 'L-peptide linking' y GLUTAMINE         ?                               'C5 H10 N2 O3'   146.144 
GLU 'L-peptide linking' y 'GLUTAMIC ACID'   ?                               'C5 H9 N O4'     147.129 
GLY 'peptide linking'   y GLYCINE           ?                               'C2 H5 N O2'     75.067  
GOL non-polymer         . GLYCEROL          'GLYCERIN; PROPANE-1,2,3-TRIOL' 'C3 H8 O3'       92.094  
HIS 'L-peptide linking' y HISTIDINE         ?                               'C6 H10 N3 O2 1' 156.162 
HOH non-polymer         . WATER             ?                               'H2 O'           18.015  
ILE 'L-peptide linking' y ISOLEUCINE        ?                               'C6 H13 N O2'    131.173 
LEU 'L-peptide linking' y LEUCINE           ?                               'C6 H13 N O2'    131.173 
LYS 'L-peptide linking' y LYSINE            ?                               'C6 H15 N2 O2 1' 147.195 
MET 'L-peptide linking' y METHIONINE        ?                               'C5 H11 N O2 S'  149.211 
NI  non-polymer         . 'NICKEL (II) ION' ?                               'Ni 2'           58.693  
PHE 'L-peptide linking' y PHENYLALANINE     ?                               'C9 H11 N O2'    165.189 
PRO 'L-peptide linking' y PROLINE           ?                               'C5 H9 N O2'     115.130 
SER 'L-peptide linking' y SERINE            ?                               'C3 H7 N O3'     105.093 
THR 'L-peptide linking' y THREONINE         ?                               'C4 H9 N O3'     119.119 
TRP 'L-peptide linking' y TRYPTOPHAN        ?                               'C11 H12 N2 O2'  204.225 
TYR 'L-peptide linking' y TYROSINE          ?                               'C9 H11 N O3'    181.189 
VAL 'L-peptide linking' y VALINE            ?                               'C5 H11 N O2'    117.146 
# 
_exptl.absorpt_coefficient_mu     ? 
_exptl.absorpt_correction_T_max   ? 
_exptl.absorpt_correction_T_min   ? 
_exptl.absorpt_correction_type    ? 
_exptl.absorpt_process_details    ? 
_exptl.entry_id                   7Y51 
_exptl.crystals_number            1 
_exptl.details                    ? 
_exptl.method                     'X-RAY DIFFRACTION' 
_exptl.method_details             ? 
# 
_exptl_crystal.colour                       ? 
_exptl_crystal.density_diffrn               ? 
_exptl_crystal.density_Matthews             4.30 
_exptl_crystal.density_method               ? 
_exptl_crystal.density_percent_sol          71.41 
_exptl_crystal.description                  ? 
_exptl_crystal.F_000                        ? 
_exptl_crystal.id                           1 
_exptl_crystal.preparation                  ? 
_exptl_crystal.size_max                     ? 
_exptl_crystal.size_mid                     ? 
_exptl_crystal.size_min                     ? 
_exptl_crystal.size_rad                     ? 
_exptl_crystal.colour_lustre                ? 
_exptl_crystal.colour_modifier              ? 
_exptl_crystal.colour_primary               ? 
_exptl_crystal.density_meas                 ? 
_exptl_crystal.density_meas_esd             ? 
_exptl_crystal.density_meas_gt              ? 
_exptl_crystal.density_meas_lt              ? 
_exptl_crystal.density_meas_temp            ? 
_exptl_crystal.density_meas_temp_esd        ? 
_exptl_crystal.density_meas_temp_gt         ? 
_exptl_crystal.density_meas_temp_lt         ? 
_exptl_crystal.pdbx_crystal_image_url       ? 
_exptl_crystal.pdbx_crystal_image_format    ? 
_exptl_crystal.pdbx_mosaicity               ? 
_exptl_crystal.pdbx_mosaicity_esd           ? 
_exptl_crystal.pdbx_mosaic_method           ? 
_exptl_crystal.pdbx_mosaic_block_size       ? 
_exptl_crystal.pdbx_mosaic_block_size_esd   ? 
# 
_exptl_crystal_grow.apparatus       ? 
_exptl_crystal_grow.atmosphere      ? 
_exptl_crystal_grow.crystal_id      1 
_exptl_crystal_grow.details         ? 
_exptl_crystal_grow.method          'EVAPORATION, RECRYSTALLIZATION' 
_exptl_crystal_grow.method_ref      ? 
_exptl_crystal_grow.pH              8.0 
_exptl_crystal_grow.pressure        ? 
_exptl_crystal_grow.pressure_esd    ? 
_exptl_crystal_grow.seeding         ? 
_exptl_crystal_grow.seeding_ref     ? 
_exptl_crystal_grow.temp            293 
_exptl_crystal_grow.temp_details    ? 
_exptl_crystal_grow.temp_esd        ? 
_exptl_crystal_grow.time            ? 
_exptl_crystal_grow.pdbx_details    '20 mM Tris-HCl (pH8.0) 100 mM NaCl' 
_exptl_crystal_grow.pdbx_pH_range   ? 
# 
_diffrn.ambient_environment              ? 
_diffrn.ambient_temp                     100 
_diffrn.ambient_temp_details             ? 
_diffrn.ambient_temp_esd                 ? 
_diffrn.crystal_id                       1 
_diffrn.crystal_support                  ? 
_diffrn.crystal_treatment                ? 
_diffrn.details                          ? 
_diffrn.id                               1 
_diffrn.ambient_pressure                 ? 
_diffrn.ambient_pressure_esd             ? 
_diffrn.ambient_pressure_gt              ? 
_diffrn.ambient_pressure_lt              ? 
_diffrn.ambient_temp_gt                  ? 
_diffrn.ambient_temp_lt                  ? 
_diffrn.pdbx_serial_crystal_experiment   Y 
# 
_diffrn_detector.details                      ? 
_diffrn_detector.detector                     PIXEL 
_diffrn_detector.diffrn_id                    1 
_diffrn_detector.type                         'DECTRIS PILATUS3 6M' 
_diffrn_detector.area_resol_mean              ? 
_diffrn_detector.dtime                        ? 
_diffrn_detector.pdbx_frames_total            ? 
_diffrn_detector.pdbx_collection_time_total   ? 
_diffrn_detector.pdbx_collection_date         2021-10-16 
_diffrn_detector.pdbx_frequency               ? 
# 
_diffrn_radiation.collimation                      ? 
_diffrn_radiation.diffrn_id                        1 
_diffrn_radiation.filter_edge                      ? 
_diffrn_radiation.inhomogeneity                    ? 
_diffrn_radiation.monochromator                    ? 
_diffrn_radiation.polarisn_norm                    ? 
_diffrn_radiation.polarisn_ratio                   ? 
_diffrn_radiation.probe                            ? 
_diffrn_radiation.type                             ? 
_diffrn_radiation.xray_symbol                      ? 
_diffrn_radiation.wavelength_id                    1 
_diffrn_radiation.pdbx_monochromatic_or_laue_m_l   M 
_diffrn_radiation.pdbx_wavelength_list             ? 
_diffrn_radiation.pdbx_wavelength                  ? 
_diffrn_radiation.pdbx_diffrn_protocol             'SINGLE WAVELENGTH' 
_diffrn_radiation.pdbx_analyzer                    ? 
_diffrn_radiation.pdbx_scattering_type             x-ray 
# 
_diffrn_radiation_wavelength.id           1 
_diffrn_radiation_wavelength.wavelength   1.0 
_diffrn_radiation_wavelength.wt           1.0 
# 
_diffrn_source.current                     ? 
_diffrn_source.details                     ? 
_diffrn_source.diffrn_id                   1 
_diffrn_source.power                       ? 
_diffrn_source.size                        ? 
_diffrn_source.source                      SYNCHROTRON 
_diffrn_source.target                      ? 
_diffrn_source.type                        'SPRING-8 BEAMLINE BL45XU' 
_diffrn_source.voltage                     ? 
_diffrn_source.take-off_angle              ? 
_diffrn_source.pdbx_wavelength_list        1.0 
_diffrn_source.pdbx_wavelength             ? 
_diffrn_source.pdbx_synchrotron_beamline   BL45XU 
_diffrn_source.pdbx_synchrotron_site       SPring-8 
# 
_reflns.B_iso_Wilson_estimate                          ? 
_reflns.entry_id                                       7Y51 
_reflns.data_reduction_details                         ? 
_reflns.data_reduction_method                          ? 
_reflns.d_resolution_high                              2.45 
_reflns.d_resolution_low                               39.91 
_reflns.details                                        ? 
_reflns.limit_h_max                                    ? 
_reflns.limit_h_min                                    ? 
_reflns.limit_k_max                                    ? 
_reflns.limit_k_min                                    ? 
_reflns.limit_l_max                                    ? 
_reflns.limit_l_min                                    ? 
_reflns.number_all                                     ? 
_reflns.number_obs                                     14957 
_reflns.observed_criterion                             ? 
_reflns.observed_criterion_F_max                       ? 
_reflns.observed_criterion_F_min                       ? 
_reflns.observed_criterion_I_max                       ? 
_reflns.observed_criterion_I_min                       ? 
_reflns.observed_criterion_sigma_F                     ? 
_reflns.observed_criterion_sigma_I                     ? 
_reflns.percent_possible_obs                           99.9 
_reflns.R_free_details                                 ? 
_reflns.Rmerge_F_all                                   ? 
_reflns.Rmerge_F_obs                                   ? 
_reflns.Friedel_coverage                               ? 
_reflns.number_gt                                      ? 
_reflns.threshold_expression                           ? 
_reflns.pdbx_redundancy                                11.0 
_reflns.pdbx_Rmerge_I_obs                              0.170 
_reflns.pdbx_Rmerge_I_all                              ? 
_reflns.pdbx_Rsym_value                                ? 
_reflns.pdbx_netI_over_av_sigmaI                       ? 
_reflns.pdbx_netI_over_sigmaI                          14.3 
_reflns.pdbx_res_netI_over_av_sigmaI_2                 ? 
_reflns.pdbx_res_netI_over_sigmaI_2                    ? 
_reflns.pdbx_chi_squared                               ? 
_reflns.pdbx_scaling_rejects                           ? 
_reflns.pdbx_d_res_high_opt                            ? 
_reflns.pdbx_d_res_low_opt                             ? 
_reflns.pdbx_d_res_opt_method                          ? 
_reflns.phase_calculation_details                      ? 
_reflns.pdbx_Rrim_I_all                                ? 
_reflns.pdbx_Rpim_I_all                                ? 
_reflns.pdbx_d_opt                                     ? 
_reflns.pdbx_number_measured_all                       ? 
_reflns.pdbx_diffrn_id                                 1 
_reflns.pdbx_ordinal                                   1 
_reflns.pdbx_CC_half                                   0.993 
_reflns.pdbx_CC_star                                   ? 
_reflns.pdbx_R_split                                   ? 
_reflns.pdbx_aniso_diffraction_limit_axis_1_ortho[1]   ? 
_reflns.pdbx_aniso_diffraction_limit_axis_1_ortho[2]   ? 
_reflns.pdbx_aniso_diffraction_limit_axis_1_ortho[3]   ? 
_reflns.pdbx_aniso_diffraction_limit_axis_2_ortho[1]   ? 
_reflns.pdbx_aniso_diffraction_limit_axis_2_ortho[2]   ? 
_reflns.pdbx_aniso_diffraction_limit_axis_2_ortho[3]   ? 
_reflns.pdbx_aniso_diffraction_limit_axis_3_ortho[1]   ? 
_reflns.pdbx_aniso_diffraction_limit_axis_3_ortho[2]   ? 
_reflns.pdbx_aniso_diffraction_limit_axis_3_ortho[3]   ? 
_reflns.pdbx_aniso_diffraction_limit_1                 ? 
_reflns.pdbx_aniso_diffraction_limit_2                 ? 
_reflns.pdbx_aniso_diffraction_limit_3                 ? 
_reflns.pdbx_aniso_B_tensor_eigenvector_1_ortho[1]     ? 
_reflns.pdbx_aniso_B_tensor_eigenvector_1_ortho[2]     ? 
_reflns.pdbx_aniso_B_tensor_eigenvector_1_ortho[3]     ? 
_reflns.pdbx_aniso_B_tensor_eigenvector_2_ortho[1]     ? 
_reflns.pdbx_aniso_B_tensor_eigenvector_2_ortho[2]     ? 
_reflns.pdbx_aniso_B_tensor_eigenvector_2_ortho[3]     ? 
_reflns.pdbx_aniso_B_tensor_eigenvector_3_ortho[1]     ? 
_reflns.pdbx_aniso_B_tensor_eigenvector_3_ortho[2]     ? 
_reflns.pdbx_aniso_B_tensor_eigenvector_3_ortho[3]     ? 
_reflns.pdbx_aniso_B_tensor_eigenvalue_1               ? 
_reflns.pdbx_aniso_B_tensor_eigenvalue_2               ? 
_reflns.pdbx_aniso_B_tensor_eigenvalue_3               ? 
_reflns.pdbx_orthogonalization_convention              ? 
_reflns.pdbx_percent_possible_ellipsoidal              ? 
_reflns.pdbx_percent_possible_spherical                ? 
_reflns.pdbx_percent_possible_ellipsoidal_anomalous    ? 
_reflns.pdbx_percent_possible_spherical_anomalous      ? 
_reflns.pdbx_redundancy_anomalous                      ? 
_reflns.pdbx_CC_half_anomalous                         ? 
_reflns.pdbx_absDiff_over_sigma_anomalous              ? 
_reflns.pdbx_percent_possible_anomalous                ? 
_reflns.pdbx_observed_signal_threshold                 ? 
_reflns.pdbx_signal_type                               ? 
_reflns.pdbx_signal_details                            ? 
_reflns.pdbx_signal_software_id                        ? 
_reflns.pdbx_CC_split_method                           ? 
# 
_reflns_shell.d_res_high                                    2.45 
_reflns_shell.d_res_low                                     2.55 
_reflns_shell.meanI_over_sigI_all                           ? 
_reflns_shell.meanI_over_sigI_obs                           ? 
_reflns_shell.number_measured_all                           ? 
_reflns_shell.number_measured_obs                           ? 
_reflns_shell.number_possible                               ? 
_reflns_shell.number_unique_all                             ? 
_reflns_shell.number_unique_obs                             1651 
_reflns_shell.percent_possible_all                          ? 
_reflns_shell.percent_possible_obs                          ? 
_reflns_shell.Rmerge_F_all                                  ? 
_reflns_shell.Rmerge_F_obs                                  ? 
_reflns_shell.Rmerge_I_all                                  ? 
_reflns_shell.Rmerge_I_obs                                  0.912 
_reflns_shell.meanI_over_sigI_gt                            ? 
_reflns_shell.meanI_over_uI_all                             ? 
_reflns_shell.meanI_over_uI_gt                              ? 
_reflns_shell.number_measured_gt                            ? 
_reflns_shell.number_unique_gt                              ? 
_reflns_shell.percent_possible_gt                           ? 
_reflns_shell.Rmerge_F_gt                                   ? 
_reflns_shell.Rmerge_I_gt                                   ? 
_reflns_shell.pdbx_redundancy                               ? 
_reflns_shell.pdbx_Rsym_value                               ? 
_reflns_shell.pdbx_chi_squared                              ? 
_reflns_shell.pdbx_netI_over_sigmaI_all                     ? 
_reflns_shell.pdbx_netI_over_sigmaI_obs                     ? 
_reflns_shell.pdbx_Rrim_I_all                               ? 
_reflns_shell.pdbx_Rpim_I_all                               ? 
_reflns_shell.pdbx_rejects                                  ? 
_reflns_shell.pdbx_ordinal                                  1 
_reflns_shell.pdbx_diffrn_id                                1 
_reflns_shell.pdbx_CC_half                                  0.840 
_reflns_shell.pdbx_CC_star                                  ? 
_reflns_shell.pdbx_R_split                                  ? 
_reflns_shell.pdbx_percent_possible_ellipsoidal             ? 
_reflns_shell.pdbx_percent_possible_spherical               ? 
_reflns_shell.pdbx_percent_possible_ellipsoidal_anomalous   ? 
_reflns_shell.pdbx_percent_possible_spherical_anomalous     ? 
_reflns_shell.pdbx_redundancy_anomalous                     ? 
_reflns_shell.pdbx_CC_half_anomalous                        ? 
_reflns_shell.pdbx_absDiff_over_sigma_anomalous             ? 
_reflns_shell.pdbx_percent_possible_anomalous               ? 
# 
_refine.aniso_B[1][1]                            0.066 
_refine.aniso_B[1][2]                            0.000 
_refine.aniso_B[1][3]                            -0.000 
_refine.aniso_B[2][2]                            -0.036 
_refine.aniso_B[2][3]                            0.000 
_refine.aniso_B[3][3]                            -0.030 
_refine.B_iso_max                                ? 
_refine.B_iso_mean                               38.227 
_refine.B_iso_min                                ? 
_refine.correlation_coeff_Fo_to_Fc               0.945 
_refine.correlation_coeff_Fo_to_Fc_free          0.927 
_refine.details                                  'Hydrogens have been added in their riding positions' 
_refine.diff_density_max                         ? 
_refine.diff_density_max_esd                     ? 
_refine.diff_density_min                         ? 
_refine.diff_density_min_esd                     ? 
_refine.diff_density_rms                         ? 
_refine.diff_density_rms_esd                     ? 
_refine.entry_id                                 7Y51 
_refine.pdbx_refine_id                           'X-RAY DIFFRACTION' 
_refine.ls_abs_structure_details                 ? 
_refine.ls_abs_structure_Flack                   ? 
_refine.ls_abs_structure_Flack_esd               ? 
_refine.ls_abs_structure_Rogers                  ? 
_refine.ls_abs_structure_Rogers_esd              ? 
_refine.ls_d_res_high                            2.450 
_refine.ls_d_res_low                             39.91 
_refine.ls_extinction_coef                       ? 
_refine.ls_extinction_coef_esd                   ? 
_refine.ls_extinction_expression                 ? 
_refine.ls_extinction_method                     ? 
_refine.ls_goodness_of_fit_all                   ? 
_refine.ls_goodness_of_fit_all_esd               ? 
_refine.ls_goodness_of_fit_obs                   ? 
_refine.ls_goodness_of_fit_obs_esd               ? 
_refine.ls_hydrogen_treatment                    ? 
_refine.ls_matrix_type                           ? 
_refine.ls_number_constraints                    ? 
_refine.ls_number_parameters                     ? 
_refine.ls_number_reflns_all                     ? 
_refine.ls_number_reflns_obs                     14956 
_refine.ls_number_reflns_R_free                  722 
_refine.ls_number_reflns_R_work                  14234 
_refine.ls_number_restraints                     ? 
_refine.ls_percent_reflns_obs                    99.906 
_refine.ls_percent_reflns_R_free                 4.827 
_refine.ls_R_factor_all                          0.193 
_refine.ls_R_factor_obs                          ? 
_refine.ls_R_factor_R_free                       0.2301 
_refine.ls_R_factor_R_free_error                 ? 
_refine.ls_R_factor_R_free_error_details         ? 
_refine.ls_R_factor_R_work                       0.1907 
_refine.ls_R_Fsqd_factor_obs                     ? 
_refine.ls_R_I_factor_obs                        ? 
_refine.ls_redundancy_reflns_all                 ? 
_refine.ls_redundancy_reflns_obs                 ? 
_refine.ls_restrained_S_all                      ? 
_refine.ls_restrained_S_obs                      ? 
_refine.ls_shift_over_esd_max                    ? 
_refine.ls_shift_over_esd_mean                   ? 
_refine.ls_structure_factor_coef                 ? 
_refine.ls_weighting_details                     ? 
_refine.ls_weighting_scheme                      ? 
_refine.ls_wR_factor_all                         ? 
_refine.ls_wR_factor_obs                         ? 
_refine.ls_wR_factor_R_free                      ? 
_refine.ls_wR_factor_R_work                      ? 
_refine.occupancy_max                            ? 
_refine.occupancy_min                            ? 
_refine.solvent_model_details                    'MASK BULK SOLVENT' 
_refine.solvent_model_param_bsol                 ? 
_refine.solvent_model_param_ksol                 ? 
_refine.pdbx_R_complete                          ? 
_refine.ls_R_factor_gt                           ? 
_refine.ls_goodness_of_fit_gt                    ? 
_refine.ls_goodness_of_fit_ref                   ? 
_refine.ls_shift_over_su_max                     ? 
_refine.ls_shift_over_su_max_lt                  ? 
_refine.ls_shift_over_su_mean                    ? 
_refine.ls_shift_over_su_mean_lt                 ? 
_refine.pdbx_ls_sigma_I                          ? 
_refine.pdbx_ls_sigma_F                          ? 
_refine.pdbx_ls_sigma_Fsqd                       ? 
_refine.pdbx_data_cutoff_high_absF               ? 
_refine.pdbx_data_cutoff_high_rms_absF           ? 
_refine.pdbx_data_cutoff_low_absF                ? 
_refine.pdbx_isotropic_thermal_model             ? 
_refine.pdbx_ls_cross_valid_method               THROUGHOUT 
_refine.pdbx_method_to_determine_struct          'MOLECULAR REPLACEMENT' 
_refine.pdbx_starting_model                      7FBW 
_refine.pdbx_stereochemistry_target_values       ? 
_refine.pdbx_R_Free_selection_details            ? 
_refine.pdbx_stereochem_target_val_spec_case     ? 
_refine.pdbx_overall_ESU_R                       0.206 
_refine.pdbx_overall_ESU_R_Free                  0.188 
_refine.pdbx_solvent_vdw_probe_radii             1.200 
_refine.pdbx_solvent_ion_probe_radii             0.800 
_refine.pdbx_solvent_shrinkage_radii             0.800 
_refine.pdbx_real_space_R                        ? 
_refine.pdbx_density_correlation                 ? 
_refine.pdbx_pd_number_of_powder_patterns        ? 
_refine.pdbx_pd_number_of_points                 ? 
_refine.pdbx_pd_meas_number_of_points            ? 
_refine.pdbx_pd_proc_ls_prof_R_factor            ? 
_refine.pdbx_pd_proc_ls_prof_wR_factor           ? 
_refine.pdbx_pd_Marquardt_correlation_coeff      ? 
_refine.pdbx_pd_Fsqrd_R_factor                   ? 
_refine.pdbx_pd_ls_matrix_band_width             ? 
_refine.pdbx_overall_phase_error                 ? 
_refine.pdbx_overall_SU_R_free_Cruickshank_DPI   ? 
_refine.pdbx_overall_SU_R_free_Blow_DPI          ? 
_refine.pdbx_overall_SU_R_Blow_DPI               ? 
_refine.pdbx_TLS_residual_ADP_flag               ? 
_refine.pdbx_diffrn_id                           1 
_refine.overall_SU_B                             5.681 
_refine.overall_SU_ML                            0.128 
_refine.overall_SU_R_Cruickshank_DPI             ? 
_refine.overall_SU_R_free                        ? 
_refine.overall_FOM_free_R_set                   ? 
_refine.overall_FOM_work_R_set                   ? 
_refine.pdbx_average_fsc_overall                 ? 
_refine.pdbx_average_fsc_work                    ? 
_refine.pdbx_average_fsc_free                    ? 
# 
_refine_hist.pdbx_refine_id                   'X-RAY DIFFRACTION' 
_refine_hist.cycle_id                         LAST 
_refine_hist.pdbx_number_atoms_protein        1488 
_refine_hist.pdbx_number_atoms_nucleic_acid   0 
_refine_hist.pdbx_number_atoms_ligand         7 
_refine_hist.number_atoms_solvent             34 
_refine_hist.number_atoms_total               1529 
_refine_hist.d_res_high                       2.450 
_refine_hist.d_res_low                        39.91 
# 
loop_
_refine_ls_restr.pdbx_refine_id 
_refine_ls_restr.criterion 
_refine_ls_restr.dev_ideal 
_refine_ls_restr.dev_ideal_target 
_refine_ls_restr.number 
_refine_ls_restr.rejects 
_refine_ls_restr.type 
_refine_ls_restr.weight 
_refine_ls_restr.pdbx_restraint_function 
'X-RAY DIFFRACTION' ? 0.012  0.013  1528 ? r_bond_refined_d               ? ? 
'X-RAY DIFFRACTION' ? 0.001  0.017  1494 ? r_bond_other_d                 ? ? 
'X-RAY DIFFRACTION' ? 1.868  1.642  2067 ? r_angle_refined_deg            ? ? 
'X-RAY DIFFRACTION' ? 1.344  1.579  3468 ? r_angle_other_deg              ? ? 
'X-RAY DIFFRACTION' ? 7.524  5.000  185  ? r_dihedral_angle_1_deg         ? ? 
'X-RAY DIFFRACTION' ? 39.021 24.179 67   ? r_dihedral_angle_2_deg         ? ? 
'X-RAY DIFFRACTION' ? 21.027 15.000 282  ? r_dihedral_angle_3_deg         ? ? 
'X-RAY DIFFRACTION' ? 18.244 15.000 4    ? r_dihedral_angle_4_deg         ? ? 
'X-RAY DIFFRACTION' ? 0.105  0.200  199  ? r_chiral_restr                 ? ? 
'X-RAY DIFFRACTION' ? 0.010  0.020  1660 ? r_gen_planes_refined           ? ? 
'X-RAY DIFFRACTION' ? 0.001  0.020  308  ? r_gen_planes_other             ? ? 
'X-RAY DIFFRACTION' ? 0.204  0.200  295  ? r_nbd_refined                  ? ? 
'X-RAY DIFFRACTION' ? 0.181  0.200  1346 ? r_symmetry_nbd_other           ? ? 
'X-RAY DIFFRACTION' ? 0.173  0.200  732  ? r_nbtor_refined                ? ? 
'X-RAY DIFFRACTION' ? 0.085  0.200  776  ? r_symmetry_nbtor_other         ? ? 
'X-RAY DIFFRACTION' ? 0.164  0.200  35   ? r_xyhbond_nbd_refined          ? ? 
'X-RAY DIFFRACTION' ? 0.085  0.200  2    ? r_symmetry_nbd_refined         ? ? 
'X-RAY DIFFRACTION' ? 0.106  0.200  13   ? r_nbd_other                    ? ? 
'X-RAY DIFFRACTION' ? 0.012  0.200  1    ? r_symmetry_xyhbond_nbd_refined ? ? 
'X-RAY DIFFRACTION' ? 4.284  3.660  743  ? r_mcbond_it                    ? ? 
'X-RAY DIFFRACTION' ? 4.212  3.654  742  ? r_mcbond_other                 ? ? 
'X-RAY DIFFRACTION' ? 6.507  5.478  927  ? r_mcangle_it                   ? ? 
'X-RAY DIFFRACTION' ? 6.521  5.481  928  ? r_mcangle_other                ? ? 
'X-RAY DIFFRACTION' ? 4.990  4.328  785  ? r_scbond_it                    ? ? 
'X-RAY DIFFRACTION' ? 4.987  4.330  786  ? r_scbond_other                 ? ? 
'X-RAY DIFFRACTION' ? 7.727  6.230  1140 ? r_scangle_it                   ? ? 
'X-RAY DIFFRACTION' ? 7.724  6.232  1141 ? r_scangle_other                ? ? 
'X-RAY DIFFRACTION' ? 9.890  43.261 1635 ? r_lrange_it                    ? ? 
'X-RAY DIFFRACTION' ? 9.890  43.287 1635 ? r_lrange_other                 ? ? 
# 
loop_
_refine_ls_shell.pdbx_refine_id 
_refine_ls_shell.d_res_high 
_refine_ls_shell.d_res_low 
_refine_ls_shell.number_reflns_all 
_refine_ls_shell.number_reflns_obs 
_refine_ls_shell.number_reflns_R_free 
_refine_ls_shell.number_reflns_R_work 
_refine_ls_shell.percent_reflns_obs 
_refine_ls_shell.percent_reflns_R_free 
_refine_ls_shell.R_factor_all 
_refine_ls_shell.R_factor_obs 
_refine_ls_shell.R_factor_R_free 
_refine_ls_shell.R_factor_R_free_error 
_refine_ls_shell.R_factor_R_work 
_refine_ls_shell.redundancy_reflns_all 
_refine_ls_shell.redundancy_reflns_obs 
_refine_ls_shell.wR_factor_all 
_refine_ls_shell.wR_factor_obs 
_refine_ls_shell.wR_factor_R_free 
_refine_ls_shell.wR_factor_R_work 
_refine_ls_shell.pdbx_R_complete 
_refine_ls_shell.pdbx_total_number_of_bins_used 
_refine_ls_shell.pdbx_phase_error 
_refine_ls_shell.pdbx_fsc_work 
_refine_ls_shell.pdbx_fsc_free 
'X-RAY DIFFRACTION' 2.450  2.514  . . 52 1041 99.8174  . . . 0.296 . 0.265 . . . . . . . . . . . 
'X-RAY DIFFRACTION' 2.514  2.582  . . 47 1029 99.9072  . . . 0.266 . 0.257 . . . . . . . . . . . 
'X-RAY DIFFRACTION' 2.582  2.657  . . 55 961  100.0000 . . . 0.290 . 0.228 . . . . . . . . . . . 
'X-RAY DIFFRACTION' 2.657  2.739  . . 54 964  100.0000 . . . 0.246 . 0.225 . . . . . . . . . . . 
'X-RAY DIFFRACTION' 2.739  2.829  . . 31 928  100.0000 . . . 0.290 . 0.207 . . . . . . . . . . . 
'X-RAY DIFFRACTION' 2.829  2.928  . . 48 888  99.8933  . . . 0.281 . 0.199 . . . . . . . . . . . 
'X-RAY DIFFRACTION' 2.928  3.038  . . 54 856  99.8902  . . . 0.202 . 0.205 . . . . . . . . . . . 
'X-RAY DIFFRACTION' 3.038  3.162  . . 41 849  99.8878  . . . 0.269 . 0.216 . . . . . . . . . . . 
'X-RAY DIFFRACTION' 3.162  3.302  . . 47 786  100.0000 . . . 0.262 . 0.204 . . . . . . . . . . . 
'X-RAY DIFFRACTION' 3.302  3.463  . . 31 771  100.0000 . . . 0.262 . 0.211 . . . . . . . . . . . 
'X-RAY DIFFRACTION' 3.463  3.650  . . 48 719  99.8698  . . . 0.251 . 0.208 . . . . . . . . . . . 
'X-RAY DIFFRACTION' 3.650  3.871  . . 34 704  100.0000 . . . 0.285 . 0.205 . . . . . . . . . . . 
'X-RAY DIFFRACTION' 3.871  4.138  . . 34 659  100.0000 . . . 0.192 . 0.166 . . . . . . . . . . . 
'X-RAY DIFFRACTION' 4.138  4.468  . . 29 608  99.8433  . . . 0.187 . 0.152 . . . . . . . . . . . 
'X-RAY DIFFRACTION' 4.468  4.893  . . 28 571  100.0000 . . . 0.142 . 0.121 . . . . . . . . . . . 
'X-RAY DIFFRACTION' 4.893  5.468  . . 21 518  99.8148  . . . 0.230 . 0.163 . . . . . . . . . . . 
'X-RAY DIFFRACTION' 5.468  6.309  . . 19 472  100.0000 . . . 0.261 . 0.185 . . . . . . . . . . . 
'X-RAY DIFFRACTION' 6.309  7.714  . . 18 408  100.0000 . . . 0.195 . 0.155 . . . . . . . . . . . 
'X-RAY DIFFRACTION' 7.714  10.858 . . 21 309  100.0000 . . . 0.112 . 0.120 . . . . . . . . . . . 
'X-RAY DIFFRACTION' 10.858 39.91  . . 10 193  97.5962  . . . 0.416 . 0.266 . . . . . . . . . . . 
# 
_struct.entry_id                     7Y51 
_struct.title                        
'Acetylxylan esterase from Caldanaerobacter subterraneus subsp. tengcongensis TTE0866 delta100 mutant' 
_struct.pdbx_model_details           ? 
_struct.pdbx_formula_weight          ? 
_struct.pdbx_formula_weight_method   ? 
_struct.pdbx_model_type_details      ? 
_struct.pdbx_CASP_flag               N 
# 
_struct_keywords.entry_id        7Y51 
_struct_keywords.text            'Acetylxylan esterase, HYDROLASE' 
_struct_keywords.pdbx_keywords   HYDROLASE 
# 
loop_
_struct_asym.id 
_struct_asym.pdbx_blank_PDB_chainid_flag 
_struct_asym.pdbx_modified 
_struct_asym.entity_id 
_struct_asym.details 
A N N 1 ? 
B N N 2 ? 
C N N 3 ? 
D N N 4 ? 
# 
loop_
_struct_conf.conf_type_id 
_struct_conf.id 
_struct_conf.pdbx_PDB_helix_id 
_struct_conf.beg_label_comp_id 
_struct_conf.beg_label_asym_id 
_struct_conf.beg_label_seq_id 
_struct_conf.pdbx_beg_PDB_ins_code 
_struct_conf.end_label_comp_id 
_struct_conf.end_label_asym_id 
_struct_conf.end_label_seq_id 
_struct_conf.pdbx_end_PDB_ins_code 
_struct_conf.beg_auth_comp_id 
_struct_conf.beg_auth_asym_id 
_struct_conf.beg_auth_seq_id 
_struct_conf.end_auth_comp_id 
_struct_conf.end_auth_asym_id 
_struct_conf.end_auth_seq_id 
_struct_conf.pdbx_PDB_helix_class 
_struct_conf.details 
_struct_conf.pdbx_PDB_helix_length 
HELX_P HELX_P1 AA1 ILE A 30  ? MET A 42  ? ILE A 150 MET A 162 1 ? 13 
HELX_P HELX_P2 AA2 ILE A 51  ? HIS A 58  ? ILE A 171 HIS A 178 1 ? 8  
HELX_P HELX_P3 AA3 HIS A 58  ? ASN A 68  ? HIS A 178 ASN A 188 1 ? 11 
HELX_P HELX_P4 AA4 LYS A 86  ? GLY A 106 ? LYS A 206 GLY A 226 1 ? 21 
HELX_P HELX_P5 AA5 PRO A 114 ? ALA A 118 ? PRO A 234 ALA A 238 5 ? 5  
HELX_P HELX_P6 AA6 ASN A 120 ? LEU A 130 ? ASN A 240 LEU A 250 1 ? 11 
HELX_P HELX_P7 AA7 SER A 148 ? THR A 160 ? SER A 268 THR A 280 1 ? 13 
HELX_P HELX_P8 AA8 LYS A 172 ? GLU A 189 ? LYS A 292 GLU A 309 1 ? 18 
HELX_P HELX_P9 AA9 THR A 195 ? GLU A 201 ? THR A 315 GLU A 321 1 ? 7  
# 
_struct_conf_type.id          HELX_P 
_struct_conf_type.criteria    ? 
_struct_conf_type.reference   ? 
# 
loop_
_struct_conn.id 
_struct_conn.conn_type_id 
_struct_conn.pdbx_leaving_atom_flag 
_struct_conn.pdbx_PDB_id 
_struct_conn.ptnr1_label_asym_id 
_struct_conn.ptnr1_label_comp_id 
_struct_conn.ptnr1_label_seq_id 
_struct_conn.ptnr1_label_atom_id 
_struct_conn.pdbx_ptnr1_label_alt_id 
_struct_conn.pdbx_ptnr1_PDB_ins_code 
_struct_conn.pdbx_ptnr1_standard_comp_id 
_struct_conn.ptnr1_symmetry 
_struct_conn.ptnr2_label_asym_id 
_struct_conn.ptnr2_label_comp_id 
_struct_conn.ptnr2_label_seq_id 
_struct_conn.ptnr2_label_atom_id 
_struct_conn.pdbx_ptnr2_label_alt_id 
_struct_conn.pdbx_ptnr2_PDB_ins_code 
_struct_conn.ptnr1_auth_asym_id 
_struct_conn.ptnr1_auth_comp_id 
_struct_conn.ptnr1_auth_seq_id 
_struct_conn.ptnr2_auth_asym_id 
_struct_conn.ptnr2_auth_comp_id 
_struct_conn.ptnr2_auth_seq_id 
_struct_conn.ptnr2_symmetry 
_struct_conn.pdbx_ptnr3_label_atom_id 
_struct_conn.pdbx_ptnr3_label_seq_id 
_struct_conn.pdbx_ptnr3_label_comp_id 
_struct_conn.pdbx_ptnr3_label_asym_id 
_struct_conn.pdbx_ptnr3_label_alt_id 
_struct_conn.pdbx_ptnr3_PDB_ins_code 
_struct_conn.details 
_struct_conn.pdbx_dist_value 
_struct_conn.pdbx_value_order 
_struct_conn.pdbx_role 
metalc1 metalc ? ? A ASP 25 OD2 ? ? ? 1_555 C NI . NI ? ? A ASP 145 A NI 402 1_555 ? ? ? ? ? ? ? 2.089 ? ? 
metalc2 metalc ? ? A HIS 75 NE2 ? ? ? 1_555 C NI . NI ? ? A HIS 195 A NI 402 1_555 ? ? ? ? ? ? ? 2.126 ? ? 
metalc3 metalc ? ? A HIS 79 NE2 ? ? ? 1_555 C NI . NI ? ? A HIS 199 A NI 402 1_555 ? ? ? ? ? ? ? 2.210 ? ? 
# 
_struct_conn_type.id          metalc 
_struct_conn_type.criteria    ? 
_struct_conn_type.reference   ? 
# 
_struct_mon_prot_cis.pdbx_id                1 
_struct_mon_prot_cis.label_comp_id          GLY 
_struct_mon_prot_cis.label_seq_id           26 
_struct_mon_prot_cis.label_asym_id          A 
_struct_mon_prot_cis.label_alt_id           . 
_struct_mon_prot_cis.pdbx_PDB_ins_code      ? 
_struct_mon_prot_cis.auth_comp_id           GLY 
_struct_mon_prot_cis.auth_seq_id            146 
_struct_mon_prot_cis.auth_asym_id           A 
_struct_mon_prot_cis.pdbx_label_comp_id_2   PRO 
_struct_mon_prot_cis.pdbx_label_seq_id_2    27 
_struct_mon_prot_cis.pdbx_label_asym_id_2   A 
_struct_mon_prot_cis.pdbx_PDB_ins_code_2    ? 
_struct_mon_prot_cis.pdbx_auth_comp_id_2    PRO 
_struct_mon_prot_cis.pdbx_auth_seq_id_2     147 
_struct_mon_prot_cis.pdbx_auth_asym_id_2    A 
_struct_mon_prot_cis.pdbx_PDB_model_num     1 
_struct_mon_prot_cis.pdbx_omega_angle       -6.88 
# 
loop_
_struct_sheet.id 
_struct_sheet.type 
_struct_sheet.number_strands 
_struct_sheet.details 
AA1 ? 4 ? 
AA2 ? 4 ? 
AA3 ? 2 ? 
# 
loop_
_struct_sheet_order.sheet_id 
_struct_sheet_order.range_id_1 
_struct_sheet_order.range_id_2 
_struct_sheet_order.offset 
_struct_sheet_order.sense 
AA1 1 2 ? parallel 
AA1 2 3 ? parallel 
AA1 3 4 ? parallel 
AA2 1 2 ? parallel 
AA2 2 3 ? parallel 
AA2 3 4 ? parallel 
AA3 1 2 ? parallel 
# 
loop_
_struct_sheet_range.sheet_id 
_struct_sheet_range.id 
_struct_sheet_range.beg_label_comp_id 
_struct_sheet_range.beg_label_asym_id 
_struct_sheet_range.beg_label_seq_id 
_struct_sheet_range.pdbx_beg_PDB_ins_code 
_struct_sheet_range.end_label_comp_id 
_struct_sheet_range.end_label_asym_id 
_struct_sheet_range.end_label_seq_id 
_struct_sheet_range.pdbx_end_PDB_ins_code 
_struct_sheet_range.beg_auth_comp_id 
_struct_sheet_range.beg_auth_asym_id 
_struct_sheet_range.beg_auth_seq_id 
_struct_sheet_range.end_auth_comp_id 
_struct_sheet_range.end_auth_asym_id 
_struct_sheet_range.end_auth_seq_id 
AA1 1 GLU A 71  ? LEU A 74  ? GLU A 191 LEU A 194 
AA1 2 THR A 47  ? VAL A 50  ? THR A 167 VAL A 170 
AA1 3 GLU A 18  ? ASP A 24  ? GLU A 138 ASP A 144 
AA1 4 SER A 164 ? HIS A 169 ? SER A 284 HIS A 289 
AA2 1 GLU A 71  ? LEU A 74  ? GLU A 191 LEU A 194 
AA2 2 THR A 47  ? VAL A 50  ? THR A 167 VAL A 170 
AA2 3 GLU A 18  ? ASP A 24  ? GLU A 138 ASP A 144 
AA2 4 LYS A 192 ? PHE A 193 ? LYS A 312 PHE A 313 
AA3 1 LEU A 111 ? PHE A 112 ? LEU A 231 PHE A 232 
AA3 2 LYS A 133 ? VAL A 134 ? LYS A 253 VAL A 254 
# 
loop_
_pdbx_struct_sheet_hbond.sheet_id 
_pdbx_struct_sheet_hbond.range_id_1 
_pdbx_struct_sheet_hbond.range_id_2 
_pdbx_struct_sheet_hbond.range_1_label_atom_id 
_pdbx_struct_sheet_hbond.range_1_label_comp_id 
_pdbx_struct_sheet_hbond.range_1_label_asym_id 
_pdbx_struct_sheet_hbond.range_1_label_seq_id 
_pdbx_struct_sheet_hbond.range_1_PDB_ins_code 
_pdbx_struct_sheet_hbond.range_1_auth_atom_id 
_pdbx_struct_sheet_hbond.range_1_auth_comp_id 
_pdbx_struct_sheet_hbond.range_1_auth_asym_id 
_pdbx_struct_sheet_hbond.range_1_auth_seq_id 
_pdbx_struct_sheet_hbond.range_2_label_atom_id 
_pdbx_struct_sheet_hbond.range_2_label_comp_id 
_pdbx_struct_sheet_hbond.range_2_label_asym_id 
_pdbx_struct_sheet_hbond.range_2_label_seq_id 
_pdbx_struct_sheet_hbond.range_2_PDB_ins_code 
_pdbx_struct_sheet_hbond.range_2_auth_atom_id 
_pdbx_struct_sheet_hbond.range_2_auth_comp_id 
_pdbx_struct_sheet_hbond.range_2_auth_asym_id 
_pdbx_struct_sheet_hbond.range_2_auth_seq_id 
AA1 1 2 O GLU A 71  ? O GLU A 191 N PHE A 48  ? N PHE A 168 
AA1 2 3 O THR A 47  ? O THR A 167 N PHE A 23  ? N PHE A 143 
AA1 3 4 N ALA A 20  ? N ALA A 140 O ILE A 166 ? O ILE A 286 
AA2 1 2 O GLU A 71  ? O GLU A 191 N PHE A 48  ? N PHE A 168 
AA2 2 3 O THR A 47  ? O THR A 167 N PHE A 23  ? N PHE A 143 
AA2 3 4 N VAL A 19  ? N VAL A 139 O LYS A 192 ? O LYS A 312 
AA3 1 2 N PHE A 112 ? N PHE A 232 O LYS A 133 ? O LYS A 253 
# 
_atom_sites.entry_id                    7Y51 
_atom_sites.Cartn_transf_matrix[1][1]   ? 
_atom_sites.Cartn_transf_matrix[1][2]   ? 
_atom_sites.Cartn_transf_matrix[1][3]   ? 
_atom_sites.Cartn_transf_matrix[2][1]   ? 
_atom_sites.Cartn_transf_matrix[2][2]   ? 
_atom_sites.Cartn_transf_matrix[2][3]   ? 
_atom_sites.Cartn_transf_matrix[3][1]   ? 
_atom_sites.Cartn_transf_matrix[3][2]   ? 
_atom_sites.Cartn_transf_matrix[3][3]   ? 
_atom_sites.Cartn_transf_vector[1]      ? 
_atom_sites.Cartn_transf_vector[2]      ? 
_atom_sites.Cartn_transf_vector[3]      ? 
_atom_sites.fract_transf_matrix[1][1]   -0.00822092 
_atom_sites.fract_transf_matrix[1][2]   0.00321613 
_atom_sites.fract_transf_matrix[1][3]   0.01316417 
_atom_sites.fract_transf_matrix[2][1]   -0.00762670 
_atom_sites.fract_transf_matrix[2][2]   -0.00397144 
_atom_sites.fract_transf_matrix[2][3]   -0.00379255 
_atom_sites.fract_transf_matrix[3][1]   0.00228459 
_atom_sites.fract_transf_matrix[3][2]   -0.00749937 
_atom_sites.fract_transf_matrix[3][3]   0.00325887 
_atom_sites.fract_transf_vector[1]      0.098939 
_atom_sites.fract_transf_vector[2]      0.142579 
_atom_sites.fract_transf_vector[3]      0.153594 
_atom_sites.solution_primary            ? 
_atom_sites.solution_secondary          ? 
_atom_sites.solution_hydrogens          ? 
_atom_sites.special_details             ? 
# 
loop_
_atom_type.symbol 
_atom_type.pdbx_scat_Z 
_atom_type.pdbx_N_electrons 
_atom_type.scat_Cromer_Mann_a1 
_atom_type.scat_Cromer_Mann_b1 
_atom_type.scat_Cromer_Mann_a2 
_atom_type.scat_Cromer_Mann_b2 
_atom_type.scat_Cromer_Mann_a3 
_atom_type.scat_Cromer_Mann_b3 
_atom_type.scat_Cromer_Mann_a4 
_atom_type.scat_Cromer_Mann_b4 
_atom_type.scat_Cromer_Mann_c 
C  6  6  2.310  20.844 1.020 10.208 1.589 0.569  0.865 51.651 0.216   
H  1  1  0.493  10.511 0.323 26.126 0.140 3.142  0.041 57.800 0.003   
N  7  7  12.222 0.006  3.135 9.893  2.014 28.997 1.167 0.583  -11.538 
NI 28 28 12.843 3.878  7.295 0.257  4.446 12.176 2.381 66.342 1.059   
O  8  8  3.049  13.277 2.287 5.701  1.546 0.324  0.867 32.909 0.251   
S  16 16 6.905  1.468  5.203 22.215 1.438 0.254  1.586 56.172 1.056   
# 
loop_
_atom_site.group_PDB 
_atom_site.id 
_atom_site.type_symbol 
_atom_site.label_atom_id 
_atom_site.label_alt_id 
_atom_site.label_comp_id 
_atom_site.label_asym_id 
_atom_site.label_entity_id 
_atom_site.label_seq_id 
_atom_site.pdbx_PDB_ins_code 
_atom_site.Cartn_x 
_atom_site.Cartn_y 
_atom_site.Cartn_z 
_atom_site.occupancy 
_atom_site.B_iso_or_equiv 
_atom_site.pdbx_formal_charge 
_atom_site.auth_seq_id 
_atom_site.auth_comp_id 
_atom_site.auth_asym_id 
_atom_site.auth_atom_id 
_atom_site.pdbx_PDB_model_num 
_atom_site.calc_flag 
ATOM   1    N  N   . GLY A 1 16  ? 15.598  -0.680  -18.180 1.000 59.615  0 136 GLY A N   1 ? 
ATOM   2    C  CA  . GLY A 1 16  ? 14.788  -0.448  -16.950 1.000 55.766  0 136 GLY A CA  1 ? 
ATOM   3    C  C   . GLY A 1 16  ? 13.669  -1.471  -16.798 1.000 52.015  0 136 GLY A C   1 ? 
ATOM   4    O  O   . GLY A 1 16  ? 12.986  -1.750  -17.778 1.000 66.318  0 136 GLY A O   1 ? 
ATOM   5    N  N   . LYS A 1 17  ? 13.540  -2.047  -15.610 1.000 44.361  0 137 LYS A N   1 ? 
ATOM   6    C  CA  . LYS A 1 17  ? 12.429  -2.900  -15.127 1.000 37.740  0 137 LYS A CA  1 ? 
ATOM   7    C  C   . LYS A 1 17  ? 12.097  -2.429  -13.711 1.000 37.939  0 137 LYS A C   1 ? 
ATOM   8    O  O   . LYS A 1 17  ? 13.023  -2.378  -12.860 1.000 37.033  0 137 LYS A O   1 ? 
ATOM   9    C  CB  . LYS A 1 17  ? 12.825  -4.367  -15.030 1.000 41.292  0 137 LYS A CB  1 ? 
ATOM   10   C  CG  . LYS A 1 17  ? 12.751  -5.167  -16.318 1.000 45.842  0 137 LYS A CG  1 ? 
ATOM   11   C  CD  . LYS A 1 17  ? 12.965  -6.652  -16.089 1.000 51.115  0 137 LYS A CD  1 ? 
ATOM   12   C  CE  . LYS A 1 17  ? 14.361  -6.981  -15.574 1.000 58.917  0 137 LYS A CE  1 ? 
ATOM   13   N  NZ  . LYS A 1 17  ? 14.522  -8.440  -15.358 1.000 60.482  0 137 LYS A NZ  1 ? 
ATOM   14   N  N   . GLU A 1 18  ? 10.851  -2.046  -13.463 1.000 33.618  0 138 GLU A N   1 ? 
ATOM   15   C  CA  . GLU A 1 18  ? 10.436  -1.404  -12.195 1.000 28.685  0 138 GLU A CA  1 ? 
ATOM   16   C  C   . GLU A 1 18  ? 9.351   -2.261  -11.562 1.000 26.329  0 138 GLU A C   1 ? 
ATOM   17   O  O   . GLU A 1 18  ? 8.673   -3.050  -12.265 1.000 28.293  0 138 GLU A O   1 ? 
ATOM   18   C  CB  . GLU A 1 18  ? 10.061  0.053   -12.432 1.000 32.870  0 138 GLU A CB  1 ? 
ATOM   19   C  CG  . GLU A 1 18  ? 11.235  0.912   -12.822 1.000 39.597  0 138 GLU A CG  1 ? 
ATOM   20   C  CD  . GLU A 1 18  ? 11.158  1.454   -14.228 1.000 57.897  0 138 GLU A CD  1 ? 
ATOM   21   O  OE1 . GLU A 1 18  ? 10.271  2.306   -14.418 1.000 76.487  0 138 GLU A OE1 1 ? 
ATOM   22   O  OE2 . GLU A 1 18  ? 11.968  1.016   -15.132 1.000 66.261  0 138 GLU A OE2 1 ? 
ATOM   23   N  N   . VAL A 1 19  ? 9.274   -2.230  -10.240 1.000 26.915  0 139 VAL A N   1 ? 
ATOM   24   C  CA  . VAL A 1 19  ? 8.272   -3.016  -9.466  1.000 26.024  0 139 VAL A CA  1 ? 
ATOM   25   C  C   . VAL A 1 19  ? 7.843   -2.161  -8.295  1.000 25.492  0 139 VAL A C   1 ? 
ATOM   26   O  O   . VAL A 1 19  ? 8.685   -1.326  -7.826  1.000 29.303  0 139 VAL A O   1 ? 
ATOM   27   C  CB  . VAL A 1 19  ? 8.799   -4.388  -9.025  1.000 30.861  0 139 VAL A CB  1 ? 
ATOM   28   C  CG1 . VAL A 1 19  ? 10.091  -4.259  -8.250  1.000 32.089  0 139 VAL A CG1 1 ? 
ATOM   29   C  CG2 . VAL A 1 19  ? 7.767   -5.166  -8.225  1.000 31.711  0 139 VAL A CG2 1 ? 
ATOM   30   N  N   . ALA A 1 20  ? 6.553   -2.220  -7.950  1.000 24.193  0 140 ALA A N   1 ? 
ATOM   31   C  CA  . ALA A 1 20  ? 6.025   -1.442  -6.812  1.000 25.657  0 140 ALA A CA  1 ? 
ATOM   32   C  C   . ALA A 1 20  ? 5.556   -2.434  -5.739  1.000 28.237  0 140 ALA A C   1 ? 
ATOM   33   O  O   . ALA A 1 20  ? 4.624   -3.240  -5.986  1.000 24.738  0 140 ALA A O   1 ? 
ATOM   34   C  CB  . ALA A 1 20  ? 4.921   -0.531  -7.265  1.000 28.355  0 140 ALA A CB  1 ? 
ATOM   35   N  N   . LEU A 1 21  ? 6.246   -2.408  -4.606  1.000 30.308  0 141 LEU A N   1 ? 
ATOM   36   C  CA  . LEU A 1 21  ? 5.834   -3.151  -3.398  1.000 32.861  0 141 LEU A CA  1 ? 
ATOM   37   C  C   . LEU A 1 21  ? 4.751   -2.319  -2.726  1.000 25.690  0 141 LEU A C   1 ? 
ATOM   38   O  O   . LEU A 1 21  ? 5.047   -1.123  -2.457  1.000 20.036  0 141 LEU A O   1 ? 
ATOM   39   C  CB  . LEU A 1 21  ? 7.022   -3.257  -2.426  1.000 41.781  0 141 LEU A CB  1 ? 
ATOM   40   C  CG  . LEU A 1 21  ? 7.650   -4.629  -2.287  1.000 45.689  0 141 LEU A CG  1 ? 
ATOM   41   C  CD1 . LEU A 1 21  ? 8.944   -4.490  -1.527  1.000 46.298  0 141 LEU A CD1 1 ? 
ATOM   42   C  CD2 . LEU A 1 21  ? 6.683   -5.596  -1.617  1.000 47.646  0 141 LEU A CD2 1 ? 
ATOM   43   N  N   . THR A 1 22  ? 3.641   -2.943  -2.356  1.000 21.833  0 142 THR A N   1 ? 
ATOM   44   C  CA  . THR A 1 22  ? 2.567   -2.229  -1.623  1.000 23.869  0 142 THR A CA  1 ? 
ATOM   45   C  C   . THR A 1 22  ? 2.150   -3.002  -0.355  1.000 26.074  0 142 THR A C   1 ? 
ATOM   46   O  O   . THR A 1 22  ? 2.053   -4.271  -0.403  1.000 21.478  0 142 THR A O   1 ? 
ATOM   47   C  CB  . THR A 1 22  ? 1.418   -1.927  -2.587  1.000 20.207  0 142 THR A CB  1 ? 
ATOM   48   O  OG1 . THR A 1 22  ? 0.686   -3.128  -2.858  1.000 19.193  0 142 THR A OG1 1 ? 
ATOM   49   C  CG2 . THR A 1 22  ? 1.937   -1.332  -3.881  1.000 19.187  0 142 THR A CG2 1 ? 
ATOM   50   N  N   . PHE A 1 23  ? 1.807   -2.236  0.683   1.000 25.622  0 143 PHE A N   1 ? 
ATOM   51   C  CA  . PHE A 1 23  ? 1.309   -2.716  1.997   1.000 28.545  0 143 PHE A CA  1 ? 
ATOM   52   C  C   . PHE A 1 23  ? -0.071  -2.146  2.323   1.000 24.782  0 143 PHE A C   1 ? 
ATOM   53   O  O   . PHE A 1 23  ? -0.142  -0.947  2.532   1.000 28.041  0 143 PHE A O   1 ? 
ATOM   54   C  CB  . PHE A 1 23  ? 2.354   -2.320  3.041   1.000 29.701  0 143 PHE A CB  1 ? 
ATOM   55   C  CG  . PHE A 1 23  ? 3.667   -2.971  2.699   1.000 29.920  0 143 PHE A CG  1 ? 
ATOM   56   C  CD1 . PHE A 1 23  ? 3.752   -4.356  2.633   1.000 29.322  0 143 PHE A CD1 1 ? 
ATOM   57   C  CD2 . PHE A 1 23  ? 4.759   -2.219  2.319   1.000 32.121  0 143 PHE A CD2 1 ? 
ATOM   58   C  CE1 . PHE A 1 23  ? 4.921   -4.976  2.240   1.000 29.674  0 143 PHE A CE1 1 ? 
ATOM   59   C  CE2 . PHE A 1 23  ? 5.941   -2.843  1.944   1.000 31.068  0 143 PHE A CE2 1 ? 
ATOM   60   C  CZ  . PHE A 1 23  ? 6.016   -4.218  1.918   1.000 29.315  0 143 PHE A CZ  1 ? 
ATOM   61   N  N   . ASP A 1 24  ? -1.088  -3.002  2.411   1.000 23.369  0 144 ASP A N   1 ? 
ATOM   62   C  CA  . ASP A 1 24  ? -2.450  -2.609  2.839   1.000 27.496  0 144 ASP A CA  1 ? 
ATOM   63   C  C   . ASP A 1 24  ? -2.596  -2.755  4.369   1.000 31.580  0 144 ASP A C   1 ? 
ATOM   64   O  O   . ASP A 1 24  ? -1.903  -3.595  4.958   1.000 29.667  0 144 ASP A O   1 ? 
ATOM   65   C  CB  . ASP A 1 24  ? -3.540  -3.480  2.222   1.000 27.755  0 144 ASP A CB  1 ? 
ATOM   66   C  CG  . ASP A 1 24  ? -3.828  -3.223  0.764   1.000 29.918  0 144 ASP A CG  1 ? 
ATOM   67   O  OD1 . ASP A 1 24  ? -3.084  -2.401  0.197   1.000 27.769  0 144 ASP A OD1 1 ? 
ATOM   68   O  OD2 . ASP A 1 24  ? -4.837  -3.835  0.218   1.000 31.434  0 144 ASP A OD2 1 ? 
ATOM   69   N  N   . ASP A 1 25  ? -3.536  -1.985  4.932   1.000 29.558  0 145 ASP A N   1 ? 
ATOM   70   C  CA  . ASP A 1 25  ? -4.323  -2.231  6.168   1.000 29.624  0 145 ASP A CA  1 ? 
ATOM   71   C  C   . ASP A 1 25  ? -3.681  -1.538  7.363   1.000 27.375  0 145 ASP A C   1 ? 
ATOM   72   O  O   . ASP A 1 25  ? -4.261  -1.617  8.410   1.000 32.107  0 145 ASP A O   1 ? 
ATOM   73   C  CB  . ASP A 1 25  ? -4.572  -3.708  6.461   1.000 28.416  0 145 ASP A CB  1 ? 
ATOM   74   C  CG  . ASP A 1 25  ? -5.524  -4.376  5.508   1.000 31.449  0 145 ASP A CG  1 ? 
ATOM   75   O  OD1 . ASP A 1 25  ? -5.725  -5.623  5.660   1.000 30.063  0 145 ASP A OD1 1 ? 
ATOM   76   O  OD2 . ASP A 1 25  ? -6.065  -3.656  4.594   1.000 32.340  0 145 ASP A OD2 1 ? 
ATOM   77   N  N   . GLY A 1 26  ? -2.595  -0.819  7.176   1.000 27.020  0 146 GLY A N   1 ? 
ATOM   78   C  CA  . GLY A 1 26  ? -1.817  -0.210  8.262   1.000 28.826  0 146 GLY A CA  1 ? 
ATOM   79   C  C   . GLY A 1 26  ? -2.301  1.198   8.569   1.000 32.579  0 146 GLY A C   1 ? 
ATOM   80   O  O   . GLY A 1 26  ? -3.400  1.565   8.151   1.000 35.217  0 146 GLY A O   1 ? 
ATOM   81   N  N   . PRO A 1 27  ? -1.553  1.997   9.372   1.000 32.265  0 147 PRO A N   1 ? 
ATOM   82   C  CA  . PRO A 1 27  ? -0.367  1.523   10.082  1.000 31.899  0 147 PRO A CA  1 ? 
ATOM   83   C  C   . PRO A 1 27  ? -0.741  0.637   11.277  1.000 34.528  0 147 PRO A C   1 ? 
ATOM   84   O  O   . PRO A 1 27  ? -1.871  0.743   11.717  1.000 31.729  0 147 PRO A O   1 ? 
ATOM   85   C  CB  . PRO A 1 27  ? 0.299   2.821   10.568  1.000 32.031  0 147 PRO A CB  1 ? 
ATOM   86   C  CG  . PRO A 1 27  ? -0.863  3.771   10.782  1.000 33.622  0 147 PRO A CG  1 ? 
ATOM   87   C  CD  . PRO A 1 27  ? -1.891  3.385   9.731   1.000 33.472  0 147 PRO A CD  1 ? 
ATOM   88   N  N   . PHE A 1 28  ? 0.183   -0.233  11.721  1.000 40.352  0 148 PHE A N   1 ? 
ATOM   89   C  CA  . PHE A 1 28  ? 0.135   -1.017  12.994  1.000 41.737  0 148 PHE A CA  1 ? 
ATOM   90   C  C   . PHE A 1 28  ? 1.267   -0.592  13.939  1.000 46.187  0 148 PHE A C   1 ? 
ATOM   91   O  O   . PHE A 1 28  ? 2.383   -0.332  13.495  1.000 43.256  0 148 PHE A O   1 ? 
ATOM   92   C  CB  . PHE A 1 28  ? 0.210   -2.510  12.694  1.000 40.299  0 148 PHE A CB  1 ? 
ATOM   93   C  CG  . PHE A 1 28  ? -0.988  -3.025  11.947  1.000 45.453  0 148 PHE A CG  1 ? 
ATOM   94   C  CD1 . PHE A 1 28  ? -2.150  -3.368  12.624  1.000 50.383  0 148 PHE A CD1 1 ? 
ATOM   95   C  CD2 . PHE A 1 28  ? -0.971  -3.136  10.570  1.000 40.343  0 148 PHE A CD2 1 ? 
ATOM   96   C  CE1 . PHE A 1 28  ? -3.268  -3.818  11.941  1.000 49.343  0 148 PHE A CE1 1 ? 
ATOM   97   C  CE2 . PHE A 1 28  ? -2.076  -3.624  9.893   1.000 43.487  0 148 PHE A CE2 1 ? 
ATOM   98   C  CZ  . PHE A 1 28  ? -3.224  -3.951  10.572  1.000 46.375  0 148 PHE A CZ  1 ? 
ATOM   99   N  N   . PRO A 1 29  ? 1.064   -0.527  15.281  1.000 55.290  0 149 PRO A N   1 ? 
ATOM   100  C  CA  . PRO A 1 29  ? 2.195   -0.333  16.205  1.000 57.136  0 149 PRO A CA  1 ? 
ATOM   101  C  C   . PRO A 1 29  ? 3.152   -1.543  16.106  1.000 55.485  0 149 PRO A C   1 ? 
ATOM   102  O  O   . PRO A 1 29  ? 2.663   -2.690  15.805  1.000 42.624  0 149 PRO A O   1 ? 
ATOM   103  C  CB  . PRO A 1 29  ? 1.574   -0.214  17.608  1.000 57.948  0 149 PRO A CB  1 ? 
ATOM   104  C  CG  . PRO A 1 29  ? 0.065   -0.144  17.358  1.000 58.315  0 149 PRO A CG  1 ? 
ATOM   105  C  CD  . PRO A 1 29  ? -0.210  -0.733  15.985  1.000 51.781  0 149 PRO A CD  1 ? 
ATOM   106  N  N   . ILE A 1 30  ? 4.466   -1.287  16.263  1.000 50.232  0 150 ILE A N   1 ? 
ATOM   107  C  CA  . ILE A 1 30  ? 5.567   -2.302  16.125  1.000 55.585  0 150 ILE A CA  1 ? 
ATOM   108  C  C   . ILE A 1 30  ? 5.836   -2.545  14.622  1.000 45.962  0 150 ILE A C   1 ? 
ATOM   109  O  O   . ILE A 1 30  ? 6.836   -1.969  14.147  1.000 48.877  0 150 ILE A O   1 ? 
ATOM   110  C  CB  . ILE A 1 30  ? 5.277   -3.582  16.976  1.000 60.995  0 150 ILE A CB  1 ? 
ATOM   111  C  CG1 . ILE A 1 30  ? 5.690   -3.382  18.446  1.000 62.168  0 150 ILE A CG1 1 ? 
ATOM   112  C  CG2 . ILE A 1 30  ? 5.888   -4.868  16.405  1.000 54.711  0 150 ILE A CG2 1 ? 
ATOM   113  C  CD1 . ILE A 1 30  ? 4.624   -2.752  19.330  1.000 61.705  0 150 ILE A CD1 1 ? 
ATOM   114  N  N   . TYR A 1 31  ? 4.953   -3.249  13.889  1.000 41.399  0 151 TYR A N   1 ? 
ATOM   115  C  CA  . TYR A 1 31  ? 5.158   -3.736  12.491  1.000 42.672  0 151 TYR A CA  1 ? 
ATOM   116  C  C   . TYR A 1 31  ? 5.368   -2.619  11.443  1.000 42.511  0 151 TYR A C   1 ? 
ATOM   117  O  O   . TYR A 1 31  ? 6.187   -2.777  10.523  1.000 40.642  0 151 TYR A O   1 ? 
ATOM   118  C  CB  . TYR A 1 31  ? 4.003   -4.622  12.078  1.000 41.692  0 151 TYR A CB  1 ? 
ATOM   119  C  CG  . TYR A 1 31  ? 3.926   -5.907  12.850  1.000 53.779  0 151 TYR A CG  1 ? 
ATOM   120  C  CD1 . TYR A 1 31  ? 4.841   -6.933  12.639  1.000 60.232  0 151 TYR A CD1 1 ? 
ATOM   121  C  CD2 . TYR A 1 31  ? 2.918   -6.111  13.781  1.000 59.605  0 151 TYR A CD2 1 ? 
ATOM   122  C  CE1 . TYR A 1 31  ? 4.738   -8.132  13.328  1.000 72.013  0 151 TYR A CE1 1 ? 
ATOM   123  C  CE2 . TYR A 1 31  ? 2.787   -7.312  14.459  1.000 61.498  0 151 TYR A CE2 1 ? 
ATOM   124  C  CZ  . TYR A 1 31  ? 3.713   -8.317  14.245  1.000 72.893  0 151 TYR A CZ  1 ? 
ATOM   125  O  OH  . TYR A 1 31  ? 3.601   -9.482  14.942  1.000 77.876  0 151 TYR A OH  1 ? 
ATOM   126  N  N   . THR A 1 32  ? 4.694   -1.480  11.544  1.000 39.854  0 152 THR A N   1 ? 
ATOM   127  C  CA  . THR A 1 32  ? 4.935   -0.384  10.571  1.000 36.664  0 152 THR A CA  1 ? 
ATOM   128  C  C   . THR A 1 32  ? 6.409   -0.025  10.620  1.000 35.304  0 152 THR A C   1 ? 
ATOM   129  O  O   . THR A 1 32  ? 7.049   0.056   9.539   1.000 40.915  0 152 THR A O   1 ? 
ATOM   130  C  CB  . THR A 1 32  ? 4.049   0.845   10.798  1.000 32.739  0 152 THR A CB  1 ? 
ATOM   131  O  OG1 . THR A 1 32  ? 2.718   0.420   10.533  1.000 31.592  0 152 THR A OG1 1 ? 
ATOM   132  C  CG2 . THR A 1 32  ? 4.391   2.015   9.905   1.000 35.187  0 152 THR A CG2 1 ? 
ATOM   133  N  N   . GLU A 1 33  ? 6.920   0.206   11.821  1.000 49.358  0 153 GLU A N   1 ? 
ATOM   134  C  CA  . GLU A 1 33  ? 8.324   0.633   12.085  1.000 47.104  0 153 GLU A CA  1 ? 
ATOM   135  C  C   . GLU A 1 33  ? 9.240   -0.475  11.568  1.000 39.280  0 153 GLU A C   1 ? 
ATOM   136  O  O   . GLU A 1 33  ? 10.172  -0.172  10.869  1.000 38.834  0 153 GLU A O   1 ? 
ATOM   137  C  CB  . GLU A 1 33  ? 8.508   0.918   13.564  1.000 53.046  0 153 GLU A CB  1 ? 
ATOM   138  C  CG  . GLU A 1 33  ? 9.459   2.062   13.830  1.000 65.130  0 153 GLU A CG  1 ? 
ATOM   139  C  CD  . GLU A 1 33  ? 9.753   2.281   15.308  1.000 66.570  0 153 GLU A CD  1 ? 
ATOM   140  O  OE1 . GLU A 1 33  ? 9.049   1.658   16.158  1.000 61.152  0 153 GLU A OE1 1 ? 
ATOM   141  O  OE2 . GLU A 1 33  ? 10.656  3.100   15.605  1.000 58.589  0 153 GLU A OE2 1 ? 
ATOM   142  N  N   . LYS A 1 34  ? 8.883   -1.726  11.788  1.000 40.375  0 154 LYS A N   1 ? 
ATOM   143  C  CA  . LYS A 1 34  ? 9.708   -2.876  11.348  1.000 44.755  0 154 LYS A CA  1 ? 
ATOM   144  C  C   . LYS A 1 34  ? 9.842   -2.813  9.827   1.000 48.302  0 154 LYS A C   1 ? 
ATOM   145  O  O   . LYS A 1 34  ? 11.038  -2.601  9.347   1.000 43.217  0 154 LYS A O   1 ? 
ATOM   146  C  CB  . LYS A 1 34  ? 9.119   -4.203  11.837  1.000 48.334  0 154 LYS A CB  1 ? 
ATOM   147  C  CG  . LYS A 1 34  ? 9.225   -4.414  13.343  1.000 57.827  0 154 LYS A CG  1 ? 
ATOM   148  C  CD  . LYS A 1 34  ? 10.365  -5.330  13.745  1.000 64.851  0 154 LYS A CD  1 ? 
ATOM   149  C  CE  . LYS A 1 34  ? 10.794  -5.165  15.188  1.000 66.011  0 154 LYS A CE  1 ? 
ATOM   150  N  NZ  . LYS A 1 34  ? 11.031  -6.489  15.809  1.000 66.888  0 154 LYS A NZ  1 ? 
ATOM   151  N  N   . TYR A 1 35  ? 8.686   -2.894  9.116   1.000 45.664  0 155 TYR A N   1 ? 
ATOM   152  C  CA  . TYR A 1 35  ? 8.593   -2.863  7.627   1.000 35.928  0 155 TYR A CA  1 ? 
ATOM   153  C  C   . TYR A 1 35  ? 9.412   -1.682  7.088   1.000 32.510  0 155 TYR A C   1 ? 
ATOM   154  O  O   . TYR A 1 35  ? 10.183  -1.883  6.183   1.000 37.117  0 155 TYR A O   1 ? 
ATOM   155  C  CB  . TYR A 1 35  ? 7.157   -2.751  7.124   1.000 35.488  0 155 TYR A CB  1 ? 
ATOM   156  C  CG  . TYR A 1 35  ? 6.276   -3.980  7.134   1.000 32.882  0 155 TYR A CG  1 ? 
ATOM   157  C  CD1 . TYR A 1 35  ? 5.471   -4.263  6.049   1.000 34.575  0 155 TYR A CD1 1 ? 
ATOM   158  C  CD2 . TYR A 1 35  ? 6.139   -4.790  8.240   1.000 33.813  0 155 TYR A CD2 1 ? 
ATOM   159  C  CE1 . TYR A 1 35  ? 4.568   -5.316  6.043   1.000 33.592  0 155 TYR A CE1 1 ? 
ATOM   160  C  CE2 . TYR A 1 35  ? 5.246   -5.855  8.252   1.000 33.805  0 155 TYR A CE2 1 ? 
ATOM   161  C  CZ  . TYR A 1 35  ? 4.459   -6.128  7.152   1.000 34.502  0 155 TYR A CZ  1 ? 
ATOM   162  O  OH  . TYR A 1 35  ? 3.589   -7.191  7.144   1.000 39.508  0 155 TYR A OH  1 ? 
ATOM   163  N  N   . VAL A 1 36  ? 9.317   -0.499  7.682   1.000 30.294  0 156 VAL A N   1 ? 
ATOM   164  C  CA  . VAL A 1 36  ? 9.994   0.708   7.149   1.000 34.072  0 156 VAL A CA  1 ? 
ATOM   165  C  C   . VAL A 1 36  ? 11.521  0.593   7.320   1.000 42.735  0 156 VAL A C   1 ? 
ATOM   166  O  O   . VAL A 1 36  ? 12.270  1.096   6.423   1.000 43.599  0 156 VAL A O   1 ? 
ATOM   167  C  CB  . VAL A 1 36  ? 9.431   1.967   7.829   1.000 34.212  0 156 VAL A CB  1 ? 
ATOM   168  C  CG1 . VAL A 1 36  ? 10.200  3.226   7.482   1.000 35.033  0 156 VAL A CG1 1 ? 
ATOM   169  C  CG2 . VAL A 1 36  ? 7.971   2.173   7.493   1.000 38.798  0 156 VAL A CG2 1 ? 
ATOM   170  N  N   . ASP A 1 37  ? 11.987  0.065   8.460   1.000 46.956  0 157 ASP A N   1 ? 
ATOM   171  C  CA  . ASP A 1 37  ? 13.439  0.003   8.797   1.000 44.229  0 157 ASP A CA  1 ? 
ATOM   172  C  C   . ASP A 1 37  ? 14.071  -0.852  7.702   1.000 37.455  0 157 ASP A C   1 ? 
ATOM   173  O  O   . ASP A 1 37  ? 15.033  -0.389  7.081   1.000 37.809  0 157 ASP A O   1 ? 
ATOM   174  C  CB  . ASP A 1 37  ? 13.710  -0.573  10.197  1.000 43.896  0 157 ASP A CB  1 ? 
ATOM   175  C  CG  . ASP A 1 37  ? 13.300  0.300   11.376  1.000 48.128  0 157 ASP A CG  1 ? 
ATOM   176  O  OD1 . ASP A 1 37  ? 13.096  1.541   11.189  1.000 44.306  0 157 ASP A OD1 1 ? 
ATOM   177  O  OD2 . ASP A 1 37  ? 13.149  -0.283  12.484  1.000 55.689  0 157 ASP A OD2 1 ? 
ATOM   178  N  N   . ILE A 1 38  ? 13.476  -2.019  7.446   1.000 40.118  0 158 ILE A N   1 ? 
ATOM   179  C  CA  . ILE A 1 38  ? 13.915  -2.984  6.398   1.000 42.454  0 158 ILE A CA  1 ? 
ATOM   180  C  C   . ILE A 1 38  ? 14.050  -2.259  5.058   1.000 48.660  0 158 ILE A C   1 ? 
ATOM   181  O  O   . ILE A 1 38  ? 15.125  -2.365  4.431   1.000 46.578  0 158 ILE A O   1 ? 
ATOM   182  C  CB  . ILE A 1 38  ? 12.924  -4.135  6.270   1.000 47.310  0 158 ILE A CB  1 ? 
ATOM   183  C  CG1 . ILE A 1 38  ? 12.845  -4.943  7.568   1.000 49.287  0 158 ILE A CG1 1 ? 
ATOM   184  C  CG2 . ILE A 1 38  ? 13.283  -4.951  5.034   1.000 54.500  0 158 ILE A CG2 1 ? 
ATOM   185  C  CD1 . ILE A 1 38  ? 13.065  -6.438  7.419   1.000 54.381  0 158 ILE A CD1 1 ? 
ATOM   186  N  N   . LEU A 1 39  ? 13.011  -1.516  4.651   1.000 47.044  0 159 LEU A N   1 ? 
ATOM   187  C  CA  . LEU A 1 39  ? 12.999  -0.886  3.315   1.000 42.045  0 159 LEU A CA  1 ? 
ATOM   188  C  C   . LEU A 1 39  ? 14.094  0.183   3.308   1.000 42.047  0 159 LEU A C   1 ? 
ATOM   189  O  O   . LEU A 1 39  ? 14.854  0.205   2.316   1.000 37.431  0 159 LEU A O   1 ? 
ATOM   190  C  CB  . LEU A 1 39  ? 11.611  -0.315  2.952   1.000 44.877  0 159 LEU A CB  1 ? 
ATOM   191  C  CG  . LEU A 1 39  ? 10.409  -1.276  2.994   1.000 39.135  0 159 LEU A CG  1 ? 
ATOM   192  C  CD1 . LEU A 1 39  ? 9.123   -0.483  3.120   1.000 36.684  0 159 LEU A CD1 1 ? 
ATOM   193  C  CD2 . LEU A 1 39  ? 10.325  -2.178  1.772   1.000 40.314  0 159 LEU A CD2 1 ? 
ATOM   194  N  N   . LYS A 1 40  ? 14.203  1.020   4.352   1.000 47.639  0 160 LYS A N   1 ? 
ATOM   195  C  CA  . LYS A 1 40  ? 15.252  2.086   4.412   1.000 52.687  0 160 LYS A CA  1 ? 
ATOM   196  C  C   . LYS A 1 40  ? 16.654  1.461   4.350   1.000 51.589  0 160 LYS A C   1 ? 
ATOM   197  O  O   . LYS A 1 40  ? 17.532  2.004   3.602   1.000 46.950  0 160 LYS A O   1 ? 
ATOM   198  C  CB  . LYS A 1 40  ? 15.179  2.978   5.657   1.000 61.245  0 160 LYS A CB  1 ? 
ATOM   199  C  CG  . LYS A 1 40  ? 15.867  4.332   5.479   1.000 65.220  0 160 LYS A CG  1 ? 
ATOM   200  C  CD  . LYS A 1 40  ? 15.802  4.845   4.024   1.000 78.699  0 160 LYS A CD  1 ? 
ATOM   201  C  CE  . LYS A 1 40  ? 15.710  6.349   3.866   1.000 83.086  0 160 LYS A CE  1 ? 
ATOM   202  N  NZ  . LYS A 1 40  ? 16.675  7.034   4.752   1.000 89.344  0 160 LYS A NZ  1 ? 
ATOM   203  N  N   . SER A 1 41  ? 16.850  0.344   5.045   1.000 43.906  0 161 SER A N   1 ? 
ATOM   204  C  CA  . SER A 1 41  ? 18.185  -0.295  5.187   1.000 51.381  0 161 SER A CA  1 ? 
ATOM   205  C  C   . SER A 1 41  ? 18.635  -0.866  3.827   1.000 55.877  0 161 SER A C   1 ? 
ATOM   206  O  O   . SER A 1 41  ? 19.849  -0.801  3.488   1.000 54.513  0 161 SER A O   1 ? 
ATOM   207  C  CB  . SER A 1 41  ? 18.187  -1.315  6.303   1.000 43.611  0 161 SER A CB  1 ? 
ATOM   208  O  OG  . SER A 1 41  ? 17.497  -2.479  5.907   1.000 39.917  0 161 SER A OG  1 ? 
ATOM   209  N  N   . MET A 1 42  ? 17.697  -1.331  3.012   1.000 56.356  0 162 MET A N   1 ? 
ATOM   210  C  CA  . MET A 1 42  ? 18.012  -1.903  1.676   1.000 49.251  0 162 MET A CA  1 ? 
ATOM   211  C  C   . MET A 1 42  ? 17.822  -0.882  0.542   1.000 45.447  0 162 MET A C   1 ? 
ATOM   212  O  O   . MET A 1 42  ? 17.747  -1.325  -0.592  1.000 47.721  0 162 MET A O   1 ? 
ATOM   213  C  CB  . MET A 1 42  ? 17.134  -3.129  1.462   1.000 48.652  0 162 MET A CB  1 ? 
ATOM   214  C  CG  . MET A 1 42  ? 17.237  -4.056  2.637   1.000 52.057  0 162 MET A CG  1 ? 
ATOM   215  S  SD  . MET A 1 42  ? 16.674  -5.712  2.262   1.000 61.328  0 162 MET A SD  1 ? 
ATOM   216  C  CE  . MET A 1 42  ? 18.170  -6.419  1.567   1.000 63.436  0 162 MET A CE  1 ? 
ATOM   217  N  N   . ASP A 1 43  ? 17.782  0.429   0.829   1.000 49.073  0 163 ASP A N   1 ? 
ATOM   218  C  CA  . ASP A 1 43  ? 17.698  1.530   -0.176  1.000 49.340  0 163 ASP A CA  1 ? 
ATOM   219  C  C   . ASP A 1 43  ? 16.462  1.419   -1.106  1.000 47.479  0 163 ASP A C   1 ? 
ATOM   220  O  O   . ASP A 1 43  ? 16.536  1.843   -2.250  1.000 50.856  0 163 ASP A O   1 ? 
ATOM   221  C  CB  . ASP A 1 43  ? 19.009  1.561   -0.957  1.000 51.952  0 163 ASP A CB  1 ? 
ATOM   222  C  CG  . ASP A 1 43  ? 19.708  2.872   -0.709  1.000 63.389  0 163 ASP A CG  1 ? 
ATOM   223  O  OD1 . ASP A 1 43  ? 19.155  3.885   -1.177  1.000 67.311  0 163 ASP A OD1 1 ? 
ATOM   224  O  OD2 . ASP A 1 43  ? 20.732  2.876   0.036   1.000 65.147  0 163 ASP A OD2 1 ? 
ATOM   225  N  N   . VAL A 1 44  ? 15.323  0.976   -0.598  1.000 44.348  0 164 VAL A N   1 ? 
ATOM   226  C  CA  . VAL A 1 44  ? 14.141  0.519   -1.376  1.000 44.324  0 164 VAL A CA  1 ? 
ATOM   227  C  C   . VAL A 1 44  ? 12.866  1.184   -0.838  1.000 42.810  0 164 VAL A C   1 ? 
ATOM   228  O  O   . VAL A 1 44  ? 12.696  1.247   0.375   1.000 46.200  0 164 VAL A O   1 ? 
ATOM   229  C  CB  . VAL A 1 44  ? 14.102  -1.013  -1.286  1.000 44.197  0 164 VAL A CB  1 ? 
ATOM   230  C  CG1 . VAL A 1 44  ? 12.737  -1.563  -0.981  1.000 46.563  0 164 VAL A CG1 1 ? 
ATOM   231  C  CG2 . VAL A 1 44  ? 14.679  -1.637  -2.535  1.000 47.148  0 164 VAL A CG2 1 ? 
ATOM   232  N  N   . LYS A 1 45  ? 11.966  1.641   -1.712  1.000 42.303  0 165 LYS A N   1 ? 
ATOM   233  C  CA  . LYS A 1 45  ? 10.768  2.401   -1.274  1.000 35.169  0 165 LYS A CA  1 ? 
ATOM   234  C  C   . LYS A 1 45  ? 9.531   1.576   -1.612  1.000 33.507  0 165 LYS A C   1 ? 
ATOM   235  O  O   . LYS A 1 45  ? 9.633   0.606   -2.392  1.000 29.556  0 165 LYS A O   1 ? 
ATOM   236  C  CB  . LYS A 1 45  ? 10.794  3.829   -1.822  1.000 40.853  0 165 LYS A CB  1 ? 
ATOM   237  C  CG  . LYS A 1 45  ? 11.049  3.968   -3.317  1.000 47.316  0 165 LYS A CG  1 ? 
ATOM   238  C  CD  . LYS A 1 45  ? 11.814  5.222   -3.729  1.000 53.049  0 165 LYS A CD  1 ? 
ATOM   239  C  CE  . LYS A 1 45  ? 11.393  6.487   -3.007  1.000 63.325  0 165 LYS A CE  1 ? 
ATOM   240  N  NZ  . LYS A 1 45  ? 11.852  7.695   -3.736  1.000 70.178  0 165 LYS A NZ  1 ? 
ATOM   241  N  N   . ALA A 1 46  ? 8.414   1.892   -0.955  1.000 28.747  0 166 ALA A N   1 ? 
ATOM   242  C  CA  . ALA A 1 46  ? 7.140   1.170   -1.126  1.000 26.855  0 166 ALA A CA  1 ? 
ATOM   243  C  C   . ALA A 1 46  ? 5.938   2.096   -0.934  1.000 25.408  0 166 ALA A C   1 ? 
ATOM   244  O  O   . ALA A 1 46  ? 6.067   3.328   -0.626  1.000 26.333  0 166 ALA A O   1 ? 
ATOM   245  C  CB  . ALA A 1 46  ? 7.090   0.001   -0.193  1.000 30.569  0 166 ALA A CB  1 ? 
ATOM   246  N  N   . THR A 1 47  ? 4.767   1.554   -1.184  1.000 25.690  0 167 THR A N   1 ? 
ATOM   247  C  CA  . THR A 1 47  ? 3.525   2.346   -1.052  1.000 25.159  0 167 THR A CA  1 ? 
ATOM   248  C  C   . THR A 1 47  ? 2.708   1.685   0.032   1.000 22.773  0 167 THR A C   1 ? 
ATOM   249  O  O   . THR A 1 47  ? 2.491   0.436   -0.043  1.000 22.151  0 167 THR A O   1 ? 
ATOM   250  C  CB  . THR A 1 47  ? 2.792   2.519   -2.392  1.000 24.043  0 167 THR A CB  1 ? 
ATOM   251  O  OG1 . THR A 1 47  ? 3.708   3.019   -3.378  1.000 23.032  0 167 THR A OG1 1 ? 
ATOM   252  C  CG2 . THR A 1 47  ? 1.650   3.509   -2.235  1.000 25.238  0 167 THR A CG2 1 ? 
ATOM   253  N  N   . PHE A 1 48  ? 2.248   2.494   0.969   1.000 23.228  0 168 PHE A N   1 ? 
ATOM   254  C  CA  . PHE A 1 48  ? 1.426   2.006   2.114   1.000 26.406  0 168 PHE A CA  1 ? 
ATOM   255  C  C   . PHE A 1 48  ? 0.009   2.534   1.905   1.000 23.314  0 168 PHE A C   1 ? 
ATOM   256  O  O   . PHE A 1 48  ? -0.168  3.770   1.885   1.000 19.001  0 168 PHE A O   1 ? 
ATOM   257  C  CB  . PHE A 1 48  ? 2.017   2.516   3.437   1.000 27.241  0 168 PHE A CB  1 ? 
ATOM   258  C  CG  . PHE A 1 48  ? 3.335   1.876   3.790   1.000 33.002  0 168 PHE A CG  1 ? 
ATOM   259  C  CD1 . PHE A 1 48  ? 3.405   0.880   4.761   1.000 32.417  0 168 PHE A CD1 1 ? 
ATOM   260  C  CD2 . PHE A 1 48  ? 4.503   2.260   3.144   1.000 35.642  0 168 PHE A CD2 1 ? 
ATOM   261  C  CE1 . PHE A 1 48  ? 4.618   0.294   5.068   1.000 31.889  0 168 PHE A CE1 1 ? 
ATOM   262  C  CE2 . PHE A 1 48  ? 5.711   1.643   3.429   1.000 35.418  0 168 PHE A CE2 1 ? 
ATOM   263  C  CZ  . PHE A 1 48  ? 5.764   0.657   4.389   1.000 33.847  0 168 PHE A CZ  1 ? 
ATOM   264  N  N   . PHE A 1 49  ? -0.928  1.627   1.701   1.000 24.012  0 169 PHE A N   1 ? 
ATOM   265  C  CA  . PHE A 1 49  ? -2.370  1.928   1.564   1.000 26.212  0 169 PHE A CA  1 ? 
ATOM   266  C  C   . PHE A 1 49  ? -3.001  1.743   2.941   1.000 26.639  0 169 PHE A C   1 ? 
ATOM   267  O  O   . PHE A 1 49  ? -3.256  0.617   3.362   1.000 23.688  0 169 PHE A O   1 ? 
ATOM   268  C  CB  . PHE A 1 49  ? -3.038  1.018   0.530   1.000 23.321  0 169 PHE A CB  1 ? 
ATOM   269  C  CG  . PHE A 1 49  ? -2.661  1.370   -0.873  1.000 23.097  0 169 PHE A CG  1 ? 
ATOM   270  C  CD1 . PHE A 1 49  ? -1.682  0.655   -1.543  1.000 22.685  0 169 PHE A CD1 1 ? 
ATOM   271  C  CD2 . PHE A 1 49  ? -3.247  2.452   -1.509  1.000 23.673  0 169 PHE A CD2 1 ? 
ATOM   272  C  CE1 . PHE A 1 49  ? -1.343  0.965   -2.851  1.000 22.461  0 169 PHE A CE1 1 ? 
ATOM   273  C  CE2 . PHE A 1 49  ? -2.852  2.816   -2.789  1.000 21.893  0 169 PHE A CE2 1 ? 
ATOM   274  C  CZ  . PHE A 1 49  ? -1.889  2.075   -3.453  1.000 22.217  0 169 PHE A CZ  1 ? 
ATOM   275  N  N   . VAL A 1 50  ? -3.319  2.851   3.567   1.000 25.731  0 170 VAL A N   1 ? 
ATOM   276  C  CA  . VAL A 1 50  ? -3.480  2.972   5.036   1.000 28.156  0 170 VAL A CA  1 ? 
ATOM   277  C  C   . VAL A 1 50  ? -4.983  3.081   5.331   1.000 28.878  0 170 VAL A C   1 ? 
ATOM   278  O  O   . VAL A 1 50  ? -5.669  3.760   4.553   1.000 26.644  0 170 VAL A O   1 ? 
ATOM   279  C  CB  . VAL A 1 50  ? -2.632  4.209   5.348   1.000 29.791  0 170 VAL A CB  1 ? 
ATOM   280  C  CG1 . VAL A 1 50  ? -3.420  5.419   5.726   1.000 29.261  0 170 VAL A CG1 1 ? 
ATOM   281  C  CG2 . VAL A 1 50  ? -1.452  3.918   6.239   1.000 33.363  0 170 VAL A CG2 1 ? 
ATOM   282  N  N   . ILE A 1 51  ? -5.504  2.343   6.324   1.000 27.645  0 171 ILE A N   1 ? 
ATOM   283  C  CA  . ILE A 1 51  ? -6.914  2.453   6.785   1.000 25.705  0 171 ILE A CA  1 ? 
ATOM   284  C  C   . ILE A 1 51  ? -7.047  3.694   7.665   1.000 30.109  0 171 ILE A C   1 ? 
ATOM   285  O  O   . ILE A 1 51  ? -6.189  3.885   8.518   1.000 31.636  0 171 ILE A O   1 ? 
ATOM   286  C  CB  . ILE A 1 51  ? -7.324  1.186   7.522   1.000 27.759  0 171 ILE A CB  1 ? 
ATOM   287  C  CG1 . ILE A 1 51  ? -7.247  -0.013  6.576   1.000 30.668  0 171 ILE A CG1 1 ? 
ATOM   288  C  CG2 . ILE A 1 51  ? -8.704  1.332   8.156   1.000 26.277  0 171 ILE A CG2 1 ? 
ATOM   289  C  CD1 . ILE A 1 51  ? -7.625  -1.330  7.202   1.000 33.850  0 171 ILE A CD1 1 ? 
ATOM   290  N  N   . GLY A 1 52  ? -8.072  4.530   7.456   1.000 28.680  0 172 GLY A N   1 ? 
ATOM   291  C  CA  . GLY A 1 52  ? -8.194  5.834   8.154   1.000 28.272  0 172 GLY A CA  1 ? 
ATOM   292  C  C   . GLY A 1 52  ? -8.297  5.685   9.677   1.000 26.760  0 172 GLY A C   1 ? 
ATOM   293  O  O   . GLY A 1 52  ? -7.743  6.513   10.400  1.000 24.729  0 172 GLY A O   1 ? 
ATOM   294  N  N   . LYS A 1 53  ? -9.020  4.687   10.161  1.000 27.927  0 173 LYS A N   1 ? 
ATOM   295  C  CA  . LYS A 1 53  ? -9.227  4.476   11.608  1.000 30.019  0 173 LYS A CA  1 ? 
ATOM   296  C  C   . LYS A 1 53  ? -7.883  4.149   12.231  1.000 34.002  0 173 LYS A C   1 ? 
ATOM   297  O  O   . LYS A 1 53  ? -7.671  4.540   13.380  1.000 34.576  0 173 LYS A O   1 ? 
ATOM   298  C  CB  . LYS A 1 53  ? -10.164 3.314   11.905  1.000 29.830  0 173 LYS A CB  1 ? 
ATOM   299  C  CG  . LYS A 1 53  ? -11.610 3.716   11.779  1.000 36.454  0 173 LYS A CG  1 ? 
ATOM   300  C  CD  . LYS A 1 53  ? -12.612 2.601   12.001  1.000 37.940  0 173 LYS A CD  1 ? 
ATOM   301  C  CE  . LYS A 1 53  ? -14.001 3.213   12.115  1.000 39.183  0 173 LYS A CE  1 ? 
ATOM   302  N  NZ  . LYS A 1 53  ? -15.041 2.193   11.907  1.000 43.346  0 173 LYS A NZ  1 ? 
ATOM   303  N  N   . HIS A 1 54  ? -7.037  3.421   11.507  1.000 32.951  0 174 HIS A N   1 ? 
ATOM   304  C  CA  . HIS A 1 54  ? -5.700  3.045   12.023  1.000 30.754  0 174 HIS A CA  1 ? 
ATOM   305  C  C   . HIS A 1 54  ? -4.833  4.296   11.976  1.000 32.833  0 174 HIS A C   1 ? 
ATOM   306  O  O   . HIS A 1 54  ? -4.172  4.604   12.997  1.000 37.836  0 174 HIS A O   1 ? 
ATOM   307  C  CB  . HIS A 1 54  ? -5.096  1.866   11.264  1.000 28.954  0 174 HIS A CB  1 ? 
ATOM   308  C  CG  . HIS A 1 54  ? -5.863  0.603   11.401  1.000 24.638  0 174 HIS A CG  1 ? 
ATOM   309  N  ND1 . HIS A 1 54  ? -5.542  -0.510  10.669  1.000 27.723  0 174 HIS A ND1 1 ? 
ATOM   310  C  CD2 . HIS A 1 54  ? -6.971  0.286   12.118  1.000 29.237  0 174 HIS A CD2 1 ? 
ATOM   311  C  CE1 . HIS A 1 54  ? -6.404  -1.503  10.944  1.000 28.702  0 174 HIS A CE1 1 ? 
ATOM   312  N  NE2 . HIS A 1 54  ? -7.313  -1.023  11.841  1.000 28.239  0 174 HIS A NE2 1 ? 
ATOM   313  N  N   . ALA A 1 55  ? -4.913  5.049   10.886  1.000 30.534  0 175 ALA A N   1 ? 
ATOM   314  C  CA  . ALA A 1 55  ? -4.021  6.204   10.668  1.000 32.142  0 175 ALA A CA  1 ? 
ATOM   315  C  C   . ALA A 1 55  ? -4.283  7.284   11.718  1.000 33.524  0 175 ALA A C   1 ? 
ATOM   316  O  O   . ALA A 1 55  ? -3.341  8.029   12.058  1.000 32.909  0 175 ALA A O   1 ? 
ATOM   317  C  CB  . ALA A 1 55  ? -4.191  6.744   9.264   1.000 32.185  0 175 ALA A CB  1 ? 
ATOM   318  N  N   . GLU A 1 56  ? -5.525  7.467   12.155  1.000 36.608  0 176 GLU A N   1 ? 
ATOM   319  C  CA  . GLU A 1 56  ? -5.795  8.632   13.041  1.000 41.061  0 176 GLU A CA  1 ? 
ATOM   320  C  C   . GLU A 1 56  ? -5.367  8.282   14.476  1.000 41.595  0 176 GLU A C   1 ? 
ATOM   321  O  O   . GLU A 1 56  ? -5.067  9.227   15.237  1.000 39.501  0 176 GLU A O   1 ? 
ATOM   322  C  CB  . GLU A 1 56  ? -7.247  9.091   12.984  1.000 39.500  0 176 GLU A CB  1 ? 
ATOM   323  C  CG  . GLU A 1 56  ? -8.204  8.094   13.542  1.000 41.279  0 176 GLU A CG  1 ? 
ATOM   324  C  CD  . GLU A 1 56  ? -9.645  8.562   13.526  1.000 42.698  0 176 GLU A CD  1 ? 
ATOM   325  O  OE1 . GLU A 1 56  ? -9.880  9.769   13.330  1.000 42.736  0 176 GLU A OE1 1 ? 
ATOM   326  O  OE2 . GLU A 1 56  ? -10.518 7.689   13.707  1.000 36.059  0 176 GLU A OE2 1 ? 
ATOM   327  N  N   . LYS A 1 57  ? -5.336  6.993   14.816  1.000 37.402  0 177 LYS A N   1 ? 
ATOM   328  C  CA  . LYS A 1 57  ? -4.769  6.493   16.091  1.000 42.592  0 177 LYS A CA  1 ? 
ATOM   329  C  C   . LYS A 1 57  ? -3.247  6.666   16.108  1.000 42.689  0 177 LYS A C   1 ? 
ATOM   330  O  O   . LYS A 1 57  ? -2.725  6.785   17.191  1.000 45.344  0 177 LYS A O   1 ? 
ATOM   331  C  CB  . LYS A 1 57  ? -5.150  5.030   16.322  1.000 45.142  0 177 LYS A CB  1 ? 
ATOM   332  C  CG  . LYS A 1 57  ? -6.631  4.839   16.621  1.000 53.199  0 177 LYS A CG  1 ? 
ATOM   333  C  CD  . LYS A 1 57  ? -7.032  3.435   17.027  1.000 57.289  0 177 LYS A CD  1 ? 
ATOM   334  C  CE  . LYS A 1 57  ? -6.420  3.004   18.342  1.000 63.441  0 177 LYS A CE  1 ? 
ATOM   335  N  NZ  . LYS A 1 57  ? -6.408  1.526   18.452  1.000 70.170  0 177 LYS A NZ  1 ? 
ATOM   336  N  N   . HIS A 1 58  ? -2.553  6.682   14.963  1.000 42.358  0 178 HIS A N   1 ? 
ATOM   337  C  CA  . HIS A 1 58  ? -1.077  6.481   14.913  1.000 34.635  0 178 HIS A CA  1 ? 
ATOM   338  C  C   . HIS A 1 58  ? -0.448  7.472   13.952  1.000 32.445  0 178 HIS A C   1 ? 
ATOM   339  O  O   . HIS A 1 58  ? 0.344   7.107   13.113  1.000 28.179  0 178 HIS A O   1 ? 
ATOM   340  C  CB  . HIS A 1 58  ? -0.743  5.030   14.577  1.000 35.441  0 178 HIS A CB  1 ? 
ATOM   341  C  CG  . HIS A 1 58  ? -1.310  4.023   15.526  1.000 37.132  0 178 HIS A CG  1 ? 
ATOM   342  N  ND1 . HIS A 1 58  ? -1.092  4.087   16.903  1.000 43.811  0 178 HIS A ND1 1 ? 
ATOM   343  C  CD2 . HIS A 1 58  ? -2.059  2.911   15.314  1.000 39.535  0 178 HIS A CD2 1 ? 
ATOM   344  C  CE1 . HIS A 1 58  ? -1.698  3.065   17.491  1.000 43.575  0 178 HIS A CE1 1 ? 
ATOM   345  N  NE2 . HIS A 1 58  ? -2.321  2.335   16.543  1.000 41.675  0 178 HIS A NE2 1 ? 
ATOM   346  N  N   . PRO A 1 59  ? -0.706  8.782   14.100  1.000 32.352  0 179 PRO A N   1 ? 
ATOM   347  C  CA  . PRO A 1 59  ? -0.218  9.761   13.135  1.000 35.684  0 179 PRO A CA  1 ? 
ATOM   348  C  C   . PRO A 1 59  ? 1.312   9.795   12.985  1.000 41.345  0 179 PRO A C   1 ? 
ATOM   349  O  O   . PRO A 1 59  ? 1.795   10.136  11.915  1.000 43.975  0 179 PRO A O   1 ? 
ATOM   350  C  CB  . PRO A 1 59  ? -0.702  11.098  13.714  1.000 36.406  0 179 PRO A CB  1 ? 
ATOM   351  C  CG  . PRO A 1 59  ? -0.871  10.831  15.193  1.000 32.267  0 179 PRO A CG  1 ? 
ATOM   352  C  CD  . PRO A 1 59  ? -1.384  9.397   15.247  1.000 32.465  0 179 PRO A CD  1 ? 
ATOM   353  N  N   . GLU A 1 60  ? 2.041   9.497   14.065  1.000 46.884  0 180 GLU A N   1 ? 
ATOM   354  C  CA  . GLU A 1 60  ? 3.537   9.481   14.086  1.000 48.542  0 180 GLU A CA  1 ? 
ATOM   355  C  C   . GLU A 1 60  ? 4.034   8.319   13.190  1.000 38.107  0 180 GLU A C   1 ? 
ATOM   356  O  O   . GLU A 1 60  ? 5.061   8.490   12.528  1.000 36.875  0 180 GLU A O   1 ? 
ATOM   357  C  CB  . GLU A 1 60  ? 4.044   9.495   15.545  1.000 50.733  0 180 GLU A CB  1 ? 
ATOM   358  C  CG  . GLU A 1 60  ? 3.776   8.209   16.339  1.000 52.016  0 180 GLU A CG  1 ? 
ATOM   359  C  CD  . GLU A 1 60  ? 2.336   7.798   16.689  1.000 60.469  0 180 GLU A CD  1 ? 
ATOM   360  O  OE1 . GLU A 1 60  ? 2.102   6.554   16.817  1.000 52.045  0 180 GLU A OE1 1 ? 
ATOM   361  O  OE2 . GLU A 1 60  ? 1.437   8.700   16.861  1.000 54.441  0 180 GLU A OE2 1 ? 
ATOM   362  N  N   . LEU A 1 61  ? 3.315   7.204   13.098  1.000 29.823  0 181 LEU A N   1 ? 
ATOM   363  C  CA  . LEU A 1 61  ? 3.673   6.100   12.170  1.000 34.168  0 181 LEU A CA  1 ? 
ATOM   364  C  C   . LEU A 1 61  ? 3.503   6.515   10.683  1.000 39.844  0 181 LEU A C   1 ? 
ATOM   365  O  O   . LEU A 1 61  ? 4.252   5.982   9.830   1.000 36.468  0 181 LEU A O   1 ? 
ATOM   366  C  CB  . LEU A 1 61  ? 2.816   4.867   12.500  1.000 35.916  0 181 LEU A CB  1 ? 
ATOM   367  C  CG  . LEU A 1 61  ? 3.082   4.161   13.832  1.000 37.510  0 181 LEU A CG  1 ? 
ATOM   368  C  CD1 . LEU A 1 61  ? 2.295   2.866   13.920  1.000 36.814  0 181 LEU A CD1 1 ? 
ATOM   369  C  CD2 . LEU A 1 61  ? 4.563   3.854   14.008  1.000 42.666  0 181 LEU A CD2 1 ? 
ATOM   370  N  N   . LEU A 1 62  ? 2.579   7.425   10.344  1.000 39.035  0 182 LEU A N   1 ? 
ATOM   371  C  CA  . LEU A 1 62  ? 2.450   7.939   8.951   1.000 42.047  0 182 LEU A CA  1 ? 
ATOM   372  C  C   . LEU A 1 62  ? 3.648   8.830   8.644   1.000 40.148  0 182 LEU A C   1 ? 
ATOM   373  O  O   . LEU A 1 62  ? 4.173   8.716   7.519   1.000 42.256  0 182 LEU A O   1 ? 
ATOM   374  C  CB  . LEU A 1 62  ? 1.157   8.742   8.760   1.000 41.460  0 182 LEU A CB  1 ? 
ATOM   375  C  CG  . LEU A 1 62  ? -0.130  8.058   9.213   1.000 41.143  0 182 LEU A CG  1 ? 
ATOM   376  C  CD1 . LEU A 1 62  ? -1.285  9.056   9.265   1.000 45.156  0 182 LEU A CD1 1 ? 
ATOM   377  C  CD2 . LEU A 1 62  ? -0.470  6.893   8.316   1.000 36.636  0 182 LEU A CD2 1 ? 
ATOM   378  N  N   . LYS A 1 63  ? 3.989   9.742   9.565   1.000 44.202  0 183 LYS A N   1 ? 
ATOM   379  C  CA  . LYS A 1 63  ? 5.216   10.597  9.512   1.000 44.925  0 183 LYS A CA  1 ? 
ATOM   380  C  C   . LYS A 1 63  ? 6.430   9.693   9.260   1.000 41.778  0 183 LYS A C   1 ? 
ATOM   381  O  O   . LYS A 1 63  ? 7.301   10.027  8.432   1.000 42.812  0 183 LYS A O   1 ? 
ATOM   382  C  CB  . LYS A 1 63  ? 5.480   11.298  10.841  1.000 51.398  0 183 LYS A CB  1 ? 
ATOM   383  C  CG  . LYS A 1 63  ? 5.127   12.769  10.953  1.000 60.733  0 183 LYS A CG  1 ? 
ATOM   384  C  CD  . LYS A 1 63  ? 5.278   13.233  12.404  1.000 68.770  0 183 LYS A CD  1 ? 
ATOM   385  C  CE  . LYS A 1 63  ? 4.048   13.898  12.997  1.000 72.198  0 183 LYS A CE  1 ? 
ATOM   386  N  NZ  . LYS A 1 63  ? 4.120   15.376  12.884  1.000 81.231  0 183 LYS A NZ  1 ? 
ATOM   387  N  N   . TYR A 1 64  ? 6.470   8.560   9.941   1.000 36.262  0 184 TYR A N   1 ? 
ATOM   388  C  CA  . TYR A 1 64  ? 7.579   7.582   9.830   1.000 43.201  0 184 TYR A CA  1 ? 
ATOM   389  C  C   . TYR A 1 64  ? 7.642   6.996   8.408   1.000 40.051  0 184 TYR A C   1 ? 
ATOM   390  O  O   . TYR A 1 64  ? 8.766   6.893   7.866   1.000 34.421  0 184 TYR A O   1 ? 
ATOM   391  C  CB  . TYR A 1 64  ? 7.460   6.469   10.884  1.000 44.584  0 184 TYR A CB  1 ? 
ATOM   392  C  CG  . TYR A 1 64  ? 8.782   5.828   11.222  1.000 54.270  0 184 TYR A CG  1 ? 
ATOM   393  C  CD1 . TYR A 1 64  ? 9.847   6.598   11.697  1.000 55.112  0 184 TYR A CD1 1 ? 
ATOM   394  C  CD2 . TYR A 1 64  ? 8.982   4.467   11.034  1.000 56.453  0 184 TYR A CD2 1 ? 
ATOM   395  C  CE1 . TYR A 1 64  ? 11.072  6.028   11.994  1.000 54.266  0 184 TYR A CE1 1 ? 
ATOM   396  C  CE2 . TYR A 1 64  ? 10.202  3.884   11.330  1.000 62.045  0 184 TYR A CE2 1 ? 
ATOM   397  C  CZ  . TYR A 1 64  ? 11.240  4.666   11.817  1.000 54.627  0 184 TYR A CZ  1 ? 
ATOM   398  O  OH  . TYR A 1 64  ? 12.438  4.086   12.060  1.000 38.991  0 184 TYR A OH  1 ? 
ATOM   399  N  N   . ILE A 1 65  ? 6.495   6.577   7.843   1.000 39.189  0 185 ILE A N   1 ? 
ATOM   400  C  CA  . ILE A 1 65  ? 6.415   5.993   6.469   1.000 33.692  0 185 ILE A CA  1 ? 
ATOM   401  C  C   . ILE A 1 65  ? 6.996   6.993   5.464   1.000 30.030  0 185 ILE A C   1 ? 
ATOM   402  O  O   . ILE A 1 65  ? 7.775   6.606   4.614   1.000 33.071  0 185 ILE A O   1 ? 
ATOM   403  C  CB  . ILE A 1 65  ? 4.978   5.592   6.121   1.000 31.202  0 185 ILE A CB  1 ? 
ATOM   404  C  CG1 . ILE A 1 65  ? 4.580   4.348   6.901   1.000 30.306  0 185 ILE A CG1 1 ? 
ATOM   405  C  CG2 . ILE A 1 65  ? 4.848   5.361   4.630   1.000 32.547  0 185 ILE A CG2 1 ? 
ATOM   406  C  CD1 . ILE A 1 65  ? 3.098   4.079   6.967   1.000 31.435  0 185 ILE A CD1 1 ? 
ATOM   407  N  N   . VAL A 1 66  ? 6.690   8.258   5.624   1.000 28.889  0 186 VAL A N   1 ? 
ATOM   408  C  CA  . VAL A 1 66  ? 6.933   9.307   4.599   1.000 33.444  0 186 VAL A CA  1 ? 
ATOM   409  C  C   . VAL A 1 66  ? 8.324   9.933   4.721   1.000 37.275  0 186 VAL A C   1 ? 
ATOM   410  O  O   . VAL A 1 66  ? 8.886   10.292  3.665   1.000 38.041  0 186 VAL A O   1 ? 
ATOM   411  C  CB  . VAL A 1 66  ? 5.803   10.345  4.722   1.000 33.554  0 186 VAL A CB  1 ? 
ATOM   412  C  CG1 . VAL A 1 66  ? 6.176   11.682  4.131   1.000 37.841  0 186 VAL A CG1 1 ? 
ATOM   413  C  CG2 . VAL A 1 66  ? 4.530   9.803   4.075   1.000 35.292  0 186 VAL A CG2 1 ? 
ATOM   414  N  N   . GLU A 1 67  ? 8.825   10.147  5.943   1.000 46.050  0 187 GLU A N   1 ? 
ATOM   415  C  CA  . GLU A 1 67  ? 10.187  10.695  6.194   1.000 47.138  0 187 GLU A CA  1 ? 
ATOM   416  C  C   . GLU A 1 67  ? 11.194  9.703   5.619   1.000 37.937  0 187 GLU A C   1 ? 
ATOM   417  O  O   . GLU A 1 67  ? 12.183  10.148  5.097   1.000 35.773  0 187 GLU A O   1 ? 
ATOM   418  C  CB  . GLU A 1 67  ? 10.424  10.980  7.676   1.000 60.275  0 187 GLU A CB  1 ? 
ATOM   419  C  CG  . GLU A 1 67  ? 10.076  12.411  8.080   1.000 69.439  0 187 GLU A CG  1 ? 
ATOM   420  C  CD  . GLU A 1 67  ? 9.436   12.528  9.459   1.000 78.874  0 187 GLU A CD  1 ? 
ATOM   421  O  OE1 . GLU A 1 67  ? 8.433   13.271  9.585   1.000 86.912  0 187 GLU A OE1 1 ? 
ATOM   422  O  OE2 . GLU A 1 67  ? 9.918   11.847  10.403  1.000 74.537  0 187 GLU A OE2 1 ? 
ATOM   423  N  N   . ASN A 1 68  ? 10.856  8.421   5.550   1.000 38.174  0 188 ASN A N   1 ? 
ATOM   424  C  CA  . ASN A 1 68  ? 11.740  7.400   4.942   1.000 41.761  0 188 ASN A CA  1 ? 
ATOM   425  C  C   . ASN A 1 68  ? 11.489  7.227   3.432   1.000 41.600  0 188 ASN A C   1 ? 
ATOM   426  O  O   . ASN A 1 68  ? 11.956  6.206   2.899   1.000 52.799  0 188 ASN A O   1 ? 
ATOM   427  C  CB  . ASN A 1 68  ? 11.686  6.147   5.822   1.000 50.300  0 188 ASN A CB  1 ? 
ATOM   428  C  CG  . ASN A 1 68  ? 12.469  6.398   7.109   1.000 56.873  0 188 ASN A CG  1 ? 
ATOM   429  O  OD1 . ASN A 1 68  ? 13.657  6.759   7.057   1.000 51.406  0 188 ASN A OD1 1 ? 
ATOM   430  N  ND2 . ASN A 1 68  ? 11.815  6.285   8.259   1.000 51.564  0 188 ASN A ND2 1 ? 
ATOM   431  N  N   . GLY A 1 69  ? 10.875  8.215   2.751   1.000 40.731  0 189 GLY A N   1 ? 
ATOM   432  C  CA  . GLY A 1 69  ? 10.712  8.281   1.277   1.000 35.971  0 189 GLY A CA  1 ? 
ATOM   433  C  C   . GLY A 1 69  ? 9.577   7.409   0.722   1.000 33.952  0 189 GLY A C   1 ? 
ATOM   434  O  O   . GLY A 1 69  ? 9.494   7.275   -0.477  1.000 34.465  0 189 GLY A O   1 ? 
ATOM   435  N  N   . ASN A 1 70  ? 8.734   6.785   1.543   1.000 34.364  0 190 ASN A N   1 ? 
ATOM   436  C  CA  . ASN A 1 70  ? 7.642   5.919   1.016   1.000 35.368  0 190 ASN A CA  1 ? 
ATOM   437  C  C   . ASN A 1 70  ? 6.446   6.804   0.624   1.000 33.679  0 190 ASN A C   1 ? 
ATOM   438  O  O   . ASN A 1 70  ? 6.387   7.951   1.070   1.000 31.475  0 190 ASN A O   1 ? 
ATOM   439  C  CB  . ASN A 1 70  ? 7.282   4.784   1.975   1.000 32.324  0 190 ASN A CB  1 ? 
ATOM   440  C  CG  . ASN A 1 70  ? 8.515   4.041   2.477   1.000 33.257  0 190 ASN A CG  1 ? 
ATOM   441  O  OD1 . ASN A 1 70  ? 8.929   4.197   3.635   1.000 34.870  0 190 ASN A OD1 1 ? 
ATOM   442  N  ND2 . ASN A 1 70  ? 9.105   3.228   1.627   1.000 27.007  0 190 ASN A ND2 1 ? 
ATOM   443  N  N   . GLU A 1 71  ? 5.569   6.278   -0.236  1.000 31.125  0 191 GLU A N   1 ? 
ATOM   444  C  CA  . GLU A 1 71  ? 4.255   6.871   -0.598  1.000 29.381  0 191 GLU A CA  1 ? 
ATOM   445  C  C   . GLU A 1 71  ? 3.195   6.304   0.342   1.000 23.943  0 191 GLU A C   1 ? 
ATOM   446  O  O   . GLU A 1 71  ? 3.211   5.065   0.649   1.000 25.124  0 191 GLU A O   1 ? 
ATOM   447  C  CB  . GLU A 1 71  ? 3.881   6.588   -2.062  1.000 30.878  0 191 GLU A CB  1 ? 
ATOM   448  C  CG  . GLU A 1 71  ? 2.625   7.324   -2.527  1.000 30.950  0 191 GLU A CG  1 ? 
ATOM   449  C  CD  . GLU A 1 71  ? 2.333   7.312   -4.022  1.000 30.932  0 191 GLU A CD  1 ? 
ATOM   450  O  OE1 . GLU A 1 71  ? 2.920   6.454   -4.749  1.000 25.117  0 191 GLU A OE1 1 ? 
ATOM   451  O  OE2 . GLU A 1 71  ? 1.567   8.226   -4.469  1.000 29.292  0 191 GLU A OE2 1 ? 
ATOM   452  N  N   . ILE A 1 72  ? 2.308   7.185   0.766   1.000 22.313  0 192 ILE A N   1 ? 
ATOM   453  C  CA  . ILE A 1 72  ? 1.010   6.797   1.379   1.000 26.794  0 192 ILE A CA  1 ? 
ATOM   454  C  C   . ILE A 1 72  ? -0.164  7.001   0.404   1.000 22.937  0 192 ILE A C   1 ? 
ATOM   455  O  O   . ILE A 1 72  ? -0.285  8.085   -0.173  1.000 19.185  0 192 ILE A O   1 ? 
ATOM   456  C  CB  . ILE A 1 72  ? 0.748   7.523   2.699   1.000 27.342  0 192 ILE A CB  1 ? 
ATOM   457  C  CG1 . ILE A 1 72  ? 1.837   7.199   3.712   1.000 27.253  0 192 ILE A CG1 1 ? 
ATOM   458  C  CG2 . ILE A 1 72  ? -0.631  7.111   3.198   1.000 30.671  0 192 ILE A CG2 1 ? 
ATOM   459  C  CD1 . ILE A 1 72  ? 1.559   7.757   5.073   1.000 28.278  0 192 ILE A CD1 1 ? 
ATOM   460  N  N   . GLY A 1 73  ? -1.001  5.965   0.328   1.000 21.184  0 193 GLY A N   1 ? 
ATOM   461  C  CA  . GLY A 1 73  ? -2.288  5.908   -0.354  1.000 20.825  0 193 GLY A CA  1 ? 
ATOM   462  C  C   . GLY A 1 73  ? -3.380  5.699   0.658   1.000 22.152  0 193 GLY A C   1 ? 
ATOM   463  O  O   . GLY A 1 73  ? -3.056  5.405   1.804   1.000 21.913  0 193 GLY A O   1 ? 
ATOM   464  N  N   . LEU A 1 74  ? -4.629  5.870   0.226   1.000 22.293  0 194 LEU A N   1 ? 
ATOM   465  C  CA  . LEU A 1 74  ? -5.845  5.624   1.020   1.000 21.873  0 194 LEU A CA  1 ? 
ATOM   466  C  C   . LEU A 1 74  ? -6.248  4.165   0.871   1.000 20.082  0 194 LEU A C   1 ? 
ATOM   467  O  O   . LEU A 1 74  ? -6.239  3.687   -0.251  1.000 20.642  0 194 LEU A O   1 ? 
ATOM   468  C  CB  . LEU A 1 74  ? -6.951  6.504   0.444   1.000 25.683  0 194 LEU A CB  1 ? 
ATOM   469  C  CG  . LEU A 1 74  ? -7.057  7.902   1.010   1.000 28.370  0 194 LEU A CG  1 ? 
ATOM   470  C  CD1 . LEU A 1 74  ? -5.965  8.785   0.455   1.000 32.924  0 194 LEU A CD1 1 ? 
ATOM   471  C  CD2 . LEU A 1 74  ? -8.416  8.457   0.651   1.000 32.657  0 194 LEU A CD2 1 ? 
ATOM   472  N  N   . HIS A 1 75  ? -6.795  3.555   1.914   1.000 22.313  0 195 HIS A N   1 ? 
ATOM   473  C  CA  . HIS A 1 75  ? -7.474  2.236   1.841   1.000 21.417  0 195 HIS A CA  1 ? 
ATOM   474  C  C   . HIS A 1 75  ? -8.897  2.359   2.394   1.000 21.761  0 195 HIS A C   1 ? 
ATOM   475  O  O   . HIS A 1 75  ? -9.469  1.355   2.816   1.000 28.879  0 195 HIS A O   1 ? 
ATOM   476  C  CB  . HIS A 1 75  ? -6.577  1.265   2.595   1.000 22.756  0 195 HIS A CB  1 ? 
ATOM   477  C  CG  . HIS A 1 75  ? -6.878  -0.159  2.329   1.000 22.680  0 195 HIS A CG  1 ? 
ATOM   478  N  ND1 . HIS A 1 75  ? -7.351  -0.600  1.119   1.000 26.970  0 195 HIS A ND1 1 ? 
ATOM   479  C  CD2 . HIS A 1 75  ? -6.794  -1.230  3.124   1.000 24.623  0 195 HIS A CD2 1 ? 
ATOM   480  C  CE1 . HIS A 1 75  ? -7.539  -1.901  1.174   1.000 27.310  0 195 HIS A CE1 1 ? 
ATOM   481  N  NE2 . HIS A 1 75  ? -7.201  -2.313  2.405   1.000 24.649  0 195 HIS A NE2 1 ? 
ATOM   482  N  N   . SER A 1 76  ? -9.416  3.573   2.460   1.000 21.842  0 196 SER A N   1 ? 
ATOM   483  C  CA  . SER A 1 76  ? -10.716 3.969   3.071   1.000 24.649  0 196 SER A CA  1 ? 
ATOM   484  C  C   . SER A 1 76  ? -10.551 4.231   4.570   1.000 25.663  0 196 SER A C   1 ? 
ATOM   485  O  O   . SER A 1 76  ? -9.476  3.989   5.141   1.000 25.948  0 196 SER A O   1 ? 
ATOM   486  C  CB  . SER A 1 76  ? -11.825 2.962   2.839   1.000 26.955  0 196 SER A CB  1 ? 
ATOM   487  O  OG  . SER A 1 76  ? -11.784 1.886   3.780   1.000 27.229  0 196 SER A OG  1 ? 
ATOM   488  N  N   . TYR A 1 77  ? -11.604 4.759   5.173   1.000 29.218  0 197 TYR A N   1 ? 
ATOM   489  C  CA  . TYR A 1 77  ? -11.628 5.142   6.600   1.000 25.800  0 197 TYR A CA  1 ? 
ATOM   490  C  C   . TYR A 1 77  ? -11.959 3.911   7.439   1.000 27.099  0 197 TYR A C   1 ? 
ATOM   491  O  O   . TYR A 1 77  ? -11.228 3.680   8.405   1.000 28.685  0 197 TYR A O   1 ? 
ATOM   492  C  CB  . TYR A 1 77  ? -12.610 6.278   6.840   1.000 27.897  0 197 TYR A CB  1 ? 
ATOM   493  C  CG  . TYR A 1 77  ? -12.657 6.662   8.294   1.000 29.582  0 197 TYR A CG  1 ? 
ATOM   494  C  CD1 . TYR A 1 77  ? -11.576 7.298   8.883   1.000 27.660  0 197 TYR A CD1 1 ? 
ATOM   495  C  CD2 . TYR A 1 77  ? -13.722 6.288   9.099   1.000 29.254  0 197 TYR A CD2 1 ? 
ATOM   496  C  CE1 . TYR A 1 77  ? -11.582 7.639   10.217  1.000 28.380  0 197 TYR A CE1 1 ? 
ATOM   497  C  CE2 . TYR A 1 77  ? -13.734 6.602   10.442  1.000 27.742  0 197 TYR A CE2 1 ? 
ATOM   498  C  CZ  . TYR A 1 77  ? -12.652 7.257   11.000  1.000 29.261  0 197 TYR A CZ  1 ? 
ATOM   499  O  OH  . TYR A 1 77  ? -12.643 7.611   12.309  1.000 34.744  0 197 TYR A OH  1 ? 
ATOM   500  N  N   . SER A 1 78  ? -12.958 3.131   7.035   1.000 25.070  0 198 SER A N   1 ? 
ATOM   501  C  CA  . SER A 1 78  ? -13.638 2.074   7.843   1.000 27.497  0 198 SER A CA  1 ? 
ATOM   502  C  C   . SER A 1 78  ? -13.207 0.689   7.383   1.000 30.720  0 198 SER A C   1 ? 
ATOM   503  O  O   . SER A 1 78  ? -13.397 -0.256  8.174   1.000 32.147  0 198 SER A O   1 ? 
ATOM   504  C  CB  . SER A 1 78  ? -15.169 2.142   7.717   1.000 26.931  0 198 SER A CB  1 ? 
ATOM   505  O  OG  . SER A 1 78  ? -15.614 3.454   8.010   1.000 27.640  0 198 SER A OG  1 ? 
ATOM   506  N  N   . HIS A 1 79  ? -12.736 0.564   6.134   1.000 31.116  0 199 HIS A N   1 ? 
ATOM   507  C  CA  . HIS A 1 79  ? -12.274 -0.712  5.524   1.000 33.833  0 199 HIS A CA  1 ? 
ATOM   508  C  C   . HIS A 1 79  ? -13.465 -1.628  5.269   1.000 29.645  0 199 HIS A C   1 ? 
ATOM   509  O  O   . HIS A 1 79  ? -13.292 -2.810  5.420   1.000 34.444  0 199 HIS A O   1 ? 
ATOM   510  C  CB  . HIS A 1 79  ? -11.200 -1.410  6.392   1.000 35.871  0 199 HIS A CB  1 ? 
ATOM   511  C  CG  . HIS A 1 79  ? -10.442 -2.503  5.702   1.000 44.524  0 199 HIS A CG  1 ? 
ATOM   512  N  ND1 . HIS A 1 79  ? -10.413 -3.795  6.171   1.000 47.292  0 199 HIS A ND1 1 ? 
ATOM   513  C  CD2 . HIS A 1 79  ? -9.662  -2.498  4.597   1.000 45.381  0 199 HIS A CD2 1 ? 
ATOM   514  C  CE1 . HIS A 1 79  ? -9.683  -4.540  5.371   1.000 52.113  0 199 HIS A CE1 1 ? 
ATOM   515  N  NE2 . HIS A 1 79  ? -9.219  -3.774  4.398   1.000 49.149  0 199 HIS A NE2 1 ? 
ATOM   516  N  N   . PHE A 1 80  ? -14.606 -1.085  4.877   1.000 29.816  0 200 PHE A N   1 ? 
ATOM   517  C  CA  . PHE A 1 80  ? -15.810 -1.858  4.493   1.000 33.861  0 200 PHE A CA  1 ? 
ATOM   518  C  C   . PHE A 1 80  ? -15.884 -1.872  2.973   1.000 30.172  0 200 PHE A C   1 ? 
ATOM   519  O  O   . PHE A 1 80  ? -15.388 -0.951  2.347   1.000 26.864  0 200 PHE A O   1 ? 
ATOM   520  C  CB  . PHE A 1 80  ? -17.071 -1.285  5.159   1.000 42.770  0 200 PHE A CB  1 ? 
ATOM   521  C  CG  . PHE A 1 80  ? -17.145 -1.588  6.644   1.000 54.374  0 200 PHE A CG  1 ? 
ATOM   522  C  CD1 . PHE A 1 80  ? -17.594 -0.628  7.552   1.000 54.398  0 200 PHE A CD1 1 ? 
ATOM   523  C  CD2 . PHE A 1 80  ? -16.732 -2.840  7.143   1.000 58.769  0 200 PHE A CD2 1 ? 
ATOM   524  C  CE1 . PHE A 1 80  ? -17.611 -0.912  8.919   1.000 57.949  0 200 PHE A CE1 1 ? 
ATOM   525  C  CE2 . PHE A 1 80  ? -16.755 -3.120  8.506   1.000 56.416  0 200 PHE A CE2 1 ? 
ATOM   526  C  CZ  . PHE A 1 80  ? -17.190 -2.150  9.393   1.000 58.312  0 200 PHE A CZ  1 ? 
ATOM   527  N  N   . ASN A 1 81  ? -16.462 -2.926  2.412   1.000 25.573  0 201 ASN A N   1 ? 
ATOM   528  C  CA  . ASN A 1 81  ? -16.748 -3.018  0.974   1.000 26.141  0 201 ASN A CA  1 ? 
ATOM   529  C  C   . ASN A 1 81  ? -17.473 -1.739  0.533   1.000 24.871  0 201 ASN A C   1 ? 
ATOM   530  O  O   . ASN A 1 81  ? -18.565 -1.498  1.035   1.000 28.348  0 201 ASN A O   1 ? 
ATOM   531  C  CB  . ASN A 1 81  ? -17.562 -4.276  0.673   1.000 25.617  0 201 ASN A CB  1 ? 
ATOM   532  C  CG  . ASN A 1 81  ? -17.621 -4.599  -0.815  1.000 26.049  0 201 ASN A CG  1 ? 
ATOM   533  O  OD1 . ASN A 1 81  ? -17.715 -3.681  -1.630  1.000 25.306  0 201 ASN A OD1 1 ? 
ATOM   534  N  ND2 . ASN A 1 81  ? -17.634 -5.882  -1.176  1.000 25.137  0 201 ASN A ND2 1 ? 
ATOM   535  N  N   . MET A 1 82  ? -16.964 -1.020  -0.460  1.000 21.475  0 202 MET A N   1 ? 
ATOM   536  C  CA  . MET A 1 82  ? -17.540 0.293   -0.830  1.000 20.346  0 202 MET A CA  1 ? 
ATOM   537  C  C   . MET A 1 82  ? -18.436 0.155   -2.061  1.000 20.258  0 202 MET A C   1 ? 
ATOM   538  O  O   . MET A 1 82  ? -19.095 1.103   -2.432  1.000 19.771  0 202 MET A O   1 ? 
ATOM   539  C  CB  . MET A 1 82  ? -16.422 1.295   -1.053  1.000 19.704  0 202 MET A CB  1 ? 
ATOM   540  C  CG  . MET A 1 82  ? -15.571 1.545   0.179   1.000 19.421  0 202 MET A CG  1 ? 
ATOM   541  S  SD  . MET A 1 82  ? -14.320 2.865   -0.045  1.000 21.136  0 202 MET A SD  1 ? 
ATOM   542  C  CE  . MET A 1 82  ? -15.373 4.318   -0.061  1.000 20.944  0 202 MET A CE  1 ? 
ATOM   543  N  N   . LYS A 1 83  ? -18.596 -1.054  -2.572  1.000 22.881  0 203 LYS A N   1 ? 
ATOM   544  C  CA  . LYS A 1 83  ? -19.308 -1.303  -3.849  1.000 27.384  0 203 LYS A CA  1 ? 
ATOM   545  C  C   . LYS A 1 83  ? -20.710 -0.696  -3.801  1.000 26.974  0 203 LYS A C   1 ? 
ATOM   546  O  O   . LYS A 1 83  ? -21.144 -0.157  -4.832  1.000 28.579  0 203 LYS A O   1 ? 
ATOM   547  C  CB  . LYS A 1 83  ? -19.388 -2.802  -4.113  1.000 30.953  0 203 LYS A CB  1 ? 
ATOM   548  C  CG  . LYS A 1 83  ? -19.962 -3.241  -5.461  1.000 31.728  0 203 LYS A CG  1 ? 
ATOM   549  C  CD  . LYS A 1 83  ? -19.140 -2.781  -6.628  1.000 26.578  0 203 LYS A CD  1 ? 
ATOM   550  C  CE  . LYS A 1 83  ? -19.505 -3.549  -7.878  1.000 27.031  0 203 LYS A CE  1 ? 
ATOM   551  N  NZ  . LYS A 1 83  ? -20.931 -3.396  -8.255  1.000 26.075  0 203 LYS A NZ  1 ? 
ATOM   552  N  N   . LYS A 1 84  ? -21.380 -0.769  -2.659  1.000 27.747  0 204 LYS A N   1 ? 
ATOM   553  C  CA  . LYS A 1 84  ? -22.824 -0.448  -2.554  1.000 32.366  0 204 LYS A CA  1 ? 
ATOM   554  C  C   . LYS A 1 84  ? -23.014 0.852   -1.788  1.000 26.751  0 204 LYS A C   1 ? 
ATOM   555  O  O   . LYS A 1 84  ? -24.123 1.093   -1.431  1.000 25.624  0 204 LYS A O   1 ? 
ATOM   556  C  CB  . LYS A 1 84  ? -23.629 -1.536  -1.831  1.000 35.010  0 204 LYS A CB  1 ? 
ATOM   557  C  CG  . LYS A 1 84  ? -23.685 -2.894  -2.517  1.000 45.167  0 204 LYS A CG  1 ? 
ATOM   558  C  CD  . LYS A 1 84  ? -24.784 -3.082  -3.563  1.000 54.628  0 204 LYS A CD  1 ? 
ATOM   559  C  CE  . LYS A 1 84  ? -24.905 -4.520  -4.040  1.000 54.221  0 204 LYS A CE  1 ? 
ATOM   560  N  NZ  . LYS A 1 84  ? -24.203 -4.703  -5.326  1.000 53.915  0 204 LYS A NZ  1 ? 
ATOM   561  N  N   . LEU A 1 85  ? -21.978 1.636   -1.480  1.000 27.420  0 205 LEU A N   1 ? 
ATOM   562  C  CA  . LEU A 1 85  ? -22.206 2.867   -0.657  1.000 25.208  0 205 LEU A CA  1 ? 
ATOM   563  C  C   . LEU A 1 85  ? -22.948 3.918   -1.496  1.000 22.633  0 205 LEU A C   1 ? 
ATOM   564  O  O   . LEU A 1 85  ? -22.690 4.008   -2.697  1.000 21.220  0 205 LEU A O   1 ? 
ATOM   565  C  CB  . LEU A 1 85  ? -20.873 3.410   -0.159  1.000 26.326  0 205 LEU A CB  1 ? 
ATOM   566  C  CG  . LEU A 1 85  ? -20.113 2.524   0.816   1.000 28.755  0 205 LEU A CG  1 ? 
ATOM   567  C  CD1 . LEU A 1 85  ? -18.886 3.262   1.292   1.000 27.492  0 205 LEU A CD1 1 ? 
ATOM   568  C  CD2 . LEU A 1 85  ? -20.974 2.073   1.993   1.000 27.948  0 205 LEU A CD2 1 ? 
ATOM   569  N  N   . LYS A 1 86  ? -23.773 4.752   -0.885  1.000 24.608  0 206 LYS A N   1 ? 
ATOM   570  C  CA  . LYS A 1 86  ? -24.226 5.993   -1.577  1.000 32.842  0 206 LYS A CA  1 ? 
ATOM   571  C  C   . LYS A 1 86  ? -22.996 6.870   -1.868  1.000 26.552  0 206 LYS A C   1 ? 
ATOM   572  O  O   . LYS A 1 86  ? -21.991 6.798   -1.164  1.000 20.884  0 206 LYS A O   1 ? 
ATOM   573  C  CB  . LYS A 1 86  ? -25.243 6.799   -0.752  1.000 43.794  0 206 LYS A CB  1 ? 
ATOM   574  C  CG  . LYS A 1 86  ? -26.327 6.035   0.005   1.000 50.421  0 206 LYS A CG  1 ? 
ATOM   575  C  CD  . LYS A 1 86  ? -26.302 6.399   1.499   1.000 65.267  0 206 LYS A CD  1 ? 
ATOM   576  C  CE  . LYS A 1 86  ? -27.520 5.950   2.279   1.000 72.675  0 206 LYS A CE  1 ? 
ATOM   577  N  NZ  . LYS A 1 86  ? -28.754 6.462   1.638   1.000 70.233  0 206 LYS A NZ  1 ? 
ATOM   578  N  N   . PRO A 1 87  ? -23.061 7.772   -2.868  1.000 23.056  0 207 PRO A N   1 ? 
ATOM   579  C  CA  . PRO A 1 87  ? -21.939 8.646   -3.214  1.000 22.169  0 207 PRO A CA  1 ? 
ATOM   580  C  C   . PRO A 1 87  ? -21.402 9.511   -2.053  1.000 21.655  0 207 PRO A C   1 ? 
ATOM   581  O  O   . PRO A 1 87  ? -20.196 9.630   -1.928  1.000 19.698  0 207 PRO A O   1 ? 
ATOM   582  C  CB  . PRO A 1 87  ? -22.548 9.558   -4.280  1.000 22.818  0 207 PRO A CB  1 ? 
ATOM   583  C  CG  . PRO A 1 87  ? -23.659 8.733   -4.883  1.000 22.927  0 207 PRO A CG  1 ? 
ATOM   584  C  CD  . PRO A 1 87  ? -24.250 8.042   -3.690  1.000 22.690  0 207 PRO A CD  1 ? 
ATOM   585  N  N   . GLU A 1 88  ? -22.283 10.093  -1.235  1.000 20.507  0 208 GLU A N   1 ? 
ATOM   586  C  CA  . GLU A 1 88  ? -21.889 10.965  -0.099  1.000 22.285  0 208 GLU A CA  1 ? 
ATOM   587  C  C   . GLU A 1 88  ? -21.128 10.110  0.915   1.000 21.852  0 208 GLU A C   1 ? 
ATOM   588  O  O   . GLU A 1 88  ? -20.248 10.634  1.609   1.000 26.092  0 208 GLU A O   1 ? 
ATOM   589  C  CB  . GLU A 1 88  ? -23.083 11.639  0.576   1.000 25.746  0 208 GLU A CB  1 ? 
ATOM   590  C  CG  . GLU A 1 88  ? -24.152 10.685  1.136   1.000 30.321  0 208 GLU A CG  1 ? 
ATOM   591  C  CD  . GLU A 1 88  ? -25.316 10.359  0.192   1.000 35.627  0 208 GLU A CD  1 ? 
ATOM   592  O  OE1 . GLU A 1 88  ? -25.140 10.363  -1.091  1.000 36.000  0 208 GLU A OE1 1 ? 
ATOM   593  O  OE2 . GLU A 1 88  ? -26.410 10.108  0.727   1.000 50.771  0 208 GLU A OE2 1 ? 
ATOM   594  N  N   . LYS A 1 89  ? -21.446 8.835   1.021   1.000 20.687  0 209 LYS A N   1 ? 
ATOM   595  C  CA  . LYS A 1 89  ? -20.749 7.961   1.988   1.000 23.899  0 209 LYS A CA  1 ? 
ATOM   596  C  C   . LYS A 1 89  ? -19.370 7.595   1.410   1.000 21.578  0 209 LYS A C   1 ? 
ATOM   597  O  O   . LYS A 1 89  ? -18.404 7.642   2.157   1.000 19.947  0 209 LYS A O   1 ? 
ATOM   598  C  CB  . LYS A 1 89  ? -21.697 6.816   2.321   1.000 30.566  0 209 LYS A CB  1 ? 
ATOM   599  C  CG  . LYS A 1 89  ? -21.240 5.920   3.425   1.000 40.347  0 209 LYS A CG  1 ? 
ATOM   600  C  CD  . LYS A 1 89  ? -21.172 6.598   4.777   1.000 50.994  0 209 LYS A CD  1 ? 
ATOM   601  C  CE  . LYS A 1 89  ? -20.082 5.940   5.608   1.000 58.518  0 209 LYS A CE  1 ? 
ATOM   602  N  NZ  . LYS A 1 89  ? -19.938 6.552   6.947   1.000 63.472  0 209 LYS A NZ  1 ? 
ATOM   603  N  N   . MET A 1 90  ? -19.242 7.405   0.095   1.000 20.570  0 210 MET A N   1 ? 
ATOM   604  C  CA  . MET A 1 90  ? -17.915 7.310   -0.576  1.000 21.983  0 210 MET A CA  1 ? 
ATOM   605  C  C   . MET A 1 90  ? -17.089 8.562   -0.276  1.000 23.118  0 210 MET A C   1 ? 
ATOM   606  O  O   . MET A 1 90  ? -15.898 8.426   0.051   1.000 21.268  0 210 MET A O   1 ? 
ATOM   607  C  CB  . MET A 1 90  ? -18.043 7.191   -2.092  1.000 20.792  0 210 MET A CB  1 ? 
ATOM   608  C  CG  . MET A 1 90  ? -18.744 5.923   -2.528  1.000 21.558  0 210 MET A CG  1 ? 
ATOM   609  S  SD  . MET A 1 90  ? -19.030 5.887   -4.302  1.000 21.262  0 210 MET A SD  1 ? 
ATOM   610  C  CE  . MET A 1 90  ? -19.563 4.178   -4.436  1.000 22.937  0 210 MET A CE  1 ? 
ATOM   611  N  N   . VAL A 1 91  ? -17.700 9.740   -0.385  1.000 23.823  0 211 VAL A N   1 ? 
ATOM   612  C  CA  . VAL A 1 91  ? -16.985 11.021  -0.159  1.000 23.484  0 211 VAL A CA  1 ? 
ATOM   613  C  C   . VAL A 1 91  ? -16.466 11.023  1.278   1.000 24.334  0 211 VAL A C   1 ? 
ATOM   614  O  O   . VAL A 1 91  ? -15.298 11.350  1.471   1.000 24.963  0 211 VAL A O   1 ? 
ATOM   615  C  CB  . VAL A 1 91  ? -17.859 12.243  -0.481  1.000 23.516  0 211 VAL A CB  1 ? 
ATOM   616  C  CG1 . VAL A 1 91  ? -17.124 13.554  -0.246  1.000 24.771  0 211 VAL A CG1 1 ? 
ATOM   617  C  CG2 . VAL A 1 91  ? -18.329 12.220  -1.920  1.000 25.810  0 211 VAL A CG2 1 ? 
ATOM   618  N  N   . GLU A 1 92  ? -17.302 10.670  2.250   1.000 24.328  0 212 GLU A N   1 ? 
ATOM   619  C  CA  . GLU A 1 92  ? -16.944 10.711  3.688   1.000 25.918  0 212 GLU A CA  1 ? 
ATOM   620  C  C   . GLU A 1 92  ? -15.746 9.783   3.927   1.000 25.396  0 212 GLU A C   1 ? 
ATOM   621  O  O   . GLU A 1 92  ? -14.766 10.186  4.542   1.000 26.261  0 212 GLU A O   1 ? 
ATOM   622  C  CB  . GLU A 1 92  ? -18.162 10.256  4.474   1.000 31.514  0 212 GLU A CB  1 ? 
ATOM   623  C  CG  . GLU A 1 92  ? -18.337 10.891  5.823   1.000 37.127  0 212 GLU A CG  1 ? 
ATOM   624  C  CD  . GLU A 1 92  ? -19.551 10.306  6.516   1.000 41.854  0 212 GLU A CD  1 ? 
ATOM   625  O  OE1 . GLU A 1 92  ? -20.664 10.287  5.924   1.000 51.228  0 212 GLU A OE1 1 ? 
ATOM   626  O  OE2 . GLU A 1 92  ? -19.378 9.840   7.621   1.000 51.718  0 212 GLU A OE2 1 ? 
ATOM   627  N  N   . GLU A 1 93  ? -15.847 8.542   3.485   1.000 23.205  0 213 GLU A N   1 ? 
ATOM   628  C  CA  . GLU A 1 93  ? -14.772 7.558   3.678   1.000 25.443  0 213 GLU A CA  1 ? 
ATOM   629  C  C   . GLU A 1 93  ? -13.474 8.108   3.079   1.000 24.711  0 213 GLU A C   1 ? 
ATOM   630  O  O   . GLU A 1 93  ? -12.457 7.969   3.731   1.000 27.862  0 213 GLU A O   1 ? 
ATOM   631  C  CB  . GLU A 1 93  ? -15.145 6.239   3.013   1.000 27.989  0 213 GLU A CB  1 ? 
ATOM   632  C  CG  . GLU A 1 93  ? -16.207 5.453   3.745   1.000 26.676  0 213 GLU A CG  1 ? 
ATOM   633  C  CD  . GLU A 1 93  ? -15.633 4.745   4.950   1.000 29.295  0 213 GLU A CD  1 ? 
ATOM   634  O  OE1 . GLU A 1 93  ? -14.636 3.933   4.800   1.000 29.892  0 213 GLU A OE1 1 ? 
ATOM   635  O  OE2 . GLU A 1 93  ? -16.196 4.989   6.031   1.000 34.761  0 213 GLU A OE2 1 ? 
ATOM   636  N  N   . LEU A 1 94  ? -13.486 8.677   1.876   1.000 21.309  0 214 LEU A N   1 ? 
ATOM   637  C  CA  . LEU A 1 94  ? -12.227 9.103   1.208   1.000 20.288  0 214 LEU A CA  1 ? 
ATOM   638  C  C   . LEU A 1 94  ? -11.750 10.438  1.749   1.000 20.646  0 214 LEU A C   1 ? 
ATOM   639  O  O   . LEU A 1 94  ? -10.594 10.521  2.162   1.000 21.510  0 214 LEU A O   1 ? 
ATOM   640  C  CB  . LEU A 1 94  ? -12.427 9.177   -0.287  1.000 19.833  0 214 LEU A CB  1 ? 
ATOM   641  C  CG  . LEU A 1 94  ? -12.861 7.859   -0.917  1.000 18.795  0 214 LEU A CG  1 ? 
ATOM   642  C  CD1 . LEU A 1 94  ? -13.006 8.021   -2.422  1.000 18.915  0 214 LEU A CD1 1 ? 
ATOM   643  C  CD2 . LEU A 1 94  ? -11.848 6.787   -0.605  1.000 20.479  0 214 LEU A CD2 1 ? 
ATOM   644  N  N   . TYR A 1 95  ? -12.627 11.409  1.910   1.000 21.166  0 215 TYR A N   1 ? 
ATOM   645  C  CA  . TYR A 1 95  ? -12.194 12.743  2.399   1.000 22.621  0 215 TYR A CA  1 ? 
ATOM   646  C  C   . TYR A 1 95  ? -11.655 12.660  3.835   1.000 22.332  0 215 TYR A C   1 ? 
ATOM   647  O  O   . TYR A 1 95  ? -10.692 13.300  4.110   1.000 23.550  0 215 TYR A O   1 ? 
ATOM   648  C  CB  . TYR A 1 95  ? -13.313 13.774  2.239   1.000 21.822  0 215 TYR A CB  1 ? 
ATOM   649  C  CG  . TYR A 1 95  ? -12.964 15.150  2.731   1.000 22.633  0 215 TYR A CG  1 ? 
ATOM   650  C  CD1 . TYR A 1 95  ? -13.397 15.592  3.970   1.000 24.606  0 215 TYR A CD1 1 ? 
ATOM   651  C  CD2 . TYR A 1 95  ? -12.184 16.003  1.971   1.000 27.672  0 215 TYR A CD2 1 ? 
ATOM   652  C  CE1 . TYR A 1 95  ? -13.052 16.849  4.436   1.000 25.673  0 215 TYR A CE1 1 ? 
ATOM   653  C  CE2 . TYR A 1 95  ? -11.824 17.267  2.428   1.000 28.719  0 215 TYR A CE2 1 ? 
ATOM   654  C  CZ  . TYR A 1 95  ? -12.259 17.684  3.666   1.000 26.407  0 215 TYR A CZ  1 ? 
ATOM   655  O  OH  . TYR A 1 95  ? -11.953 18.927  4.112   1.000 35.523  0 215 TYR A OH  1 ? 
ATOM   656  N  N   . LYS A 1 96  ? -12.285 11.950  4.747   1.000 23.144  0 216 LYS A N   1 ? 
ATOM   657  C  CA  . LYS A 1 96  ? -11.780 11.851  6.135   1.000 26.232  0 216 LYS A CA  1 ? 
ATOM   658  C  C   . LYS A 1 96  ? -10.331 11.344  6.102   1.000 24.844  0 216 LYS A C   1 ? 
ATOM   659  O  O   . LYS A 1 96  ? -9.489  11.946  6.780   1.000 26.275  0 216 LYS A O   1 ? 
ATOM   660  C  CB  . LYS A 1 96  ? -12.626 10.905  6.994   1.000 29.423  0 216 LYS A CB  1 ? 
ATOM   661  C  CG  . LYS A 1 96  ? -13.699 11.545  7.844   1.000 36.795  0 216 LYS A CG  1 ? 
ATOM   662  C  CD  . LYS A 1 96  ? -14.165 10.679  9.036   1.000 45.436  0 216 LYS A CD  1 ? 
ATOM   663  C  CE  . LYS A 1 96  ? -15.304 9.739   8.668   1.000 50.007  0 216 LYS A CE  1 ? 
ATOM   664  N  NZ  . LYS A 1 96  ? -16.118 9.309   9.841   1.000 55.559  0 216 LYS A NZ  1 ? 
ATOM   665  N  N   . THR A 1 97  ? -10.084 10.247  5.381   1.000 22.708  0 217 THR A N   1 ? 
ATOM   666  C  CA  . THR A 1 97  ? -8.776  9.577   5.273   1.000 21.945  0 217 THR A CA  1 ? 
ATOM   667  C  C   . THR A 1 97  ? -7.774  10.548  4.658   1.000 26.784  0 217 THR A C   1 ? 
ATOM   668  O  O   . THR A 1 97  ? -6.669  10.608  5.196   1.000 27.622  0 217 THR A O   1 ? 
ATOM   669  C  CB  . THR A 1 97  ? -8.903  8.250   4.535   1.000 22.979  0 217 THR A CB  1 ? 
ATOM   670  O  OG1 . THR A 1 97  ? -9.956  7.543   5.172   1.000 19.950  0 217 THR A OG1 1 ? 
ATOM   671  C  CG2 . THR A 1 97  ? -7.672  7.380   4.626   1.000 25.100  0 217 THR A CG2 1 ? 
ATOM   672  N  N   . GLN A 1 98  ? -8.114  11.257  3.580   1.000 26.472  0 218 GLN A N   1 ? 
ATOM   673  C  CA  . GLN A 1 98  ? -7.191  12.252  2.991   1.000 30.560  0 218 GLN A CA  1 ? 
ATOM   674  C  C   . GLN A 1 98  ? -6.785  13.265  4.072   1.000 31.192  0 218 GLN A C   1 ? 
ATOM   675  O  O   . GLN A 1 98  ? -5.664  13.776  4.035   1.000 31.540  0 218 GLN A O   1 ? 
ATOM   676  C  CB  . GLN A 1 98  ? -7.821  13.116  1.897   1.000 30.777  0 218 GLN A CB  1 ? 
ATOM   677  C  CG  . GLN A 1 98  ? -8.155  12.397  0.610   1.000 36.403  0 218 GLN A CG  1 ? 
ATOM   678  C  CD  . GLN A 1 98  ? -8.733  13.376  -0.395  1.000 44.581  0 218 GLN A CD  1 ? 
ATOM   679  O  OE1 . GLN A 1 98  ? -8.154  13.698  -1.445  1.000 39.975  0 218 GLN A OE1 1 ? 
ATOM   680  N  NE2 . GLN A 1 98  ? -9.895  13.904  -0.049  1.000 48.216  0 218 GLN A NE2 1 ? 
ATOM   681  N  N   . GLN A 1 99  ? -7.750  13.730  4.838   1.000 31.911  0 219 GLN A N   1 ? 
ATOM   682  C  CA  . GLN A 1 99  ? -7.525  14.787  5.847   1.000 32.481  0 219 GLN A CA  1 ? 
ATOM   683  C  C   . GLN A 1 99  ? -6.632  14.215  6.964   1.000 33.151  0 219 GLN A C   1 ? 
ATOM   684  O  O   . GLN A 1 99  ? -5.624  14.845  7.326   1.000 29.839  0 219 GLN A O   1 ? 
ATOM   685  C  CB  . GLN A 1 99  ? -8.859  15.275  6.390   1.000 31.776  0 219 GLN A CB  1 ? 
ATOM   686  C  CG  . GLN A 1 99  ? -9.585  16.130  5.371   1.000 36.933  0 219 GLN A CG  1 ? 
ATOM   687  C  CD  . GLN A 1 99  ? -8.685  17.206  4.825   1.000 36.716  0 219 GLN A CD  1 ? 
ATOM   688  O  OE1 . GLN A 1 99  ? -8.168  18.041  5.566   1.000 51.871  0 219 GLN A OE1 1 ? 
ATOM   689  N  NE2 . GLN A 1 99  ? -8.461  17.174  3.527   1.000 38.993  0 219 GLN A NE2 1 ? 
ATOM   690  N  N   . ILE A 1 100 ? -6.927  13.020  7.448   1.000 28.122  0 220 ILE A N   1 ? 
ATOM   691  C  CA  . ILE A 1 100 ? -6.078  12.424  8.503   1.000 29.532  0 220 ILE A CA  1 ? 
ATOM   692  C  C   . ILE A 1 100 ? -4.634  12.411  7.992   1.000 31.641  0 220 ILE A C   1 ? 
ATOM   693  O  O   . ILE A 1 100 ? -3.736  12.822  8.708   1.000 31.327  0 220 ILE A O   1 ? 
ATOM   694  C  CB  . ILE A 1 100 ? -6.604  11.037  8.851   1.000 25.882  0 220 ILE A CB  1 ? 
ATOM   695  C  CG1 . ILE A 1 100 ? -7.845  11.160  9.733   1.000 24.233  0 220 ILE A CG1 1 ? 
ATOM   696  C  CG2 . ILE A 1 100 ? -5.503  10.228  9.488   1.000 25.331  0 220 ILE A CG2 1 ? 
ATOM   697  C  CD1 . ILE A 1 100 ? -8.745  9.925   9.724   1.000 24.147  0 220 ILE A CD1 1 ? 
ATOM   698  N  N   . ILE A 1 101 ? -4.441  12.005  6.740   1.000 32.697  0 221 ILE A N   1 ? 
ATOM   699  C  CA  . ILE A 1 101 ? -3.084  11.765  6.200   1.000 29.977  0 221 ILE A CA  1 ? 
ATOM   700  C  C   . ILE A 1 101 ? -2.377  13.092  6.043   1.000 30.348  0 221 ILE A C   1 ? 
ATOM   701  O  O   . ILE A 1 101 ? -1.210  13.132  6.474   1.000 32.610  0 221 ILE A O   1 ? 
ATOM   702  C  CB  . ILE A 1 101 ? -3.117  10.952  4.911   1.000 26.617  0 221 ILE A CB  1 ? 
ATOM   703  C  CG1 . ILE A 1 101 ? -3.650  9.561   5.217   1.000 24.330  0 221 ILE A CG1 1 ? 
ATOM   704  C  CG2 . ILE A 1 101 ? -1.758  10.902  4.231   1.000 26.065  0 221 ILE A CG2 1 ? 
ATOM   705  C  CD1 . ILE A 1 101 ? -4.132  8.847   3.986   1.000 23.952  0 221 ILE A CD1 1 ? 
ATOM   706  N  N   . VAL A 1 102 ? -3.035  14.114  5.489   1.000 30.812  0 222 VAL A N   1 ? 
ATOM   707  C  CA  . VAL A 1 102 ? -2.356  15.412  5.193   1.000 33.286  0 222 VAL A CA  1 ? 
ATOM   708  C  C   . VAL A 1 102 ? -2.067  16.164  6.514   1.000 35.934  0 222 VAL A C   1 ? 
ATOM   709  O  O   . VAL A 1 102 ? -1.091  16.909  6.567   1.000 41.480  0 222 VAL A O   1 ? 
ATOM   710  C  CB  . VAL A 1 102 ? -3.147  16.244  4.167   1.000 37.736  0 222 VAL A CB  1 ? 
ATOM   711  C  CG1 . VAL A 1 102 ? -4.272  17.049  4.786   1.000 37.163  0 222 VAL A CG1 1 ? 
ATOM   712  C  CG2 . VAL A 1 102 ? -2.241  17.169  3.377   1.000 40.564  0 222 VAL A CG2 1 ? 
ATOM   713  N  N   . GLU A 1 103 ? -2.890  15.998  7.546   1.000 40.869  0 223 GLU A N   1 ? 
ATOM   714  C  CA  . GLU A 1 103 ? -2.707  16.630  8.879   1.000 44.006  0 223 GLU A CA  1 ? 
ATOM   715  C  C   . GLU A 1 103 ? -1.463  15.983  9.504   1.000 46.511  0 223 GLU A C   1 ? 
ATOM   716  O  O   . GLU A 1 103 ? -0.613  16.703  9.983   1.000 45.021  0 223 GLU A O   1 ? 
ATOM   717  C  CB  . GLU A 1 103 ? -3.953  16.501  9.770   1.000 42.724  0 223 GLU A CB  1 ? 
ATOM   718  C  CG  . GLU A 1 103 ? -4.639  17.827  10.043  1.000 57.943  0 223 GLU A CG  1 ? 
ATOM   719  C  CD  . GLU A 1 103 ? -5.984  18.111  9.381   1.000 74.317  0 223 GLU A CD  1 ? 
ATOM   720  O  OE1 . GLU A 1 103 ? -6.043  18.994  8.474   1.000 86.343  0 223 GLU A OE1 1 ? 
ATOM   721  O  OE2 . GLU A 1 103 ? -6.993  17.497  9.809   1.000 77.759  0 223 GLU A OE2 1 ? 
ATOM   722  N  N   . ALA A 1 104 ? -1.337  14.666  9.422   1.000 40.048  0 224 ALA A N   1 ? 
ATOM   723  C  CA  . ALA A 1 104 ? -0.202  13.907  9.980   1.000 36.114  0 224 ALA A CA  1 ? 
ATOM   724  C  C   . ALA A 1 104 ? 1.127   14.176  9.243   1.000 41.802  0 224 ALA A C   1 ? 
ATOM   725  O  O   . ALA A 1 104 ? 2.148   14.197  9.937   1.000 51.587  0 224 ALA A O   1 ? 
ATOM   726  C  CB  . ALA A 1 104 ? -0.536  12.455  9.962   1.000 32.870  0 224 ALA A CB  1 ? 
ATOM   727  N  N   . THR A 1 105 ? 1.172   14.359  7.914   1.000 39.727  0 225 THR A N   1 ? 
ATOM   728  C  CA  . THR A 1 105 ? 2.448   14.262  7.135   1.000 34.935  0 225 THR A CA  1 ? 
ATOM   729  C  C   . THR A 1 105 ? 2.745   15.526  6.318   1.000 33.356  0 225 THR A C   1 ? 
ATOM   730  O  O   . THR A 1 105 ? 3.859   15.609  5.748   1.000 30.538  0 225 THR A O   1 ? 
ATOM   731  C  CB  . THR A 1 105 ? 2.435   13.066  6.160   1.000 35.468  0 225 THR A CB  1 ? 
ATOM   732  O  OG1 . THR A 1 105 ? 1.583   13.384  5.057   1.000 36.512  0 225 THR A OG1 1 ? 
ATOM   733  C  CG2 . THR A 1 105 ? 1.960   11.772  6.783   1.000 37.580  0 225 THR A CG2 1 ? 
ATOM   734  N  N   . GLY A 1 106 ? 1.767   16.414  6.148   1.000 34.435  0 226 GLY A N   1 ? 
ATOM   735  C  CA  . GLY A 1 106 ? 1.806   17.507  5.163   1.000 32.900  0 226 GLY A CA  1 ? 
ATOM   736  C  C   . GLY A 1 106 ? 1.857   17.043  3.701   1.000 36.215  0 226 GLY A C   1 ? 
ATOM   737  O  O   . GLY A 1 106 ? 1.992   17.922  2.853   1.000 33.558  0 226 GLY A O   1 ? 
ATOM   738  N  N   . ILE A 1 107 ? 1.790   15.743  3.366   1.000 37.627  0 227 ILE A N   1 ? 
ATOM   739  C  CA  . ILE A 1 107 ? 1.841   15.280  1.930   1.000 44.164  0 227 ILE A CA  1 ? 
ATOM   740  C  C   . ILE A 1 107 ? 0.445   14.795  1.537   1.000 38.554  0 227 ILE A C   1 ? 
ATOM   741  O  O   . ILE A 1 107 ? -0.152  14.054  2.337   1.000 41.230  0 227 ILE A O   1 ? 
ATOM   742  C  CB  . ILE A 1 107 ? 2.895   14.175  1.682   1.000 50.168  0 227 ILE A CB  1 ? 
ATOM   743  C  CG1 . ILE A 1 107 ? 4.290   14.575  2.187   1.000 54.937  0 227 ILE A CG1 1 ? 
ATOM   744  C  CG2 . ILE A 1 107 ? 2.918   13.785  0.205   1.000 39.823  0 227 ILE A CG2 1 ? 
ATOM   745  C  CD1 . ILE A 1 107 ? 4.859   15.833  1.528   1.000 56.695  0 227 ILE A CD1 1 ? 
ATOM   746  N  N   . LYS A 1 108 ? -0.111  15.257  0.416   1.000 41.969  0 228 LYS A N   1 ? 
ATOM   747  C  CA  . LYS A 1 108 ? -1.515  14.877  0.077   1.000 38.825  0 228 LYS A CA  1 ? 
ATOM   748  C  C   . LYS A 1 108 ? -1.436  13.690  -0.857  1.000 35.751  0 228 LYS A C   1 ? 
ATOM   749  O  O   . LYS A 1 108 ? -0.730  13.721  -1.858  1.000 34.953  0 228 LYS A O   1 ? 
ATOM   750  C  CB  . LYS A 1 108 ? -2.426  16.025  -0.360  1.000 43.522  0 228 LYS A CB  1 ? 
ATOM   751  C  CG  . LYS A 1 108 ? -1.985  16.915  -1.499  1.000 57.807  0 228 LYS A CG  1 ? 
ATOM   752  C  CD  . LYS A 1 108 ? -2.862  18.162  -1.579  1.000 61.227  0 228 LYS A CD  1 ? 
ATOM   753  C  CE  . LYS A 1 108 ? -3.116  18.645  -2.992  1.000 66.646  0 228 LYS A CE  1 ? 
ATOM   754  N  NZ  . LYS A 1 108 ? -4.288  19.554  -3.022  1.000 72.668  0 228 LYS A NZ  1 ? 
ATOM   755  N  N   . PRO A 1 109 ? -2.055  12.566  -0.434  1.000 29.942  0 229 PRO A N   1 ? 
ATOM   756  C  CA  . PRO A 1 109 ? -2.023  11.317  -1.185  1.000 28.090  0 229 PRO A CA  1 ? 
ATOM   757  C  C   . PRO A 1 109 ? -2.745  11.453  -2.523  1.000 23.733  0 229 PRO A C   1 ? 
ATOM   758  O  O   . PRO A 1 109 ? -3.554  12.335  -2.654  1.000 26.288  0 229 PRO A O   1 ? 
ATOM   759  C  CB  . PRO A 1 109 ? -2.729  10.286  -0.297  1.000 30.168  0 229 PRO A CB  1 ? 
ATOM   760  C  CG  . PRO A 1 109 ? -3.497  11.098  0.710   1.000 32.105  0 229 PRO A CG  1 ? 
ATOM   761  C  CD  . PRO A 1 109 ? -2.855  12.472  0.783   1.000 28.573  0 229 PRO A CD  1 ? 
ATOM   762  N  N   . THR A 1 110 ? -2.358  10.661  -3.514  1.000 21.592  0 230 THR A N   1 ? 
ATOM   763  C  CA  . THR A 1 110 ? -2.963  10.737  -4.860  1.000 20.803  0 230 THR A CA  1 ? 
ATOM   764  C  C   . THR A 1 110 ? -3.573  9.390   -5.261  1.000 20.443  0 230 THR A C   1 ? 
ATOM   765  O  O   . THR A 1 110 ? -4.141  9.362   -6.358  1.000 22.760  0 230 THR A O   1 ? 
ATOM   766  C  CB  . THR A 1 110 ? -1.960  11.175  -5.925  1.000 20.981  0 230 THR A CB  1 ? 
ATOM   767  O  OG1 . THR A 1 110 ? -0.928  10.192  -5.956  1.000 21.787  0 230 THR A OG1 1 ? 
ATOM   768  C  CG2 . THR A 1 110 ? -1.372  12.548  -5.685  1.000 22.120  0 230 THR A CG2 1 ? 
ATOM   769  N  N   . LEU A 1 111 ? -3.446  8.339   -4.449  1.000 17.584  0 231 LEU A N   1 ? 
ATOM   770  C  CA  . LEU A 1 111 ? -3.874  6.978   -4.804  1.000 18.137  0 231 LEU A CA  1 ? 
ATOM   771  C  C   . LEU A 1 111 ? -4.831  6.456   -3.741  1.000 18.013  0 231 LEU A C   1 ? 
ATOM   772  O  O   . LEU A 1 111 ? -4.731  6.829   -2.545  1.000 16.547  0 231 LEU A O   1 ? 
ATOM   773  C  CB  . LEU A 1 111 ? -2.690  6.022   -4.879  1.000 22.960  0 231 LEU A CB  1 ? 
ATOM   774  C  CG  . LEU A 1 111 ? -1.472  6.443   -5.694  1.000 24.006  0 231 LEU A CG  1 ? 
ATOM   775  C  CD1 . LEU A 1 111 ? -0.448  5.356   -5.550  1.000 24.392  0 231 LEU A CD1 1 ? 
ATOM   776  C  CD2 . LEU A 1 111 ? -1.827  6.645   -7.164  1.000 23.622  0 231 LEU A CD2 1 ? 
ATOM   777  N  N   . PHE A 1 112 ? -5.686  5.552   -4.182  1.000 17.864  0 232 PHE A N   1 ? 
ATOM   778  C  CA  . PHE A 1 112 ? -6.718  4.897   -3.369  1.000 18.767  0 232 PHE A CA  1 ? 
ATOM   779  C  C   . PHE A 1 112 ? -6.883  3.468   -3.869  1.000 18.483  0 232 PHE A C   1 ? 
ATOM   780  O  O   . PHE A 1 112 ? -7.210  3.269   -5.069  1.000 15.015  0 232 PHE A O   1 ? 
ATOM   781  C  CB  . PHE A 1 112 ? -8.016  5.699   -3.468  1.000 19.603  0 232 PHE A CB  1 ? 
ATOM   782  C  CG  . PHE A 1 112 ? -9.247  4.951   -3.045  1.000 18.444  0 232 PHE A CG  1 ? 
ATOM   783  C  CD1 . PHE A 1 112 ? -9.295  4.308   -1.815  1.000 19.285  0 232 PHE A CD1 1 ? 
ATOM   784  C  CD2 . PHE A 1 112 ? -10.349 4.906   -3.872  1.000 18.213  0 232 PHE A CD2 1 ? 
ATOM   785  C  CE1 . PHE A 1 112 ? -10.439 3.627   -1.427  1.000 18.110  0 232 PHE A CE1 1 ? 
ATOM   786  C  CE2 . PHE A 1 112 ? -11.485 4.205   -3.503  1.000 18.212  0 232 PHE A CE2 1 ? 
ATOM   787  C  CZ  . PHE A 1 112 ? -11.527 3.573   -2.271  1.000 18.285  0 232 PHE A CZ  1 ? 
ATOM   788  N  N   . ARG A 1 113 ? -6.701  2.510   -2.954  1.000 20.116  0 233 ARG A N   1 ? 
ATOM   789  C  CA  . ARG A 1 113 ? -7.011  1.086   -3.207  1.000 20.115  0 233 ARG A CA  1 ? 
ATOM   790  C  C   . ARG A 1 113 ? -8.265  0.770   -2.428  1.000 20.095  0 233 ARG A C   1 ? 
ATOM   791  O  O   . ARG A 1 113 ? -8.246  0.776   -1.204  1.000 24.141  0 233 ARG A O   1 ? 
ATOM   792  C  CB  . ARG A 1 113 ? -5.850  0.177   -2.803  1.000 21.318  0 233 ARG A CB  1 ? 
ATOM   793  C  CG  . ARG A 1 113 ? -6.110  -1.309  -3.035  1.000 21.890  0 233 ARG A CG  1 ? 
ATOM   794  C  CD  . ARG A 1 113 ? -4.895  -2.109  -2.660  1.000 25.095  0 233 ARG A CD  1 ? 
ATOM   795  N  NE  . ARG A 1 113 ? -3.895  -2.068  -3.717  1.000 28.985  0 233 ARG A NE  1 ? 
ATOM   796  C  CZ  . ARG A 1 113 ? -2.602  -2.225  -3.534  1.000 26.105  0 233 ARG A CZ  1 ? 
ATOM   797  N  NH1 . ARG A 1 113 ? -2.117  -2.396  -2.329  1.000 32.528  0 233 ARG A NH1 1 ? 
ATOM   798  N  NH2 . ARG A 1 113 ? -1.787  -2.189  -4.551  1.000 28.391  0 233 ARG A NH2 1 ? 
ATOM   799  N  N   . PRO A 1 114 ? -9.360  0.402   -3.098  1.000 21.444  0 234 PRO A N   1 ? 
ATOM   800  C  CA  . PRO A 1 114 ? -10.602 0.077   -2.403  1.000 23.564  0 234 PRO A CA  1 ? 
ATOM   801  C  C   . PRO A 1 114 ? -10.455 -1.227  -1.652  1.000 23.736  0 234 PRO A C   1 ? 
ATOM   802  O  O   . PRO A 1 114 ? -9.813  -2.148  -2.137  1.000 28.063  0 234 PRO A O   1 ? 
ATOM   803  C  CB  . PRO A 1 114 ? -11.684 -0.126  -3.481  1.000 22.712  0 234 PRO A CB  1 ? 
ATOM   804  C  CG  . PRO A 1 114 ? -10.998 0.384   -4.755  1.000 24.737  0 234 PRO A CG  1 ? 
ATOM   805  C  CD  . PRO A 1 114 ? -9.491  0.220   -4.548  1.000 23.453  0 234 PRO A CD  1 ? 
ATOM   806  N  N   . PRO A 1 115 ? -11.056 -1.316  -0.455  1.000 26.481  0 235 PRO A N   1 ? 
ATOM   807  C  CA  . PRO A 1 115 ? -11.172 -2.593  0.256   1.000 28.308  0 235 PRO A CA  1 ? 
ATOM   808  C  C   . PRO A 1 115 ? -11.688 -3.701  -0.664  1.000 27.268  0 235 PRO A C   1 ? 
ATOM   809  O  O   . PRO A 1 115 ? -12.641 -3.463  -1.357  1.000 28.905  0 235 PRO A O   1 ? 
ATOM   810  C  CB  . PRO A 1 115 ? -12.215 -2.273  1.331   1.000 27.507  0 235 PRO A CB  1 ? 
ATOM   811  C  CG  . PRO A 1 115 ? -11.942 -0.777  1.624   1.000 27.633  0 235 PRO A CG  1 ? 
ATOM   812  C  CD  . PRO A 1 115 ? -11.663 -0.179  0.268   1.000 24.326  0 235 PRO A CD  1 ? 
ATOM   813  N  N   . PHE A 1 116 ? -10.982 -4.830  -0.678  1.000 28.159  0 236 PHE A N   1 ? 
ATOM   814  C  CA  . PHE A 1 116 ? -11.264 -6.056  -1.464  1.000 27.281  0 236 PHE A CA  1 ? 
ATOM   815  C  C   . PHE A 1 116 ? -11.080 -5.781  -2.952  1.000 24.096  0 236 PHE A C   1 ? 
ATOM   816  O  O   . PHE A 1 116 ? -11.450 -6.648  -3.765  1.000 28.834  0 236 PHE A O   1 ? 
ATOM   817  C  CB  . PHE A 1 116 ? -12.635 -6.620  -1.073  1.000 32.498  0 236 PHE A CB  1 ? 
ATOM   818  C  CG  . PHE A 1 116 ? -12.809 -6.801  0.425   1.000 42.611  0 236 PHE A CG  1 ? 
ATOM   819  C  CD1 . PHE A 1 116 ? -11.926 -7.601  1.153   1.000 49.667  0 236 PHE A CD1 1 ? 
ATOM   820  C  CD2 . PHE A 1 116 ? -13.824 -6.147  1.115   1.000 41.339  0 236 PHE A CD2 1 ? 
ATOM   821  C  CE1 . PHE A 1 116 ? -12.052 -7.728  2.529   1.000 53.840  0 236 PHE A CE1 1 ? 
ATOM   822  C  CE2 . PHE A 1 116 ? -13.962 -6.296  2.487   1.000 47.519  0 236 PHE A CE2 1 ? 
ATOM   823  C  CZ  . PHE A 1 116 ? -13.072 -7.078  3.192   1.000 49.897  0 236 PHE A CZ  1 ? 
ATOM   824  N  N   . GLY A 1 117 ? -10.566 -4.604  -3.324  1.000 21.942  0 237 GLY A N   1 ? 
ATOM   825  C  CA  . GLY A 1 117 ? -10.553 -4.160  -4.735  1.000 20.824  0 237 GLY A CA  1 ? 
ATOM   826  C  C   . GLY A 1 117 ? -11.947 -4.032  -5.349  1.000 19.899  0 237 GLY A C   1 ? 
ATOM   827  O  O   . GLY A 1 117 ? -12.078 -4.092  -6.607  1.000 18.762  0 237 GLY A O   1 ? 
ATOM   828  N  N   . ALA A 1 118 ? -12.990 -3.872  -4.540  1.000 19.433  0 238 ALA A N   1 ? 
ATOM   829  C  CA  . ALA A 1 118 ? -14.364 -3.775  -5.067  1.000 21.451  0 238 ALA A CA  1 ? 
ATOM   830  C  C   . ALA A 1 118 ? -14.676 -2.291  -5.368  1.000 21.759  0 238 ALA A C   1 ? 
ATOM   831  O  O   . ALA A 1 118 ? -14.553 -1.444  -4.470  1.000 23.401  0 238 ALA A O   1 ? 
ATOM   832  C  CB  . ALA A 1 118 ? -15.335 -4.386  -4.080  1.000 23.479  0 238 ALA A CB  1 ? 
ATOM   833  N  N   . TYR A 1 119 ? -15.116 -2.008  -6.586  1.000 18.736  0 239 TYR A N   1 ? 
ATOM   834  C  CA  . TYR A 1 119 ? -15.332 -0.648  -7.093  1.000 20.838  0 239 TYR A CA  1 ? 
ATOM   835  C  C   . TYR A 1 119 ? -16.484 -0.686  -8.095  1.000 21.150  0 239 TYR A C   1 ? 
ATOM   836  O  O   . TYR A 1 119 ? -16.898 -1.756  -8.619  1.000 20.765  0 239 TYR A O   1 ? 
ATOM   837  C  CB  . TYR A 1 119 ? -14.026 -0.076  -7.674  1.000 20.907  0 239 TYR A CB  1 ? 
ATOM   838  C  CG  . TYR A 1 119 ? -13.557 -0.624  -9.001  1.000 19.091  0 239 TYR A CG  1 ? 
ATOM   839  C  CD1 . TYR A 1 119 ? -13.813 0.082   -10.176 1.000 18.392  0 239 TYR A CD1 1 ? 
ATOM   840  C  CD2 . TYR A 1 119 ? -12.813 -1.797  -9.111  1.000 20.339  0 239 TYR A CD2 1 ? 
ATOM   841  C  CE1 . TYR A 1 119 ? -13.350 -0.341  -11.413 1.000 17.378  0 239 TYR A CE1 1 ? 
ATOM   842  C  CE2 . TYR A 1 119 ? -12.339 -2.252  -10.356 1.000 20.128  0 239 TYR A CE2 1 ? 
ATOM   843  C  CZ  . TYR A 1 119 ? -12.619 -1.518  -11.517 1.000 21.058  0 239 TYR A CZ  1 ? 
ATOM   844  O  OH  . TYR A 1 119 ? -12.244 -1.932  -12.782 1.000 24.646  0 239 TYR A OH  1 ? 
ATOM   845  N  N   . ASN A 1 120 ? -16.954 0.507   -8.398  1.000 19.986  0 240 ASN A N   1 ? 
ATOM   846  C  CA  . ASN A 1 120 ? -17.818 0.700   -9.570  1.000 20.645  0 240 ASN A CA  1 ? 
ATOM   847  C  C   . ASN A 1 120 ? -17.430 2.038   -10.191 1.000 20.053  0 240 ASN A C   1 ? 
ATOM   848  O  O   . ASN A 1 120 ? -16.508 2.685   -9.641  1.000 23.350  0 240 ASN A O   1 ? 
ATOM   849  C  CB  . ASN A 1 120 ? -19.264 0.517   -9.144  1.000 19.993  0 240 ASN A CB  1 ? 
ATOM   850  C  CG  . ASN A 1 120 ? -19.739 1.552   -8.160  1.000 19.855  0 240 ASN A CG  1 ? 
ATOM   851  O  OD1 . ASN A 1 120 ? -19.128 2.601   -7.935  1.000 23.157  0 240 ASN A OD1 1 ? 
ATOM   852  N  ND2 . ASN A 1 120 ? -20.865 1.259   -7.561  1.000 20.428  0 240 ASN A ND2 1 ? 
ATOM   853  N  N   . SER A 1 121 ? -18.031 2.369   -11.325 1.000 19.405  0 241 SER A N   1 ? 
ATOM   854  C  CA  . SER A 1 121 ? -17.890 3.648   -12.047 1.000 20.098  0 241 SER A CA  1 ? 
ATOM   855  C  C   . SER A 1 121 ? -18.097 4.813   -11.090 1.000 18.968  0 241 SER A C   1 ? 
ATOM   856  O  O   . SER A 1 121 ? -17.428 5.772   -11.208 1.000 18.229  0 241 SER A O   1 ? 
ATOM   857  C  CB  . SER A 1 121 ? -18.877 3.718   -13.165 1.000 22.373  0 241 SER A CB  1 ? 
ATOM   858  O  OG  . SER A 1 121 ? -18.371 2.986   -14.277 1.000 36.796  0 241 SER A OG  1 ? 
ATOM   859  N  N   . THR A 1 122 ? -19.072 4.733   -10.213 1.000 18.835  0 242 THR A N   1 ? 
ATOM   860  C  CA  . THR A 1 122 ? -19.407 5.861   -9.335  1.000 19.521  0 242 THR A CA  1 ? 
ATOM   861  C  C   . THR A 1 122 ? -18.188 6.085   -8.451  1.000 17.723  0 242 THR A C   1 ? 
ATOM   862  O  O   . THR A 1 122 ? -17.854 7.208   -8.244  1.000 16.158  0 242 THR A O   1 ? 
ATOM   863  C  CB  . THR A 1 122 ? -20.685 5.577   -8.531  1.000 21.111  0 242 THR A CB  1 ? 
ATOM   864  O  OG1 . THR A 1 122 ? -21.732 5.362   -9.475  1.000 20.902  0 242 THR A OG1 1 ? 
ATOM   865  C  CG2 . THR A 1 122 ? -21.030 6.716   -7.589  1.000 22.149  0 242 THR A CG2 1 ? 
ATOM   866  N  N   . LEU A 1 123 ? -17.576 5.017   -7.946  1.000 16.671  0 243 LEU A N   1 ? 
ATOM   867  C  CA  . LEU A 1 123 ? -16.461 5.157   -7.001  1.000 16.822  0 243 LEU A CA  1 ? 
ATOM   868  C  C   . LEU A 1 123 ? -15.249 5.680   -7.756  1.000 16.667  0 243 LEU A C   1 ? 
ATOM   869  O  O   . LEU A 1 123 ? -14.538 6.408   -7.134  1.000 15.713  0 243 LEU A O   1 ? 
ATOM   870  C  CB  . LEU A 1 123 ? -16.157 3.827   -6.328  1.000 17.752  0 243 LEU A CB  1 ? 
ATOM   871  C  CG  . LEU A 1 123 ? -15.047 3.831   -5.273  1.000 18.054  0 243 LEU A CG  1 ? 
ATOM   872  C  CD1 . LEU A 1 123 ? -15.336 4.848   -4.189  1.000 20.974  0 243 LEU A CD1 1 ? 
ATOM   873  C  CD2 . LEU A 1 123 ? -14.920 2.478   -4.617  1.000 18.242  0 243 LEU A CD2 1 ? 
ATOM   874  N  N   . ILE A 1 124 ? -15.084 5.381   -9.051  1.000 17.761  0 244 ILE A N   1 ? 
ATOM   875  C  CA  . ILE A 1 124 ? -14.003 5.981   -9.885  1.000 19.252  0 244 ILE A CA  1 ? 
ATOM   876  C  C   . ILE A 1 124 ? -14.251 7.493   -9.955  1.000 18.966  0 244 ILE A C   1 ? 
ATOM   877  O  O   . ILE A 1 124 ? -13.298 8.249   -9.757  1.000 18.767  0 244 ILE A O   1 ? 
ATOM   878  C  CB  . ILE A 1 124 ? -13.915 5.416   -11.328 1.000 22.191  0 244 ILE A CB  1 ? 
ATOM   879  C  CG1 . ILE A 1 124 ? -13.719 3.896   -11.409 1.000 24.310  0 244 ILE A CG1 1 ? 
ATOM   880  C  CG2 . ILE A 1 124 ? -12.851 6.157   -12.130 1.000 18.857  0 244 ILE A CG2 1 ? 
ATOM   881  C  CD1 . ILE A 1 124 ? -12.710 3.373   -10.452 1.000 25.073  0 244 ILE A CD1 1 ? 
ATOM   882  N  N   . GLU A 1 125 ? -15.478 7.896   -10.277 1.000 20.760  0 245 GLU A N   1 ? 
ATOM   883  C  CA  . GLU A 1 125 ? -15.859 9.303   -10.561 1.000 23.761  0 245 GLU A CA  1 ? 
ATOM   884  C  C   . GLU A 1 125 ? -15.680 10.135  -9.276  1.000 20.700  0 245 GLU A C   1 ? 
ATOM   885  O  O   . GLU A 1 125 ? -15.044 11.217  -9.371  1.000 17.473  0 245 GLU A O   1 ? 
ATOM   886  C  CB  . GLU A 1 125 ? -17.261 9.373   -11.161 1.000 28.607  0 245 GLU A CB  1 ? 
ATOM   887  C  CG  . GLU A 1 125 ? -17.367 8.850   -12.584 1.000 35.977  0 245 GLU A CG  1 ? 
ATOM   888  C  CD  . GLU A 1 125 ? -16.265 9.347   -13.511 1.000 50.998  0 245 GLU A CD  1 ? 
ATOM   889  O  OE1 . GLU A 1 125 ? -16.101 10.595  -13.584 1.000 66.806  0 245 GLU A OE1 1 ? 
ATOM   890  O  OE2 . GLU A 1 125 ? -15.540 8.496   -14.146 1.000 60.673  0 245 GLU A OE2 1 ? 
ATOM   891  N  N   . ILE A 1 126 ? -16.129 9.620   -8.132  1.000 16.975  0 246 ILE A N   1 ? 
ATOM   892  C  CA  . ILE A 1 126 ? -15.937 10.273  -6.809  1.000 18.701  0 246 ILE A CA  1 ? 
ATOM   893  C  C   . ILE A 1 126 ? -14.425 10.379  -6.486  1.000 19.390  0 246 ILE A C   1 ? 
ATOM   894  O  O   . ILE A 1 126 ? -13.944 11.464  -6.117  1.000 17.460  0 246 ILE A O   1 ? 
ATOM   895  C  CB  . ILE A 1 126 ? -16.708 9.508   -5.706  1.000 18.457  0 246 ILE A CB  1 ? 
ATOM   896  C  CG1 . ILE A 1 126 ? -18.220 9.455   -5.969  1.000 18.163  0 246 ILE A CG1 1 ? 
ATOM   897  C  CG2 . ILE A 1 126 ? -16.412 10.098  -4.333  1.000 19.051  0 246 ILE A CG2 1 ? 
ATOM   898  C  CD1 . ILE A 1 126 ? -18.886 10.771  -5.992  1.000 17.223  0 246 ILE A CD1 1 ? 
ATOM   899  N  N   . SER A 1 127 ? -13.700 9.273   -6.558  1.000 18.752  0 247 SER A N   1 ? 
ATOM   900  C  CA  . SER A 1 127 ? -12.242 9.244   -6.326  1.000 20.625  0 247 SER A CA  1 ? 
ATOM   901  C  C   . SER A 1 127 ? -11.550 10.337  -7.148  1.000 18.874  0 247 SER A C   1 ? 
ATOM   902  O  O   . SER A 1 127 ? -10.847 11.121  -6.527  1.000 17.430  0 247 SER A O   1 ? 
ATOM   903  C  CB  . SER A 1 127 ? -11.709 7.882   -6.625  1.000 23.777  0 247 SER A CB  1 ? 
ATOM   904  O  OG  . SER A 1 127 ? -12.275 6.986   -5.673  1.000 27.990  0 247 SER A OG  1 ? 
ATOM   905  N  N   . ASN A 1 128 ? -11.774 10.387  -8.461  1.000 17.701  0 248 ASN A N   1 ? 
ATOM   906  C  CA  . ASN A 1 128 ? -11.140 11.360  -9.377  1.000 19.258  0 248 ASN A CA  1 ? 
ATOM   907  C  C   . ASN A 1 128 ? -11.505 12.786  -8.975  1.000 18.021  0 248 ASN A C   1 ? 
ATOM   908  O  O   . ASN A 1 128 ? -10.648 13.656  -9.091  1.000 18.480  0 248 ASN A O   1 ? 
ATOM   909  C  CB  . ASN A 1 128 ? -11.428 11.103  -10.861 1.000 21.285  0 248 ASN A CB  1 ? 
ATOM   910  C  CG  . ASN A 1 128 ? -10.978 9.736   -11.399 1.000 25.758  0 248 ASN A CG  1 ? 
ATOM   911  O  OD1 . ASN A 1 128 ? -11.278 9.396   -12.541 1.000 31.705  0 248 ASN A OD1 1 ? 
ATOM   912  N  ND2 . ASN A 1 128 ? -10.244 8.918   -10.645 1.000 29.410  0 248 ASN A ND2 1 ? 
ATOM   913  N  N   . ALA A 1 129 ? -12.686 13.020  -8.432  1.000 17.138  0 249 ALA A N   1 ? 
ATOM   914  C  CA  . ALA A 1 129 ? -13.105 14.387  -8.126  1.000 18.792  0 249 ALA A CA  1 ? 
ATOM   915  C  C   . ALA A 1 129 ? -12.377 14.841  -6.867  1.000 18.853  0 249 ALA A C   1 ? 
ATOM   916  O  O   . ALA A 1 129 ? -12.263 16.059  -6.701  1.000 21.558  0 249 ALA A O   1 ? 
ATOM   917  C  CB  . ALA A 1 129 ? -14.593 14.509  -8.010  1.000 21.426  0 249 ALA A CB  1 ? 
ATOM   918  N  N   . LEU A 1 130 ? -11.830 13.914  -6.100  1.000 15.998  0 250 LEU A N   1 ? 
ATOM   919  C  CA  . LEU A 1 130 ? -11.069 14.194  -4.868  1.000 17.056  0 250 LEU A CA  1 ? 
ATOM   920  C  C   . LEU A 1 130 ? -9.566  14.133  -5.155  1.000 17.338  0 250 LEU A C   1 ? 
ATOM   921  O  O   . LEU A 1 130 ? -8.823  14.128  -4.172  1.000 18.217  0 250 LEU A O   1 ? 
ATOM   922  C  CB  . LEU A 1 130 ? -11.444 13.191  -3.783  1.000 17.095  0 250 LEU A CB  1 ? 
ATOM   923  C  CG  . LEU A 1 130 ? -12.861 13.298  -3.232  1.000 17.903  0 250 LEU A CG  1 ? 
ATOM   924  C  CD1 . LEU A 1 130 ? -13.154 12.137  -2.280  1.000 18.965  0 250 LEU A CD1 1 ? 
ATOM   925  C  CD2 . LEU A 1 130 ? -13.042 14.615  -2.513  1.000 18.780  0 250 LEU A CD2 1 ? 
ATOM   926  N  N   . GLY A 1 131 ? -9.167  14.178  -6.431  1.000 16.872  0 251 GLY A N   1 ? 
ATOM   927  C  CA  . GLY A 1 131 ? -7.784  14.084  -6.920  1.000 16.702  0 251 GLY A CA  1 ? 
ATOM   928  C  C   . GLY A 1 131 ? -7.136  12.740  -6.667  1.000 19.724  0 251 GLY A C   1 ? 
ATOM   929  O  O   . GLY A 1 131 ? -5.928  12.733  -6.539  1.000 25.545  0 251 GLY A O   1 ? 
ATOM   930  N  N   . LEU A 1 132 ? -7.896  11.640  -6.576  1.000 21.332  0 252 LEU A N   1 ? 
ATOM   931  C  CA  . LEU A 1 132 ? -7.386  10.268  -6.333  1.000 20.475  0 252 LEU A CA  1 ? 
ATOM   932  C  C   . LEU A 1 132 ? -7.576  9.350   -7.544  1.000 23.187  0 252 LEU A C   1 ? 
ATOM   933  O  O   . LEU A 1 132 ? -8.682  9.342   -8.122  1.000 24.360  0 252 LEU A O   1 ? 
ATOM   934  C  CB  . LEU A 1 132 ? -8.150  9.688   -5.167  1.000 21.254  0 252 LEU A CB  1 ? 
ATOM   935  C  CG  . LEU A 1 132 ? -8.078  10.471  -3.864  1.000 22.051  0 252 LEU A CG  1 ? 
ATOM   936  C  CD1 . LEU A 1 132 ? -9.086  9.896   -2.894  1.000 20.880  0 252 LEU A CD1 1 ? 
ATOM   937  C  CD2 . LEU A 1 132 ? -6.680  10.409  -3.268  1.000 24.781  0 252 LEU A CD2 1 ? 
ATOM   938  N  N   . LYS A 1 133 ? -6.524  8.595   -7.889  1.000 23.692  0 253 LYS A N   1 ? 
ATOM   939  C  CA  . LYS A 1 133 ? -6.547  7.459   -8.826  1.000 27.726  0 253 LYS A CA  1 ? 
ATOM   940  C  C   . LYS A 1 133 ? -6.856  6.176   -8.055  1.000 26.102  0 253 LYS A C   1 ? 
ATOM   941  O  O   . LYS A 1 133 ? -6.217  5.920   -7.074  1.000 22.009  0 253 LYS A O   1 ? 
ATOM   942  C  CB  . LYS A 1 133 ? -5.207  7.246   -9.528  1.000 33.073  0 253 LYS A CB  1 ? 
ATOM   943  C  CG  . LYS A 1 133 ? -4.930  8.159   -10.699 1.000 45.090  0 253 LYS A CG  1 ? 
ATOM   944  C  CD  . LYS A 1 133 ? -4.126  7.425   -11.800 1.000 58.628  0 253 LYS A CD  1 ? 
ATOM   945  C  CE  . LYS A 1 133 ? -2.628  7.486   -11.573 1.000 58.381  0 253 LYS A CE  1 ? 
ATOM   946  N  NZ  . LYS A 1 133 ? -2.178  8.892   -11.473 1.000 58.824  0 253 LYS A NZ  1 ? 
ATOM   947  N  N   . VAL A 1 134 ? -7.693  5.311   -8.605  1.000 25.225  0 254 VAL A N   1 ? 
ATOM   948  C  CA  . VAL A 1 134 ? -7.902  4.017   -7.957  1.000 24.229  0 254 VAL A CA  1 ? 
ATOM   949  C  C   . VAL A 1 134 ? -6.900  3.009   -8.499  1.000 24.398  0 254 VAL A C   1 ? 
ATOM   950  O  O   . VAL A 1 134 ? -6.615  2.940   -9.687  1.000 21.813  0 254 VAL A O   1 ? 
ATOM   951  C  CB  . VAL A 1 134 ? -9.370  3.573   -7.908  1.000 25.436  0 254 VAL A CB  1 ? 
ATOM   952  C  CG1 . VAL A 1 134 ? -10.306 4.656   -8.366  1.000 29.008  0 254 VAL A CG1 1 ? 
ATOM   953  C  CG2 . VAL A 1 134 ? -9.657  2.214   -8.490  1.000 23.431  0 254 VAL A CG2 1 ? 
ATOM   954  N  N   . VAL A 1 135 ? -6.309  2.270   -7.585  1.000 24.424  0 255 VAL A N   1 ? 
ATOM   955  C  CA  . VAL A 1 135 ? -5.342  1.233   -8.008  1.000 25.072  0 255 VAL A CA  1 ? 
ATOM   956  C  C   . VAL A 1 135 ? -5.625  -0.049  -7.246  1.000 22.210  0 255 VAL A C   1 ? 
ATOM   957  O  O   . VAL A 1 135 ? -5.939  -0.027  -6.047  1.000 20.173  0 255 VAL A O   1 ? 
ATOM   958  C  CB  . VAL A 1 135 ? -3.884  1.700   -7.951  1.000 28.327  0 255 VAL A CB  1 ? 
ATOM   959  C  CG1 . VAL A 1 135 ? -3.741  3.074   -7.363  1.000 35.004  0 255 VAL A CG1 1 ? 
ATOM   960  C  CG2 . VAL A 1 135 ? -2.969  0.720   -7.275  1.000 32.024  0 255 VAL A CG2 1 ? 
ATOM   961  N  N   . LEU A 1 136 ? -5.589  -1.117  -8.013  1.000 19.956  0 256 LEU A N   1 ? 
ATOM   962  C  CA  . LEU A 1 136 ? -5.680  -2.481  -7.537  1.000 21.854  0 256 LEU A CA  1 ? 
ATOM   963  C  C   . LEU A 1 136 ? -4.240  -2.954  -7.424  1.000 22.774  0 256 LEU A C   1 ? 
ATOM   964  O  O   . LEU A 1 136 ? -3.478  -2.302  -6.658  1.000 22.455  0 256 LEU A O   1 ? 
ATOM   965  C  CB  . LEU A 1 136 ? -6.591  -3.239  -8.500  1.000 23.560  0 256 LEU A CB  1 ? 
ATOM   966  C  CG  . LEU A 1 136 ? -8.059  -3.296  -8.088  1.000 28.142  0 256 LEU A CG  1 ? 
ATOM   967  C  CD1 . LEU A 1 136 ? -8.594  -1.974  -7.631  1.000 31.962  0 256 LEU A CD1 1 ? 
ATOM   968  C  CD2 . LEU A 1 136 ? -8.940  -3.846  -9.192  1.000 30.251  0 256 LEU A CD2 1 ? 
ATOM   969  N  N   . TRP A 1 137 ? -3.904  -4.066  -8.088  1.000 24.087  0 257 TRP A N   1 ? 
ATOM   970  C  CA  . TRP A 1 137 ? -2.632  -4.807  -7.941  1.000 24.510  0 257 TRP A CA  1 ? 
ATOM   971  C  C   . TRP A 1 137 ? -2.661  -5.825  -9.066  1.000 25.265  0 257 TRP A C   1 ? 
ATOM   972  O  O   . TRP A 1 137 ? -3.755  -6.002  -9.659  1.000 24.736  0 257 TRP A O   1 ? 
ATOM   973  C  CB  . TRP A 1 137 ? -2.509  -5.441  -6.528  1.000 23.275  0 257 TRP A CB  1 ? 
ATOM   974  C  CG  . TRP A 1 137 ? -3.619  -6.408  -6.247  1.000 23.027  0 257 TRP A CG  1 ? 
ATOM   975  C  CD1 . TRP A 1 137 ? -3.701  -7.702  -6.688  1.000 25.039  0 257 TRP A CD1 1 ? 
ATOM   976  C  CD2 . TRP A 1 137 ? -4.863  -6.141  -5.575  1.000 22.147  0 257 TRP A CD2 1 ? 
ATOM   977  N  NE1 . TRP A 1 137 ? -4.902  -8.257  -6.320  1.000 24.502  0 257 TRP A NE1 1 ? 
ATOM   978  C  CE2 . TRP A 1 137 ? -5.637  -7.319  -5.644  1.000 23.838  0 257 TRP A CE2 1 ? 
ATOM   979  C  CE3 . TRP A 1 137 ? -5.421  -5.014  -4.961  1.000 24.169  0 257 TRP A CE3 1 ? 
ATOM   980  C  CZ2 . TRP A 1 137 ? -6.912  -7.408  -5.075  1.000 26.192  0 257 TRP A CZ2 1 ? 
ATOM   981  C  CZ3 . TRP A 1 137 ? -6.688  -5.093  -4.414  1.000 22.579  0 257 TRP A CZ3 1 ? 
ATOM   982  C  CH2 . TRP A 1 137 ? -7.412  -6.276  -4.448  1.000 24.574  0 257 TRP A CH2 1 ? 
ATOM   983  N  N   . ASN A 1 138 ? -1.528  -6.449  -9.379  1.000 27.465  0 258 ASN A N   1 ? 
ATOM   984  C  CA  . ASN A 1 138 ? -1.511  -7.522  -10.411 1.000 29.392  0 258 ASN A CA  1 ? 
ATOM   985  C  C   . ASN A 1 138 ? -0.637  -8.701  -9.968  1.000 28.798  0 258 ASN A C   1 ? 
ATOM   986  O  O   . ASN A 1 138 ? -0.475  -9.577  -10.760 1.000 36.769  0 258 ASN A O   1 ? 
ATOM   987  C  CB  . ASN A 1 138 ? -1.083  -6.959  -11.763 1.000 25.546  0 258 ASN A CB  1 ? 
ATOM   988  C  CG  . ASN A 1 138 ? 0.200   -6.192  -11.649 1.000 25.832  0 258 ASN A CG  1 ? 
ATOM   989  O  OD1 . ASN A 1 138 ? 1.064   -6.560  -10.868 1.000 33.721  0 258 ASN A OD1 1 ? 
ATOM   990  N  ND2 . ASN A 1 138 ? 0.304   -5.068  -12.330 1.000 28.273  0 258 ASN A ND2 1 ? 
ATOM   991  N  N   . VAL A 1 139 ? -0.059  -8.673  -8.776  1.000 29.725  0 259 VAL A N   1 ? 
ATOM   992  C  CA  . VAL A 1 139 ? 0.636   -9.825  -8.130  1.000 30.635  0 259 VAL A CA  1 ? 
ATOM   993  C  C   . VAL A 1 139 ? 0.060   -9.968  -6.715  1.000 29.405  0 259 VAL A C   1 ? 
ATOM   994  O  O   . VAL A 1 139 ? 0.126   -8.983  -5.940  1.000 25.324  0 259 VAL A O   1 ? 
ATOM   995  C  CB  . VAL A 1 139 ? 2.167   -9.644  -8.131  1.000 33.516  0 259 VAL A CB  1 ? 
ATOM   996  C  CG1 . VAL A 1 139 ? 2.874   -10.835 -7.499  1.000 34.681  0 259 VAL A CG1 1 ? 
ATOM   997  C  CG2 . VAL A 1 139 ? 2.703   -9.394  -9.539  1.000 35.512  0 259 VAL A CG2 1 ? 
ATOM   998  N  N   . ASP A 1 140 ? -0.550  -11.127 -6.431  1.000 33.314  0 260 ASP A N   1 ? 
ATOM   999  C  CA  . ASP A 1 140 ? -1.176  -11.469 -5.126  1.000 39.318  0 260 ASP A CA  1 ? 
ATOM   1000 C  C   . ASP A 1 140 ? -0.538  -12.732 -4.530  1.000 38.431  0 260 ASP A C   1 ? 
ATOM   1001 O  O   . ASP A 1 140 ? -1.008  -13.839 -4.755  1.000 37.163  0 260 ASP A O   1 ? 
ATOM   1002 C  CB  . ASP A 1 140 ? -2.694  -11.682 -5.246  1.000 39.336  0 260 ASP A CB  1 ? 
ATOM   1003 C  CG  . ASP A 1 140 ? -3.379  -11.693 -3.883  1.000 40.580  0 260 ASP A CG  1 ? 
ATOM   1004 O  OD1 . ASP A 1 140 ? -2.633  -11.695 -2.827  1.000 38.993  0 260 ASP A OD1 1 ? 
ATOM   1005 O  OD2 . ASP A 1 140 ? -4.625  -11.618 -3.876  1.000 42.428  0 260 ASP A OD2 1 ? 
ATOM   1006 N  N   . PRO A 1 141 ? 0.528   -12.632 -3.723  1.000 41.281  0 261 PRO A N   1 ? 
ATOM   1007 C  CA  . PRO A 1 141 ? 1.044   -13.811 -3.022  1.000 49.950  0 261 PRO A CA  1 ? 
ATOM   1008 C  C   . PRO A 1 141 ? 0.209   -14.297 -1.821  1.000 51.110  0 261 PRO A C   1 ? 
ATOM   1009 O  O   . PRO A 1 141 ? 0.775   -14.946 -0.991  1.000 61.267  0 261 PRO A O   1 ? 
ATOM   1010 C  CB  . PRO A 1 141 ? 2.411   -13.290 -2.566  1.000 51.023  0 261 PRO A CB  1 ? 
ATOM   1011 C  CG  . PRO A 1 141 ? 2.144   -11.827 -2.271  1.000 45.682  0 261 PRO A CG  1 ? 
ATOM   1012 C  CD  . PRO A 1 141 ? 1.294   -11.403 -3.450  1.000 45.399  0 261 PRO A CD  1 ? 
ATOM   1013 N  N   . ASP A 1 142 ? -1.080  -13.936 -1.749  1.000 53.322  0 262 ASP A N   1 ? 
ATOM   1014 C  CA  . ASP A 1 142 ? -2.081  -14.411 -0.755  1.000 53.246  0 262 ASP A CA  1 ? 
ATOM   1015 C  C   . ASP A 1 142 ? -1.506  -14.358 0.665   1.000 52.316  0 262 ASP A C   1 ? 
ATOM   1016 O  O   . ASP A 1 142 ? -1.820  -15.276 1.446   1.000 61.024  0 262 ASP A O   1 ? 
ATOM   1017 C  CB  . ASP A 1 142 ? -2.564  -15.822 -1.115  1.000 56.640  0 262 ASP A CB  1 ? 
ATOM   1018 C  CG  . ASP A 1 142 ? -3.938  -16.185 -0.564  1.000 62.271  0 262 ASP A CG  1 ? 
ATOM   1019 O  OD1 . ASP A 1 142 ? -4.521  -15.372 0.212   1.000 63.440  0 262 ASP A OD1 1 ? 
ATOM   1020 O  OD2 . ASP A 1 142 ? -4.429  -17.282 -0.917  1.000 71.654  0 262 ASP A OD2 1 ? 
ATOM   1021 N  N   . ASP A 1 143 ? -0.756  -13.301 1.005   1.000 53.367  0 263 ASP A N   1 ? 
ATOM   1022 C  CA  . ASP A 1 143 ? -0.040  -13.125 2.303   1.000 57.034  0 263 ASP A CA  1 ? 
ATOM   1023 C  C   . ASP A 1 143 ? -0.992  -12.787 3.474   1.000 65.556  0 263 ASP A C   1 ? 
ATOM   1024 O  O   . ASP A 1 143 ? -0.455  -12.670 4.617   1.000 70.643  0 263 ASP A O   1 ? 
ATOM   1025 C  CB  . ASP A 1 143 ? 1.056   -12.053 2.194   1.000 54.563  0 263 ASP A CB  1 ? 
ATOM   1026 C  CG  . ASP A 1 143 ? 0.594   -10.609 2.404   1.000 52.117  0 263 ASP A CG  1 ? 
ATOM   1027 O  OD1 . ASP A 1 143 ? -0.539  -10.270 1.933   1.000 49.417  0 263 ASP A OD1 1 ? 
ATOM   1028 O  OD2 . ASP A 1 143 ? 1.373   -9.814  3.011   1.000 39.138  0 263 ASP A OD2 1 ? 
ATOM   1029 N  N   . TRP A 1 144 ? -2.309  -12.606 3.239   1.000 72.478  0 264 TRP A N   1 ? 
ATOM   1030 C  CA  . TRP A 1 144 ? -3.293  -12.216 4.291   1.000 81.949  0 264 TRP A CA  1 ? 
ATOM   1031 C  C   . TRP A 1 144 ? -3.602  -13.444 5.139   1.000 87.900  0 264 TRP A C   1 ? 
ATOM   1032 O  O   . TRP A 1 144 ? -3.647  -13.293 6.378   1.000 85.040  0 264 TRP A O   1 ? 
ATOM   1033 C  CB  . TRP A 1 144 ? -4.596  -11.595 3.757   1.000 85.323  0 264 TRP A CB  1 ? 
ATOM   1034 C  CG  . TRP A 1 144 ? -5.446  -11.055 4.877   1.000 92.232  0 264 TRP A CG  1 ? 
ATOM   1035 C  CD1 . TRP A 1 144 ? -5.255  -9.886  5.565   1.000 85.193  0 264 TRP A CD1 1 ? 
ATOM   1036 C  CD2 . TRP A 1 144 ? -6.575  -11.702 5.502   1.000 97.764  0 264 TRP A CD2 1 ? 
ATOM   1037 N  NE1 . TRP A 1 144 ? -6.205  -9.742  6.543   1.000 81.232  0 264 TRP A NE1 1 ? 
ATOM   1038 C  CE2 . TRP A 1 144 ? -7.028  -10.839 6.532   1.000 96.838  0 264 TRP A CE2 1 ? 
ATOM   1039 C  CE3 . TRP A 1 144 ? -7.259  -12.909 5.282   1.000 92.331  0 264 TRP A CE3 1 ? 
ATOM   1040 C  CZ2 . TRP A 1 144 ? -8.130  -11.153 7.334   1.000 95.034  0 264 TRP A CZ2 1 ? 
ATOM   1041 C  CZ3 . TRP A 1 144 ? -8.345  -13.215 6.076   1.000 96.591  0 264 TRP A CZ3 1 ? 
ATOM   1042 C  CH2 . TRP A 1 144 ? -8.773  -12.347 7.088   1.000 96.746  0 264 TRP A CH2 1 ? 
ATOM   1043 N  N   . ARG A 1 145 ? -3.808  -14.584 4.466   1.000 93.569  0 265 ARG A N   1 ? 
ATOM   1044 C  CA  . ARG A 1 145 ? -4.007  -15.938 5.054   1.000 100.749 0 265 ARG A CA  1 ? 
ATOM   1045 C  C   . ARG A 1 145 ? -2.619  -16.565 5.303   1.000 109.592 0 265 ARG A C   1 ? 
ATOM   1046 O  O   . ARG A 1 145 ? -2.191  -17.403 4.464   1.000 96.940  0 265 ARG A O   1 ? 
ATOM   1047 C  CB  . ARG A 1 145 ? -4.924  -16.726 4.112   1.000 94.721  0 265 ARG A CB  1 ? 
ATOM   1048 C  CG  . ARG A 1 145 ? -6.158  -15.935 3.687   1.000 99.960  0 265 ARG A CG  1 ? 
ATOM   1049 C  CD  . ARG A 1 145 ? -7.161  -16.733 2.886   1.000 110.508 0 265 ARG A CD  1 ? 
ATOM   1050 N  NE  . ARG A 1 145 ? -6.495  -17.620 1.933   1.000 121.637 0 265 ARG A NE  1 ? 
ATOM   1051 C  CZ  . ARG A 1 145 ? -7.030  -18.719 1.393   1.000 116.720 0 265 ARG A CZ  1 ? 
ATOM   1052 N  NH1 . ARG A 1 145 ? -6.322  -19.440 0.537   1.000 101.700 0 265 ARG A NH1 1 ? 
ATOM   1053 N  NH2 . ARG A 1 145 ? -8.260  -19.095 1.704   1.000 115.822 0 265 ARG A NH2 1 ? 
ATOM   1054 N  N   . ASN A 1 146 ? -1.969  -16.160 6.419   1.000 109.328 0 266 ASN A N   1 ? 
ATOM   1055 C  CA  . ASN A 1 146 ? -0.520  -16.301 6.760   1.000 113.149 0 266 ASN A CA  1 ? 
ATOM   1056 C  C   . ASN A 1 146 ? 0.058   -17.595 6.198   1.000 120.249 0 266 ASN A C   1 ? 
ATOM   1057 O  O   . ASN A 1 146 ? -0.225  -18.663 6.729   1.000 140.024 0 266 ASN A O   1 ? 
ATOM   1058 C  CB  . ASN A 1 146 ? -0.268  -16.319 8.274   1.000 107.887 0 266 ASN A CB  1 ? 
ATOM   1059 C  CG  . ASN A 1 146 ? -0.016  -14.953 8.875   1.000 108.617 0 266 ASN A CG  1 ? 
ATOM   1060 O  OD1 . ASN A 1 146 ? 1.114   -14.610 9.226   1.000 102.805 0 266 ASN A OD1 1 ? 
ATOM   1061 N  ND2 . ASN A 1 146 ? -1.073  -14.173 9.014   1.000 110.485 0 266 ASN A ND2 1 ? 
ATOM   1062 N  N   . PRO A 1 147 ? 0.865   -17.568 5.114   1.000 119.862 0 267 PRO A N   1 ? 
ATOM   1063 C  CA  . PRO A 1 147 ? 1.508   -18.779 4.607   1.000 110.461 0 267 PRO A CA  1 ? 
ATOM   1064 C  C   . PRO A 1 147 ? 2.993   -18.895 4.997   1.000 97.624  0 267 PRO A C   1 ? 
ATOM   1065 O  O   . PRO A 1 147 ? 3.505   -18.014 5.720   1.000 81.760  0 267 PRO A O   1 ? 
ATOM   1066 C  CB  . PRO A 1 147 ? 1.320   -18.613 3.086   1.000 116.862 0 267 PRO A CB  1 ? 
ATOM   1067 C  CG  . PRO A 1 147 ? 0.977   -17.128 2.867   1.000 118.102 0 267 PRO A CG  1 ? 
ATOM   1068 C  CD  . PRO A 1 147 ? 1.093   -16.433 4.212   1.000 119.682 0 267 PRO A CD  1 ? 
ATOM   1069 N  N   . SER A 1 148 ? 3.644   -19.967 4.522   1.000 79.753  0 268 SER A N   1 ? 
ATOM   1070 C  CA  . SER A 1 148 ? 5.103   -20.197 4.694   1.000 78.395  0 268 SER A CA  1 ? 
ATOM   1071 C  C   . SER A 1 148 ? 5.835   -18.994 4.108   1.000 72.290  0 268 SER A C   1 ? 
ATOM   1072 O  O   . SER A 1 148 ? 5.482   -18.561 3.008   1.000 81.129  0 268 SER A O   1 ? 
ATOM   1073 C  CB  . SER A 1 148 ? 5.596   -21.504 4.084   1.000 77.929  0 268 SER A CB  1 ? 
ATOM   1074 O  OG  . SER A 1 148 ? 4.745   -21.972 3.045   1.000 75.900  0 268 SER A OG  1 ? 
ATOM   1075 N  N   . VAL A 1 149 ? 6.817   -18.482 4.828   1.000 69.682  0 269 VAL A N   1 ? 
ATOM   1076 C  CA  . VAL A 1 149 ? 7.656   -17.343 4.364   1.000 72.256  0 269 VAL A CA  1 ? 
ATOM   1077 C  C   . VAL A 1 149 ? 8.475   -17.759 3.129   1.000 79.272  0 269 VAL A C   1 ? 
ATOM   1078 O  O   . VAL A 1 149 ? 8.940   -16.854 2.423   1.000 96.909  0 269 VAL A O   1 ? 
ATOM   1079 C  CB  . VAL A 1 149 ? 8.521   -16.719 5.484   1.000 73.872  0 269 VAL A CB  1 ? 
ATOM   1080 C  CG1 . VAL A 1 149 ? 8.363   -17.398 6.842   1.000 78.819  0 269 VAL A CG1 1 ? 
ATOM   1081 C  CG2 . VAL A 1 149 ? 9.995   -16.583 5.095   1.000 73.412  0 269 VAL A CG2 1 ? 
ATOM   1082 N  N   . GLU A 1 150 ? 8.637   -19.047 2.821   1.000 84.454  0 270 GLU A N   1 ? 
ATOM   1083 C  CA  . GLU A 1 150 ? 9.294   -19.448 1.543   1.000 89.049  0 270 GLU A CA  1 ? 
ATOM   1084 C  C   . GLU A 1 150 ? 8.239   -19.410 0.422   1.000 83.566  0 270 GLU A C   1 ? 
ATOM   1085 O  O   . GLU A 1 150 ? 8.611   -19.135 -0.729  1.000 83.980  0 270 GLU A O   1 ? 
ATOM   1086 C  CB  . GLU A 1 150 ? 10.015  -20.800 1.648   1.000 93.278  0 270 GLU A CB  1 ? 
ATOM   1087 C  CG  . GLU A 1 150 ? 9.103   -21.999 1.900   1.000 104.498 0 270 GLU A CG  1 ? 
ATOM   1088 C  CD  . GLU A 1 150 ? 9.506   -23.288 1.198   1.000 107.054 0 270 GLU A CD  1 ? 
ATOM   1089 O  OE1 . GLU A 1 150 ? 8.727   -24.265 1.261   1.000 102.048 0 270 GLU A OE1 1 ? 
ATOM   1090 O  OE2 . GLU A 1 150 ? 10.591  -23.316 0.579   1.000 99.630  0 270 GLU A OE2 1 ? 
ATOM   1091 N  N   . SER A 1 151 ? 6.969   -19.656 0.748   1.000 74.755  0 271 SER A N   1 ? 
ATOM   1092 C  CA  . SER A 1 151 ? 5.854   -19.785 -0.229  1.000 79.032  0 271 SER A CA  1 ? 
ATOM   1093 C  C   . SER A 1 151 ? 5.464   -18.390 -0.758  1.000 85.316  0 271 SER A C   1 ? 
ATOM   1094 O  O   . SER A 1 151 ? 5.199   -18.254 -1.972  1.000 88.760  0 271 SER A O   1 ? 
ATOM   1095 C  CB  . SER A 1 151 ? 4.692   -20.529 0.398   1.000 75.983  0 271 SER A CB  1 ? 
ATOM   1096 O  OG  . SER A 1 151 ? 3.449   -20.160 -0.175  1.000 70.899  0 271 SER A OG  1 ? 
ATOM   1097 N  N   . VAL A 1 152 ? 5.454   -17.385 0.121   1.000 72.038  0 272 VAL A N   1 ? 
ATOM   1098 C  CA  . VAL A 1 152 ? 5.267   -15.945 -0.217  1.000 64.874  0 272 VAL A CA  1 ? 
ATOM   1099 C  C   . VAL A 1 152 ? 6.313   -15.550 -1.272  1.000 62.754  0 272 VAL A C   1 ? 
ATOM   1100 O  O   . VAL A 1 152 ? 5.935   -15.119 -2.404  1.000 56.395  0 272 VAL A O   1 ? 
ATOM   1101 C  CB  . VAL A 1 152 ? 5.370   -15.097 1.068   1.000 66.794  0 272 VAL A CB  1 ? 
ATOM   1102 C  CG1 . VAL A 1 152 ? 5.681   -13.633 0.796   1.000 66.780  0 272 VAL A CG1 1 ? 
ATOM   1103 C  CG2 . VAL A 1 152 ? 4.124   -15.228 1.937   1.000 71.979  0 272 VAL A CG2 1 ? 
ATOM   1104 N  N   . VAL A 1 153 ? 7.586   -15.708 -0.918  1.000 54.917  0 273 VAL A N   1 ? 
ATOM   1105 C  CA  . VAL A 1 153 ? 8.752   -15.432 -1.799  1.000 50.500  0 273 VAL A CA  1 ? 
ATOM   1106 C  C   . VAL A 1 153 ? 8.527   -16.061 -3.185  1.000 50.870  0 273 VAL A C   1 ? 
ATOM   1107 O  O   . VAL A 1 153 ? 8.695   -15.341 -4.159  1.000 55.146  0 273 VAL A O   1 ? 
ATOM   1108 C  CB  . VAL A 1 153 ? 10.049  -15.907 -1.126  1.000 50.683  0 273 VAL A CB  1 ? 
ATOM   1109 C  CG1 . VAL A 1 153 ? 11.246  -15.853 -2.066  1.000 51.498  0 273 VAL A CG1 1 ? 
ATOM   1110 C  CG2 . VAL A 1 153 ? 10.324  -15.096 0.131   1.000 49.747  0 273 VAL A CG2 1 ? 
ATOM   1111 N  N   . ASN A 1 154 ? 8.122   -17.326 -3.289  1.000 53.446  0 274 ASN A N   1 ? 
ATOM   1112 C  CA  . ASN A 1 154 ? 8.091   -18.057 -4.587  1.000 62.926  0 274 ASN A CA  1 ? 
ATOM   1113 C  C   . ASN A 1 154 ? 7.033   -17.428 -5.498  1.000 65.029  0 274 ASN A C   1 ? 
ATOM   1114 O  O   . ASN A 1 154 ? 7.334   -17.216 -6.693  1.000 66.368  0 274 ASN A O   1 ? 
ATOM   1115 C  CB  . ASN A 1 154 ? 7.796   -19.557 -4.448  1.000 70.031  0 274 ASN A CB  1 ? 
ATOM   1116 C  CG  . ASN A 1 154 ? 8.842   -20.314 -3.656  1.000 80.008  0 274 ASN A CG  1 ? 
ATOM   1117 O  OD1 . ASN A 1 154 ? 8.557   -21.383 -3.114  1.000 88.000  0 274 ASN A OD1 1 ? 
ATOM   1118 N  ND2 . ASN A 1 154 ? 10.049  -19.769 -3.568  1.000 72.999  0 274 ASN A ND2 1 ? 
ATOM   1119 N  N   . ARG A 1 155 ? 5.839   -17.186 -4.953  1.000 60.743  0 275 ARG A N   1 ? 
ATOM   1120 C  CA  . ARG A 1 155 ? 4.694   -16.565 -5.668  1.000 60.855  0 275 ARG A CA  1 ? 
ATOM   1121 C  C   . ARG A 1 155 ? 5.153   -15.187 -6.162  1.000 49.471  0 275 ARG A C   1 ? 
ATOM   1122 O  O   . ARG A 1 155 ? 5.049   -14.919 -7.369  1.000 46.578  0 275 ARG A O   1 ? 
ATOM   1123 C  CB  . ARG A 1 155 ? 3.463   -16.473 -4.755  1.000 69.351  0 275 ARG A CB  1 ? 
ATOM   1124 C  CG  . ARG A 1 155 ? 2.813   -17.807 -4.391  1.000 76.260  0 275 ARG A CG  1 ? 
ATOM   1125 C  CD  . ARG A 1 155 ? 2.371   -17.839 -2.928  1.000 82.329  0 275 ARG A CD  1 ? 
ATOM   1126 N  NE  . ARG A 1 155 ? 1.165   -18.604 -2.597  1.000 89.860  0 275 ARG A NE  1 ? 
ATOM   1127 C  CZ  . ARG A 1 155 ? 0.604   -18.688 -1.373  1.000 101.865 0 275 ARG A CZ  1 ? 
ATOM   1128 N  NH1 . ARG A 1 155 ? 1.129   -18.064 -0.326  1.000 98.572  0 275 ARG A NH1 1 ? 
ATOM   1129 N  NH2 . ARG A 1 155 ? -0.495  -19.404 -1.196  1.000 101.324 0 275 ARG A NH2 1 ? 
ATOM   1130 N  N   . VAL A 1 156 ? 5.718   -14.366 -5.281  1.000 41.032  0 276 VAL A N   1 ? 
ATOM   1131 C  CA  . VAL A 1 156 ? 6.212   -13.022 -5.694  1.000 46.023  0 276 VAL A CA  1 ? 
ATOM   1132 C  C   . VAL A 1 156 ? 7.217   -13.179 -6.846  1.000 49.827  0 276 VAL A C   1 ? 
ATOM   1133 O  O   . VAL A 1 156 ? 7.046   -12.487 -7.862  1.000 52.273  0 276 VAL A O   1 ? 
ATOM   1134 C  CB  . VAL A 1 156 ? 6.791   -12.203 -4.530  1.000 40.481  0 276 VAL A CB  1 ? 
ATOM   1135 C  CG1 . VAL A 1 156 ? 7.561   -10.996 -5.023  1.000 44.735  0 276 VAL A CG1 1 ? 
ATOM   1136 C  CG2 . VAL A 1 156 ? 5.699   -11.743 -3.599  1.000 43.836  0 276 VAL A CG2 1 ? 
ATOM   1137 N  N   . LEU A 1 157 ? 8.210   -14.059 -6.711  1.000 50.263  0 277 LEU A N   1 ? 
ATOM   1138 C  CA  . LEU A 1 157 ? 9.346   -14.118 -7.660  1.000 52.184  0 277 LEU A CA  1 ? 
ATOM   1139 C  C   . LEU A 1 157 ? 8.905   -14.820 -8.947  1.000 46.086  0 277 LEU A C   1 ? 
ATOM   1140 O  O   . LEU A 1 157 ? 9.407   -14.447 -10.006 1.000 50.534  0 277 LEU A O   1 ? 
ATOM   1141 C  CB  . LEU A 1 157 ? 10.557  -14.776 -6.986  1.000 54.883  0 277 LEU A CB  1 ? 
ATOM   1142 C  CG  . LEU A 1 157 ? 11.167  -13.984 -5.823  1.000 60.958  0 277 LEU A CG  1 ? 
ATOM   1143 C  CD1 . LEU A 1 157 ? 12.356  -14.717 -5.208  1.000 70.264  0 277 LEU A CD1 1 ? 
ATOM   1144 C  CD2 . LEU A 1 157 ? 11.604  -12.594 -6.246  1.000 59.318  0 277 LEU A CD2 1 ? 
ATOM   1145 N  N   . SER A 1 158 ? 7.948   -15.736 -8.899  1.000 41.292  0 278 SER A N   1 ? 
ATOM   1146 C  CA  . SER A 1 158 ? 7.514   -16.421 -10.144 1.000 46.581  0 278 SER A CA  1 ? 
ATOM   1147 C  C   . SER A 1 158 ? 6.549   -15.531 -10.928 1.000 45.682  0 278 SER A C   1 ? 
ATOM   1148 O  O   . SER A 1 158 ? 6.389   -15.802 -12.128 1.000 46.185  0 278 SER A O   1 ? 
ATOM   1149 C  CB  . SER A 1 158 ? 6.912   -17.792 -9.902  1.000 45.973  0 278 SER A CB  1 ? 
ATOM   1150 O  OG  . SER A 1 158 ? 6.093   -17.790 -8.750  1.000 56.934  0 278 SER A OG  1 ? 
ATOM   1151 N  N   . HIS A 1 159 ? 5.878   -14.563 -10.283 1.000 43.519  0 279 HIS A N   1 ? 
ATOM   1152 C  CA  . HIS A 1 159 ? 4.783   -13.773 -10.921 1.000 37.854  0 279 HIS A CA  1 ? 
ATOM   1153 C  C   . HIS A 1 159 ? 5.235   -12.350 -11.282 1.000 33.751  0 279 HIS A C   1 ? 
ATOM   1154 O  O   . HIS A 1 159 ? 4.583   -11.739 -12.136 1.000 38.289  0 279 HIS A O   1 ? 
ATOM   1155 C  CB  . HIS A 1 159 ? 3.516   -13.798 -10.063 1.000 43.388  0 279 HIS A CB  1 ? 
ATOM   1156 C  CG  . HIS A 1 159 ? 2.755   -15.078 -10.169 1.000 46.081  0 279 HIS A CG  1 ? 
ATOM   1157 N  ND1 . HIS A 1 159 ? 2.219   -15.524 -11.362 1.000 53.994  0 279 HIS A ND1 1 ? 
ATOM   1158 C  CD2 . HIS A 1 159 ? 2.440   -16.005 -9.244  1.000 52.578  0 279 HIS A CD2 1 ? 
ATOM   1159 C  CE1 . HIS A 1 159 ? 1.598   -16.668 -11.176 1.000 57.846  0 279 HIS A CE1 1 ? 
ATOM   1160 N  NE2 . HIS A 1 159 ? 1.708   -16.973 -9.879  1.000 60.959  0 279 HIS A NE2 1 ? 
ATOM   1161 N  N   . THR A 1 160 ? 6.300   -11.831 -10.680 1.000 32.030  0 280 THR A N   1 ? 
ATOM   1162 C  CA  . THR A 1 160 ? 6.729   -10.438 -10.892 1.000 33.831  0 280 THR A CA  1 ? 
ATOM   1163 C  C   . THR A 1 160 ? 7.263   -10.265 -12.325 1.000 35.434  0 280 THR A C   1 ? 
ATOM   1164 O  O   . THR A 1 160 ? 8.070   -11.043 -12.759 1.000 37.540  0 280 THR A O   1 ? 
ATOM   1165 C  CB  . THR A 1 160 ? 7.699   -10.003 -9.795  1.000 34.962  0 280 THR A CB  1 ? 
ATOM   1166 O  OG1 . THR A 1 160 ? 7.001   -9.941  -8.556  1.000 35.161  0 280 THR A OG1 1 ? 
ATOM   1167 C  CG2 . THR A 1 160 ? 8.297   -8.640  -10.049 1.000 38.185  0 280 THR A CG2 1 ? 
ATOM   1168 N  N   . ARG A 1 161 ? 6.762   -9.253  -13.037 1.000 43.618  0 281 ARG A N   1 ? 
ATOM   1169 C  CA  . ARG A 1 161 ? 7.218   -8.799  -14.380 1.000 35.149  0 281 ARG A CA  1 ? 
ATOM   1170 C  C   . ARG A 1 161 ? 7.458   -7.305  -14.237 1.000 31.138  0 281 ARG A C   1 ? 
ATOM   1171 O  O   . ARG A 1 161 ? 7.164   -6.745  -13.151 1.000 28.931  0 281 ARG A O   1 ? 
ATOM   1172 C  CB  . ARG A 1 161 ? 6.153   -9.098  -15.437 1.000 41.722  0 281 ARG A CB  1 ? 
ATOM   1173 C  CG  . ARG A 1 161 ? 5.584   -10.516 -15.407 1.000 47.614  0 281 ARG A CG  1 ? 
ATOM   1174 C  CD  . ARG A 1 161 ? 6.069   -11.400 -16.549 1.000 61.769  0 281 ARG A CD  1 ? 
ATOM   1175 N  NE  . ARG A 1 161 ? 5.787   -12.824 -16.359 1.000 72.542  0 281 ARG A NE  1 ? 
ATOM   1176 C  CZ  . ARG A 1 161 ? 6.481   -13.655 -15.555 1.000 79.847  0 281 ARG A CZ  1 ? 
ATOM   1177 N  NH1 . ARG A 1 161 ? 7.507   -13.241 -14.824 1.000 77.569  0 281 ARG A NH1 1 ? 
ATOM   1178 N  NH2 . ARG A 1 161 ? 6.122   -14.919 -15.461 1.000 83.841  0 281 ARG A NH2 1 ? 
ATOM   1179 N  N   . ASP A 1 162 ? 7.975   -6.669  -15.271 1.000 32.818  0 282 ASP A N   1 ? 
ATOM   1180 C  CA  . ASP A 1 162 ? 8.066   -5.180  -15.359 1.000 31.421  0 282 ASP A CA  1 ? 
ATOM   1181 C  C   . ASP A 1 162 ? 6.648   -4.585  -15.202 1.000 28.484  0 282 ASP A C   1 ? 
ATOM   1182 O  O   . ASP A 1 162 ? 5.692   -5.024  -15.885 1.000 25.909  0 282 ASP A O   1 ? 
ATOM   1183 C  CB  . ASP A 1 162 ? 8.769   -4.786  -16.661 1.000 29.376  0 282 ASP A CB  1 ? 
ATOM   1184 C  CG  . ASP A 1 162 ? 8.975   -3.305  -16.824 1.000 32.527  0 282 ASP A CG  1 ? 
ATOM   1185 O  OD1 . ASP A 1 162 ? 9.172   -2.643  -15.798 1.000 30.132  0 282 ASP A OD1 1 ? 
ATOM   1186 O  OD2 . ASP A 1 162 ? 8.894   -2.821  -17.986 1.000 43.195  0 282 ASP A OD2 1 ? 
ATOM   1187 N  N   . GLY A 1 163 ? 6.492   -3.643  -14.292 1.000 26.603  0 283 GLY A N   1 ? 
ATOM   1188 C  CA  . GLY A 1 163 ? 5.198   -2.996  -14.027 1.000 27.117  0 283 GLY A CA  1 ? 
ATOM   1189 C  C   . GLY A 1 163 ? 4.351   -3.728  -13.001 1.000 26.751  0 283 GLY A C   1 ? 
ATOM   1190 O  O   . GLY A 1 163 ? 3.207   -3.342  -12.794 1.000 27.488  0 283 GLY A O   1 ? 
ATOM   1191 N  N   . SER A 1 164 ? 4.889   -4.716  -12.308 1.000 26.972  0 284 SER A N   1 ? 
ATOM   1192 C  CA  . SER A 1 164 ? 4.146   -5.416  -11.242 1.000 24.393  0 284 SER A CA  1 ? 
ATOM   1193 C  C   . SER A 1 164 ? 3.915   -4.460  -10.071 1.000 21.607  0 284 SER A C   1 ? 
ATOM   1194 O  O   . SER A 1 164 ? 4.782   -3.637  -9.769  1.000 16.225  0 284 SER A O   1 ? 
ATOM   1195 C  CB  . SER A 1 164 ? 4.824   -6.682  -10.840 1.000 26.824  0 284 SER A CB  1 ? 
ATOM   1196 O  OG  . SER A 1 164 ? 4.541   -7.675  -11.817 1.000 31.574  0 284 SER A OG  1 ? 
ATOM   1197 N  N   . ILE A 1 165 ? 2.698   -4.562  -9.533  1.000 20.810  0 285 ILE A N   1 ? 
ATOM   1198 C  CA  . ILE A 1 165 ? 2.188   -3.938  -8.290  1.000 22.824  0 285 ILE A CA  1 ? 
ATOM   1199 C  C   . ILE A 1 165 ? 1.836   -5.111  -7.376  1.000 25.117  0 285 ILE A C   1 ? 
ATOM   1200 O  O   . ILE A 1 165 ? 0.947   -5.905  -7.727  1.000 21.359  0 285 ILE A O   1 ? 
ATOM   1201 C  CB  . ILE A 1 165 ? 0.976   -3.036  -8.601  1.000 22.638  0 285 ILE A CB  1 ? 
ATOM   1202 C  CG1 . ILE A 1 165 ? 1.275   -2.092  -9.762  1.000 25.585  0 285 ILE A CG1 1 ? 
ATOM   1203 C  CG2 . ILE A 1 165 ? 0.505   -2.257  -7.396  1.000 21.320  0 285 ILE A CG2 1 ? 
ATOM   1204 C  CD1 . ILE A 1 165 ? 0.138   -1.123  -10.070 1.000 23.360  0 285 ILE A CD1 1 ? 
ATOM   1205 N  N   . ILE A 1 166 ? 2.628   -5.299  -6.330  1.000 27.952  0 286 ILE A N   1 ? 
ATOM   1206 C  CA  . ILE A 1 166 ? 2.569   -6.515  -5.480  1.000 28.665  0 286 ILE A CA  1 ? 
ATOM   1207 C  C   . ILE A 1 166 ? 1.709   -6.141  -4.273  1.000 26.237  0 286 ILE A C   1 ? 
ATOM   1208 O  O   . ILE A 1 166 ? 2.105   -5.202  -3.522  1.000 24.126  0 286 ILE A O   1 ? 
ATOM   1209 C  CB  . ILE A 1 166 ? 3.994   -6.979  -5.059  1.000 33.027  0 286 ILE A CB  1 ? 
ATOM   1210 C  CG1 . ILE A 1 166 ? 4.902   -7.296  -6.249  1.000 33.995  0 286 ILE A CG1 1 ? 
ATOM   1211 C  CG2 . ILE A 1 166 ? 3.915   -8.163  -4.093  1.000 31.386  0 286 ILE A CG2 1 ? 
ATOM   1212 C  CD1 . ILE A 1 166 ? 6.390   -7.090  -5.938  1.000 38.297  0 286 ILE A CD1 1 ? 
ATOM   1213 N  N   . LEU A 1 167 ? 0.582   -6.828  -4.117  1.000 25.271  0 287 LEU A N   1 ? 
ATOM   1214 C  CA  . LEU A 1 167 ? -0.292  -6.696  -2.938  1.000 27.056  0 287 LEU A CA  1 ? 
ATOM   1215 C  C   . LEU A 1 167 ? 0.302   -7.488  -1.774  1.000 29.709  0 287 LEU A C   1 ? 
ATOM   1216 O  O   . LEU A 1 167 ? 0.253   -8.727  -1.815  1.000 27.910  0 287 LEU A O   1 ? 
ATOM   1217 C  CB  . LEU A 1 167 ? -1.671  -7.267  -3.232  1.000 25.109  0 287 LEU A CB  1 ? 
ATOM   1218 C  CG  . LEU A 1 167 ? -2.596  -7.266  -2.025  1.000 25.633  0 287 LEU A CG  1 ? 
ATOM   1219 C  CD1 . LEU A 1 167 ? -2.948  -5.815  -1.640  1.000 25.759  0 287 LEU A CD1 1 ? 
ATOM   1220 C  CD2 . LEU A 1 167 ? -3.852  -8.066  -2.369  1.000 28.442  0 287 LEU A CD2 1 ? 
ATOM   1221 N  N   . MET A 1 168 ? 0.703   -6.784  -0.727  1.000 34.605  0 288 MET A N   1 ? 
ATOM   1222 C  CA  . MET A 1 168 ? 1.030   -7.382  0.589   1.000 38.198  0 288 MET A CA  1 ? 
ATOM   1223 C  C   . MET A 1 168 ? 0.330   -6.572  1.679   1.000 37.666  0 288 MET A C   1 ? 
ATOM   1224 O  O   . MET A 1 168 ? -0.183  -5.454  1.379   1.000 35.323  0 288 MET A O   1 ? 
ATOM   1225 C  CB  . MET A 1 168 ? 2.546   -7.367  0.798   1.000 38.382  0 288 MET A CB  1 ? 
ATOM   1226 C  CG  . MET A 1 168 ? 3.256   -7.955  -0.402  1.000 42.910  0 288 MET A CG  1 ? 
ATOM   1227 S  SD  . MET A 1 168 ? 4.966   -8.348  -0.117  1.000 48.088  0 288 MET A SD  1 ? 
ATOM   1228 C  CE  . MET A 1 168 ? 4.711   -9.945  0.659   1.000 50.801  0 288 MET A CE  1 ? 
ATOM   1229 N  N   . HIS A 1 169 ? 0.363   -7.100  2.900   1.000 36.751  0 289 HIS A N   1 ? 
ATOM   1230 C  CA  . HIS A 1 169 ? -0.367  -6.537  4.048   1.000 35.646  0 289 HIS A CA  1 ? 
ATOM   1231 C  C   . HIS A 1 169 ? 0.633   -6.144  5.106   1.000 35.886  0 289 HIS A C   1 ? 
ATOM   1232 O  O   . HIS A 1 169 ? 1.661   -6.831  5.177   1.000 40.475  0 289 HIS A O   1 ? 
ATOM   1233 C  CB  . HIS A 1 169 ? -1.406  -7.527  4.510   1.000 35.353  0 289 HIS A CB  1 ? 
ATOM   1234 C  CG  . HIS A 1 169 ? -2.512  -7.666  3.528   1.000 33.676  0 289 HIS A CG  1 ? 
ATOM   1235 N  ND1 . HIS A 1 169 ? -2.396  -8.438  2.418   1.000 35.205  0 289 HIS A ND1 1 ? 
ATOM   1236 C  CD2 . HIS A 1 169 ? -3.751  -7.137  3.496   1.000 35.594  0 289 HIS A CD2 1 ? 
ATOM   1237 C  CE1 . HIS A 1 169 ? -3.541  -8.428  1.748   1.000 35.886  0 289 HIS A CE1 1 ? 
ATOM   1238 N  NE2 . HIS A 1 169 ? -4.389  -7.642  2.400   1.000 35.015  0 289 HIS A NE2 1 ? 
ATOM   1239 N  N   . GLU A 1 170 ? 0.369   -5.019  5.779   1.000 34.169  0 290 GLU A N   1 ? 
ATOM   1240 C  CA  . GLU A 1 170 ? 1.075   -4.588  7.010   1.000 35.287  0 290 GLU A CA  1 ? 
ATOM   1241 C  C   . GLU A 1 170 ? 0.645   -5.536  8.134   1.000 34.199  0 290 GLU A C   1 ? 
ATOM   1242 O  O   . GLU A 1 170 ? -0.328  -6.257  7.925   1.000 29.589  0 290 GLU A O   1 ? 
ATOM   1243 C  CB  . GLU A 1 170 ? 0.735   -3.148  7.382   1.000 31.242  0 290 GLU A CB  1 ? 
ATOM   1244 C  CG  . GLU A 1 170 ? 1.463   -2.104  6.591   1.000 31.532  0 290 GLU A CG  1 ? 
ATOM   1245 C  CD  . GLU A 1 170 ? 1.798   -0.878  7.417   1.000 34.018  0 290 GLU A CD  1 ? 
ATOM   1246 O  OE1 . GLU A 1 170 ? 1.315   0.203   7.097   1.000 33.285  0 290 GLU A OE1 1 ? 
ATOM   1247 O  OE2 . GLU A 1 170 ? 2.598   -1.012  8.377   1.000 47.994  0 290 GLU A OE2 1 ? 
ATOM   1248 N  N   . GLY A 1 171 ? 1.368   -5.530  9.257   1.000 43.481  0 291 GLY A N   1 ? 
ATOM   1249 C  CA  . GLY A 1 171 ? 1.024   -6.256  10.507  1.000 47.400  0 291 GLY A CA  1 ? 
ATOM   1250 C  C   . GLY A 1 171 ? 1.109   -7.775  10.387  1.000 46.909  0 291 GLY A C   1 ? 
ATOM   1251 O  O   . GLY A 1 171 ? 0.379   -8.446  11.116  1.000 45.285  0 291 GLY A O   1 ? 
ATOM   1252 N  N   . LYS A 1 172 ? 1.942   -8.308  9.491   1.000 50.920  0 292 LYS A N   1 ? 
ATOM   1253 C  CA  . LYS A 1 172 ? 2.092   -9.772  9.256   1.000 58.635  0 292 LYS A CA  1 ? 
ATOM   1254 C  C   . LYS A 1 172 ? 3.547   -10.163 9.512   1.000 69.179  0 292 LYS A C   1 ? 
ATOM   1255 O  O   . LYS A 1 172 ? 4.427   -9.632  8.837   1.000 67.661  0 292 LYS A O   1 ? 
ATOM   1256 C  CB  . LYS A 1 172 ? 1.694   -10.121 7.821   1.000 59.126  0 292 LYS A CB  1 ? 
ATOM   1257 C  CG  . LYS A 1 172 ? 0.389   -10.884 7.673   1.000 67.525  0 292 LYS A CG  1 ? 
ATOM   1258 C  CD  . LYS A 1 172 ? -0.839  -10.161 8.181   1.000 73.429  0 292 LYS A CD  1 ? 
ATOM   1259 C  CE  . LYS A 1 172 ? -2.112  -10.859 7.743   1.000 78.533  0 292 LYS A CE  1 ? 
ATOM   1260 N  NZ  . LYS A 1 172 ? -3.211  -10.645 8.709   1.000 84.670  0 292 LYS A NZ  1 ? 
ATOM   1261 N  N   . PRO A 1 173 ? 3.884   -11.079 10.462  1.000 72.856  0 293 PRO A N   1 ? 
ATOM   1262 C  CA  . PRO A 1 173 ? 5.297   -11.376 10.725  1.000 63.708  0 293 PRO A CA  1 ? 
ATOM   1263 C  C   . PRO A 1 173 ? 5.860   -12.228 9.565   1.000 51.547  0 293 PRO A C   1 ? 
ATOM   1264 O  O   . PRO A 1 173 ? 6.987   -11.998 9.148   1.000 48.768  0 293 PRO A O   1 ? 
ATOM   1265 C  CB  . PRO A 1 173 ? 5.279   -12.048 12.113  1.000 68.367  0 293 PRO A CB  1 ? 
ATOM   1266 C  CG  . PRO A 1 173 ? 3.805   -12.034 12.565  1.000 66.407  0 293 PRO A CG  1 ? 
ATOM   1267 C  CD  . PRO A 1 173 ? 2.979   -11.887 11.300  1.000 67.357  0 293 PRO A CD  1 ? 
ATOM   1268 N  N   . SER A 1 174 ? 5.033   -13.102 8.991   1.000 43.972  0 294 SER A N   1 ? 
ATOM   1269 C  CA  . SER A 1 174 ? 5.368   -13.959 7.820   1.000 55.512  0 294 SER A CA  1 ? 
ATOM   1270 C  C   . SER A 1 174 ? 5.628   -13.110 6.563   1.000 62.596  0 294 SER A C   1 ? 
ATOM   1271 O  O   . SER A 1 174 ? 6.239   -13.627 5.608   1.000 60.983  0 294 SER A O   1 ? 
ATOM   1272 C  CB  . SER A 1 174 ? 4.275   -14.964 7.580   1.000 60.207  0 294 SER A CB  1 ? 
ATOM   1273 O  OG  . SER A 1 174 ? 3.018   -14.385 7.918   1.000 76.315  0 294 SER A OG  1 ? 
ATOM   1274 N  N   . THR A 1 175 ? 5.170   -11.856 6.550   1.000 58.691  0 295 THR A N   1 ? 
ATOM   1275 C  CA  . THR A 1 175 ? 5.460   -10.853 5.491   1.000 48.784  0 295 THR A CA  1 ? 
ATOM   1276 C  C   . THR A 1 175 ? 6.748   -10.100 5.864   1.000 41.020  0 295 THR A C   1 ? 
ATOM   1277 O  O   . THR A 1 175 ? 7.608   -9.918  4.986   1.000 47.506  0 295 THR A O   1 ? 
ATOM   1278 C  CB  . THR A 1 175 ? 4.207   -9.982  5.261   1.000 45.893  0 295 THR A CB  1 ? 
ATOM   1279 O  OG1 . THR A 1 175 ? 3.232   -10.870 4.713   1.000 50.963  0 295 THR A OG1 1 ? 
ATOM   1280 C  CG2 . THR A 1 175 ? 4.442   -8.791  4.364   1.000 41.705  0 295 THR A CG2 1 ? 
ATOM   1281 N  N   . LEU A 1 176 ? 6.900   -9.669  7.111   1.000 42.585  0 296 LEU A N   1 ? 
ATOM   1282 C  CA  . LEU A 1 176 ? 8.168   -9.054  7.611   1.000 47.396  0 296 LEU A CA  1 ? 
ATOM   1283 C  C   . LEU A 1 176 ? 9.354   -9.978  7.318   1.000 50.376  0 296 LEU A C   1 ? 
ATOM   1284 O  O   . LEU A 1 176 ? 10.453  -9.449  7.029   1.000 55.530  0 296 LEU A O   1 ? 
ATOM   1285 C  CB  . LEU A 1 176 ? 8.095   -8.818  9.117   1.000 46.025  0 296 LEU A CB  1 ? 
ATOM   1286 C  CG  . LEU A 1 176 ? 9.319   -8.122  9.704   1.000 43.500  0 296 LEU A CG  1 ? 
ATOM   1287 C  CD1 . LEU A 1 176 ? 9.712   -6.890  8.906   1.000 46.358  0 296 LEU A CD1 1 ? 
ATOM   1288 C  CD2 . LEU A 1 176 ? 9.065   -7.759  11.155  1.000 44.991  0 296 LEU A CD2 1 ? 
ATOM   1289 N  N   . ALA A 1 177 ? 9.125   -11.293 7.388   1.000 48.553  0 297 ALA A N   1 ? 
ATOM   1290 C  CA  . ALA A 1 177 ? 10.160  -12.329 7.169   1.000 59.229  0 297 ALA A CA  1 ? 
ATOM   1291 C  C   . ALA A 1 177 ? 10.502  -12.389 5.677   1.000 57.044  0 297 ALA A C   1 ? 
ATOM   1292 O  O   . ALA A 1 177 ? 11.690  -12.457 5.364   1.000 56.729  0 297 ALA A O   1 ? 
ATOM   1293 C  CB  . ALA A 1 177 ? 9.695   -13.675 7.689   1.000 60.114  0 297 ALA A CB  1 ? 
ATOM   1294 N  N   . ALA A 1 178 ? 9.512   -12.343 4.785   1.000 51.319  0 298 ALA A N   1 ? 
ATOM   1295 C  CA  . ALA A 1 178 ? 9.739   -12.545 3.335   1.000 46.057  0 298 ALA A CA  1 ? 
ATOM   1296 C  C   . ALA A 1 178 ? 10.443  -11.341 2.713   1.000 47.417  0 298 ALA A C   1 ? 
ATOM   1297 O  O   . ALA A 1 178 ? 11.073  -11.504 1.656   1.000 54.222  0 298 ALA A O   1 ? 
ATOM   1298 C  CB  . ALA A 1 178 ? 8.458   -12.830 2.626   1.000 46.301  0 298 ALA A CB  1 ? 
ATOM   1299 N  N   . LEU A 1 179 ? 10.350  -10.167 3.324   1.000 52.072  0 299 LEU A N   1 ? 
ATOM   1300 C  CA  . LEU A 1 179 ? 10.734  -8.916  2.620   1.000 52.078  0 299 LEU A CA  1 ? 
ATOM   1301 C  C   . LEU A 1 179 ? 12.160  -8.990  2.091   1.000 52.161  0 299 LEU A C   1 ? 
ATOM   1302 O  O   . LEU A 1 179 ? 12.368  -8.643  0.925   1.000 58.317  0 299 LEU A O   1 ? 
ATOM   1303 C  CB  . LEU A 1 179 ? 10.524  -7.684  3.506   1.000 51.076  0 299 LEU A CB  1 ? 
ATOM   1304 C  CG  . LEU A 1 179 ? 9.104   -7.118  3.526   1.000 53.623  0 299 LEU A CG  1 ? 
ATOM   1305 C  CD1 . LEU A 1 179 ? 9.130   -5.678  4.015   1.000 54.340  0 299 LEU A CD1 1 ? 
ATOM   1306 C  CD2 . LEU A 1 179 ? 8.428   -7.203  2.156   1.000 54.484  0 299 LEU A CD2 1 ? 
ATOM   1307 N  N   . PRO A 1 180 ? 13.185  -9.386  2.896   1.000 56.975  0 300 PRO A N   1 ? 
ATOM   1308 C  CA  . PRO A 1 180 ? 14.578  -9.180  2.478   1.000 51.358  0 300 PRO A CA  1 ? 
ATOM   1309 C  C   . PRO A 1 180 ? 15.004  -10.163 1.365   1.000 47.166  0 300 PRO A C   1 ? 
ATOM   1310 O  O   . PRO A 1 180 ? 15.722  -9.758  0.453   1.000 49.249  0 300 PRO A O   1 ? 
ATOM   1311 C  CB  . PRO A 1 180 ? 15.357  -9.264  3.800   1.000 51.374  0 300 PRO A CB  1 ? 
ATOM   1312 C  CG  . PRO A 1 180 ? 14.280  -9.284  4.897   1.000 54.806  0 300 PRO A CG  1 ? 
ATOM   1313 C  CD  . PRO A 1 180 ? 13.092  -9.958  4.251   1.000 52.995  0 300 PRO A CD  1 ? 
ATOM   1314 N  N   . GLN A 1 181 ? 14.499  -11.390 1.387   1.000 45.923  0 301 GLN A N   1 ? 
ATOM   1315 C  CA  . GLN A 1 181 ? 14.658  -12.334 0.253   1.000 53.489  0 301 GLN A CA  1 ? 
ATOM   1316 C  C   . GLN A 1 181 ? 14.058  -11.715 -1.017  1.000 56.909  0 301 GLN A C   1 ? 
ATOM   1317 O  O   . GLN A 1 181 ? 14.817  -11.567 -2.007  1.000 59.669  0 301 GLN A O   1 ? 
ATOM   1318 C  CB  . GLN A 1 181 ? 14.001  -13.681 0.560   1.000 59.297  0 301 GLN A CB  1 ? 
ATOM   1319 C  CG  . GLN A 1 181 ? 14.888  -14.649 1.342   1.000 70.595  0 301 GLN A CG  1 ? 
ATOM   1320 C  CD  . GLN A 1 181 ? 14.078  -15.792 1.920   1.000 77.382  0 301 GLN A CD  1 ? 
ATOM   1321 O  OE1 . GLN A 1 181 ? 13.464  -15.678 2.983   1.000 71.942  0 301 GLN A OE1 1 ? 
ATOM   1322 N  NE2 . GLN A 1 181 ? 14.034  -16.905 1.204   1.000 75.330  0 301 GLN A NE2 1 ? 
ATOM   1323 N  N   . ILE A 1 182 ? 12.760  -11.354 -0.992  1.000 57.734  0 302 ILE A N   1 ? 
ATOM   1324 C  CA  . ILE A 1 182 ? 12.026  -10.751 -2.149  1.000 44.322  0 302 ILE A CA  1 ? 
ATOM   1325 C  C   . ILE A 1 182 ? 12.868  -9.620  -2.729  1.000 39.335  0 302 ILE A C   1 ? 
ATOM   1326 O  O   . ILE A 1 182 ? 13.172  -9.657  -3.944  1.000 35.247  0 302 ILE A O   1 ? 
ATOM   1327 C  CB  . ILE A 1 182 ? 10.635  -10.252 -1.735  1.000 48.213  0 302 ILE A CB  1 ? 
ATOM   1328 C  CG1 . ILE A 1 182 ? 9.667   -11.426 -1.609  1.000 47.384  0 302 ILE A CG1 1 ? 
ATOM   1329 C  CG2 . ILE A 1 182 ? 10.108  -9.209  -2.716  1.000 48.614  0 302 ILE A CG2 1 ? 
ATOM   1330 C  CD1 . ILE A 1 182 ? 8.511   -11.129 -0.713  1.000 47.319  0 302 ILE A CD1 1 ? 
ATOM   1331 N  N   . ILE A 1 183 ? 13.246  -8.671  -1.883  1.000 32.921  0 303 ILE A N   1 ? 
ATOM   1332 C  CA  . ILE A 1 183 ? 14.005  -7.469  -2.312  1.000 40.175  0 303 ILE A CA  1 ? 
ATOM   1333 C  C   . ILE A 1 183 ? 15.294  -7.914  -2.998  1.000 52.729  0 303 ILE A C   1 ? 
ATOM   1334 O  O   . ILE A 1 183 ? 15.630  -7.366  -4.089  1.000 63.288  0 303 ILE A O   1 ? 
ATOM   1335 C  CB  . ILE A 1 183 ? 14.265  -6.551  -1.111  1.000 37.549  0 303 ILE A CB  1 ? 
ATOM   1336 C  CG1 . ILE A 1 183 ? 12.945  -5.966  -0.604  1.000 39.790  0 303 ILE A CG1 1 ? 
ATOM   1337 C  CG2 . ILE A 1 183 ? 15.284  -5.483  -1.445  1.000 35.303  0 303 ILE A CG2 1 ? 
ATOM   1338 C  CD1 . ILE A 1 183 ? 13.094  -4.891  0.441   1.000 43.560  0 303 ILE A CD1 1 ? 
ATOM   1339 N  N   . LYS A 1 184 ? 15.969  -8.881  -2.376  1.000 60.637  0 304 LYS A N   1 ? 
ATOM   1340 C  CA  . LYS A 1 184 ? 17.345  -9.298  -2.725  1.000 57.151  0 304 LYS A CA  1 ? 
ATOM   1341 C  C   . LYS A 1 184 ? 17.308  -9.963  -4.105  1.000 48.191  0 304 LYS A C   1 ? 
ATOM   1342 O  O   . LYS A 1 184 ? 18.112  -9.564  -4.961  1.000 44.423  0 304 LYS A O   1 ? 
ATOM   1343 C  CB  . LYS A 1 184 ? 17.892  -10.206 -1.617  1.000 63.794  0 304 LYS A CB  1 ? 
ATOM   1344 C  CG  . LYS A 1 184 ? 19.238  -10.847 -1.925  1.000 73.702  0 304 LYS A CG  1 ? 
ATOM   1345 C  CD  . LYS A 1 184 ? 20.384  -9.844  -2.028  1.000 78.745  0 304 LYS A CD  1 ? 
ATOM   1346 C  CE  . LYS A 1 184 ? 21.393  -9.989  -0.905  1.000 78.608  0 304 LYS A CE  1 ? 
ATOM   1347 N  NZ  . LYS A 1 184 ? 22.018  -11.337 -0.925  1.000 71.306  0 304 LYS A NZ  1 ? 
ATOM   1348 N  N   . LYS A 1 185 ? 16.418  -10.939 -4.290  1.000 44.799  0 305 LYS A N   1 ? 
ATOM   1349 C  CA  . LYS A 1 185 ? 16.258  -11.693 -5.556  1.000 52.133  0 305 LYS A CA  1 ? 
ATOM   1350 C  C   . LYS A 1 185 ? 15.867  -10.717 -6.674  1.000 56.812  0 305 LYS A C   1 ? 
ATOM   1351 O  O   . LYS A 1 185 ? 16.499  -10.789 -7.750  1.000 61.022  0 305 LYS A O   1 ? 
ATOM   1352 C  CB  . LYS A 1 185 ? 15.235  -12.820 -5.388  1.000 58.480  0 305 LYS A CB  1 ? 
ATOM   1353 C  CG  . LYS A 1 185 ? 15.779  -14.166 -4.901  1.000 74.854  0 305 LYS A CG  1 ? 
ATOM   1354 C  CD  . LYS A 1 185 ? 16.723  -14.119 -3.671  1.000 84.427  0 305 LYS A CD  1 ? 
ATOM   1355 C  CE  . LYS A 1 185 ? 16.308  -14.964 -2.471  1.000 84.237  0 305 LYS A CE  1 ? 
ATOM   1356 N  NZ  . LYS A 1 185 ? 15.785  -16.300 -2.851  1.000 82.520  0 305 LYS A NZ  1 ? 
ATOM   1357 N  N   . LEU A 1 186 ? 14.927  -9.793  -6.422  1.000 51.437  0 306 LEU A N   1 ? 
ATOM   1358 C  CA  . LEU A 1 186 ? 14.397  -8.906  -7.497  1.000 48.807  0 306 LEU A CA  1 ? 
ATOM   1359 C  C   . LEU A 1 186 ? 15.454  -7.854  -7.819  1.000 47.282  0 306 LEU A C   1 ? 
ATOM   1360 O  O   . LEU A 1 186 ? 15.519  -7.429  -8.999  1.000 46.036  0 306 LEU A O   1 ? 
ATOM   1361 C  CB  . LEU A 1 186 ? 13.056  -8.258  -7.115  1.000 45.786  0 306 LEU A CB  1 ? 
ATOM   1362 C  CG  . LEU A 1 186 ? 11.827  -9.176  -7.147  1.000 41.499  0 306 LEU A CG  1 ? 
ATOM   1363 C  CD1 . LEU A 1 186 ? 10.611  -8.464  -6.598  1.000 39.679  0 306 LEU A CD1 1 ? 
ATOM   1364 C  CD2 . LEU A 1 186 ? 11.541  -9.696  -8.548  1.000 45.926  0 306 LEU A CD2 1 ? 
ATOM   1365 N  N   . LYS A 1 187 ? 16.275  -7.466  -6.845  1.000 42.840  0 307 LYS A N   1 ? 
ATOM   1366 C  CA  . LYS A 1 187 ? 17.441  -6.606  -7.161  1.000 46.166  0 307 LYS A CA  1 ? 
ATOM   1367 C  C   . LYS A 1 187 ? 18.409  -7.381  -8.065  1.000 52.494  0 307 LYS A C   1 ? 
ATOM   1368 O  O   . LYS A 1 187 ? 18.956  -6.760  -9.007  1.000 51.667  0 307 LYS A O   1 ? 
ATOM   1369 C  CB  . LYS A 1 187 ? 18.086  -6.063  -5.893  1.000 50.594  0 307 LYS A CB  1 ? 
ATOM   1370 C  CG  . LYS A 1 187 ? 17.792  -4.593  -5.643  1.000 52.558  0 307 LYS A CG  1 ? 
ATOM   1371 C  CD  . LYS A 1 187 ? 17.892  -4.136  -4.197  1.000 54.211  0 307 LYS A CD  1 ? 
ATOM   1372 C  CE  . LYS A 1 187 ? 18.049  -2.627  -4.115  1.000 59.757  0 307 LYS A CE  1 ? 
ATOM   1373 N  NZ  . LYS A 1 187 ? 18.691  -2.214  -2.851  1.000 58.929  0 307 LYS A NZ  1 ? 
ATOM   1374 N  N   . GLU A 1 188 ? 18.543  -8.694  -7.850  1.000 58.376  0 308 GLU A N   1 ? 
ATOM   1375 C  CA  . GLU A 1 188 ? 19.486  -9.568  -8.603  1.000 65.034  0 308 GLU A CA  1 ? 
ATOM   1376 C  C   . GLU A 1 188 ? 18.950  -9.746  -10.022 1.000 61.216  0 308 GLU A C   1 ? 
ATOM   1377 O  O   . GLU A 1 188 ? 19.766  -9.744  -10.962 1.000 57.709  0 308 GLU A O   1 ? 
ATOM   1378 C  CB  . GLU A 1 188 ? 19.688  -10.932 -7.926  1.000 69.400  0 308 GLU A CB  1 ? 
ATOM   1379 C  CG  . GLU A 1 188 ? 20.592  -10.890 -6.692  1.000 70.966  0 308 GLU A CG  1 ? 
ATOM   1380 C  CD  . GLU A 1 188 ? 20.557  -12.115 -5.769  1.000 79.113  0 308 GLU A CD  1 ? 
ATOM   1381 O  OE1 . GLU A 1 188 ? 19.765  -13.081 -6.017  1.000 73.886  0 308 GLU A OE1 1 ? 
ATOM   1382 O  OE2 . GLU A 1 188 ? 21.323  -12.107 -4.777  1.000 73.470  0 308 GLU A OE2 1 ? 
ATOM   1383 N  N   . GLU A 1 189 ? 17.629  -9.872  -10.160 1.000 56.674  0 309 GLU A N   1 ? 
ATOM   1384 C  CA  . GLU A 1 189 ? 16.944  -10.014 -11.473 1.000 52.402  0 309 GLU A CA  1 ? 
ATOM   1385 C  C   . GLU A 1 189 ? 16.907  -8.674  -12.231 1.000 47.350  0 309 GLU A C   1 ? 
ATOM   1386 O  O   . GLU A 1 189 ? 16.510  -8.713  -13.399 1.000 48.767  0 309 GLU A O   1 ? 
ATOM   1387 C  CB  . GLU A 1 189 ? 15.558  -10.619 -11.280 1.000 56.382  0 309 GLU A CB  1 ? 
ATOM   1388 C  CG  . GLU A 1 189 ? 15.594  -12.098 -10.913 1.000 64.298  0 309 GLU A CG  1 ? 
ATOM   1389 C  CD  . GLU A 1 189 ? 15.307  -13.027 -12.088 1.000 77.497  0 309 GLU A CD  1 ? 
ATOM   1390 O  OE1 . GLU A 1 189 ? 14.112  -13.278 -12.380 1.000 85.513  0 309 GLU A OE1 1 ? 
ATOM   1391 O  OE2 . GLU A 1 189 ? 16.274  -13.473 -12.733 1.000 81.851  0 309 GLU A OE2 1 ? 
ATOM   1392 N  N   . GLY A 1 190 ? 17.353  -7.552  -11.648 1.000 42.582  0 310 GLY A N   1 ? 
ATOM   1393 C  CA  . GLY A 1 190 ? 17.548  -6.267  -12.363 1.000 48.926  0 310 GLY A CA  1 ? 
ATOM   1394 C  C   . GLY A 1 190 ? 16.381  -5.281  -12.215 1.000 53.592  0 310 GLY A C   1 ? 
ATOM   1395 O  O   . GLY A 1 190 ? 16.288  -4.327  -13.031 1.000 58.711  0 310 GLY A O   1 ? 
ATOM   1396 N  N   . TYR A 1 191 ? 15.523  -5.481  -11.210 1.000 46.943  0 311 TYR A N   1 ? 
ATOM   1397 C  CA  . TYR A 1 191 ? 14.351  -4.631  -10.891 1.000 40.406  0 311 TYR A CA  1 ? 
ATOM   1398 C  C   . TYR A 1 191 ? 14.790  -3.447  -10.029 1.000 39.199  0 311 TYR A C   1 ? 
ATOM   1399 O  O   . TYR A 1 191 ? 15.540  -3.637  -9.074  1.000 45.811  0 311 TYR A O   1 ? 
ATOM   1400 C  CB  . TYR A 1 191 ? 13.287  -5.451  -10.162 1.000 35.812  0 311 TYR A CB  1 ? 
ATOM   1401 C  CG  . TYR A 1 191 ? 12.514  -6.392  -11.043 1.000 35.416  0 311 TYR A CG  1 ? 
ATOM   1402 C  CD1 . TYR A 1 191 ? 11.391  -5.945  -11.728 1.000 36.564  0 311 TYR A CD1 1 ? 
ATOM   1403 C  CD2 . TYR A 1 191 ? 12.893  -7.711  -11.213 1.000 38.134  0 311 TYR A CD2 1 ? 
ATOM   1404 C  CE1 . TYR A 1 191 ? 10.681  -6.778  -12.575 1.000 33.625  0 311 TYR A CE1 1 ? 
ATOM   1405 C  CE2 . TYR A 1 191 ? 12.162  -8.575  -12.022 1.000 38.005  0 311 TYR A CE2 1 ? 
ATOM   1406 C  CZ  . TYR A 1 191 ? 11.058  -8.099  -12.716 1.000 36.805  0 311 TYR A CZ  1 ? 
ATOM   1407 O  OH  . TYR A 1 191 ? 10.297  -8.915  -13.505 1.000 36.933  0 311 TYR A OH  1 ? 
ATOM   1408 N  N   . LYS A 1 192 ? 14.306  -2.255  -10.364 1.000 38.272  0 312 LYS A N   1 ? 
ATOM   1409 C  CA  . LYS A 1 192 ? 14.347  -1.052  -9.503  1.000 38.124  0 312 LYS A CA  1 ? 
ATOM   1410 C  C   . LYS A 1 192 ? 13.003  -0.976  -8.742  1.000 42.908  0 312 LYS A C   1 ? 
ATOM   1411 O  O   . LYS A 1 192 ? 11.913  -1.378  -9.302  1.000 37.006  0 312 LYS A O   1 ? 
ATOM   1412 C  CB  . LYS A 1 192 ? 14.656  0.156   -10.390 1.000 41.260  0 312 LYS A CB  1 ? 
ATOM   1413 C  CG  . LYS A 1 192 ? 14.776  1.485   -9.660  1.000 51.308  0 312 LYS A CG  1 ? 
ATOM   1414 C  CD  . LYS A 1 192 ? 14.936  2.677   -10.579 1.000 56.506  0 312 LYS A CD  1 ? 
ATOM   1415 C  CE  . LYS A 1 192 ? 14.637  3.973   -9.852  1.000 63.987  0 312 LYS A CE  1 ? 
ATOM   1416 N  NZ  . LYS A 1 192 ? 14.759  5.161   -10.733 1.000 70.906  0 312 LYS A NZ  1 ? 
ATOM   1417 N  N   . PHE A 1 193 ? 13.045  -0.539  -7.483  1.000 36.345  0 313 PHE A N   1 ? 
ATOM   1418 C  CA  . PHE A 1 193 ? 11.858  -0.491  -6.593  1.000 32.702  0 313 PHE A CA  1 ? 
ATOM   1419 C  C   . PHE A 1 193 ? 11.311  0.918   -6.673  1.000 29.660  0 313 PHE A C   1 ? 
ATOM   1420 O  O   . PHE A 1 193 ? 12.085  1.845   -6.533  1.000 28.572  0 313 PHE A O   1 ? 
ATOM   1421 C  CB  . PHE A 1 193 ? 12.218  -0.937  -5.171  1.000 36.793  0 313 PHE A CB  1 ? 
ATOM   1422 C  CG  . PHE A 1 193 ? 12.198  -2.440  -4.986  1.000 34.475  0 313 PHE A CG  1 ? 
ATOM   1423 C  CD1 . PHE A 1 193 ? 11.061  -3.086  -4.562  1.000 33.055  0 313 PHE A CD1 1 ? 
ATOM   1424 C  CD2 . PHE A 1 193 ? 13.315  -3.210  -5.264  1.000 40.735  0 313 PHE A CD2 1 ? 
ATOM   1425 C  CE1 . PHE A 1 193 ? 11.017  -4.464  -4.449  1.000 36.331  0 313 PHE A CE1 1 ? 
ATOM   1426 C  CE2 . PHE A 1 193 ? 13.294  -4.587  -5.098  1.000 39.968  0 313 PHE A CE2 1 ? 
ATOM   1427 C  CZ  . PHE A 1 193 ? 12.137  -5.213  -4.717  1.000 41.359  0 313 PHE A CZ  1 ? 
ATOM   1428 N  N   . VAL A 1 194 ? 10.027  1.079   -7.012  1.000 30.539  0 314 VAL A N   1 ? 
ATOM   1429 C  CA  . VAL A 1 194 ? 9.444   2.453   -7.165  1.000 26.882  0 314 VAL A CA  1 ? 
ATOM   1430 C  C   . VAL A 1 194 ? 8.165   2.549   -6.344  1.000 23.140  0 314 VAL A C   1 ? 
ATOM   1431 O  O   . VAL A 1 194 ? 7.559   1.521   -6.098  1.000 22.622  0 314 VAL A O   1 ? 
ATOM   1432 C  CB  . VAL A 1 194 ? 9.188   2.817   -8.647  1.000 31.069  0 314 VAL A CB  1 ? 
ATOM   1433 C  CG1 . VAL A 1 194 ? 10.488  3.005   -9.426  1.000 28.108  0 314 VAL A CG1 1 ? 
ATOM   1434 C  CG2 . VAL A 1 194 ? 8.281   1.809   -9.343  1.000 30.321  0 314 VAL A CG2 1 ? 
ATOM   1435 N  N   . THR A 1 195 ? 7.752   3.760   -5.979  1.000 24.935  0 315 THR A N   1 ? 
ATOM   1436 C  CA  . THR A 1 195 ? 6.361   4.003   -5.512  1.000 27.132  0 315 THR A CA  1 ? 
ATOM   1437 C  C   . THR A 1 195 ? 5.369   3.752   -6.655  1.000 26.947  0 315 THR A C   1 ? 
ATOM   1438 O  O   . THR A 1 195 ? 5.755   3.794   -7.879  1.000 22.882  0 315 THR A O   1 ? 
ATOM   1439 C  CB  . THR A 1 195 ? 6.145   5.412   -4.979  1.000 30.071  0 315 THR A CB  1 ? 
ATOM   1440 O  OG1 . THR A 1 195 ? 6.185   6.276   -6.108  1.000 29.425  0 315 THR A OG1 1 ? 
ATOM   1441 C  CG2 . THR A 1 195 ? 7.161   5.801   -3.926  1.000 31.923  0 315 THR A CG2 1 ? 
ATOM   1442 N  N   . VAL A 1 196 ? 4.115   3.528   -6.281  1.000 25.043  0 316 VAL A N   1 ? 
ATOM   1443 C  CA  . VAL A 1 196 ? 3.059   3.271   -7.289  1.000 24.096  0 316 VAL A CA  1 ? 
ATOM   1444 C  C   . VAL A 1 196 ? 2.946   4.495   -8.200  1.000 22.389  0 316 VAL A C   1 ? 
ATOM   1445 O  O   . VAL A 1 196 ? 2.833   4.324   -9.415  1.000 20.309  0 316 VAL A O   1 ? 
ATOM   1446 C  CB  . VAL A 1 196 ? 1.716   2.879   -6.667  1.000 23.706  0 316 VAL A CB  1 ? 
ATOM   1447 C  CG1 . VAL A 1 196 ? 0.635   2.855   -7.755  1.000 24.777  0 316 VAL A CG1 1 ? 
ATOM   1448 C  CG2 . VAL A 1 196 ? 1.794   1.531   -5.962  1.000 20.125  0 316 VAL A CG2 1 ? 
ATOM   1449 N  N   . SER A 1 197 ? 2.978   5.682   -7.648  1.000 22.057  0 317 SER A N   1 ? 
ATOM   1450 C  CA  . SER A 1 197 ? 2.926   6.904   -8.472  1.000 24.876  0 317 SER A CA  1 ? 
ATOM   1451 C  C   . SER A 1 197 ? 4.126   6.947   -9.414  1.000 25.633  0 317 SER A C   1 ? 
ATOM   1452 O  O   . SER A 1 197 ? 3.946   7.329   -10.569 1.000 28.701  0 317 SER A O   1 ? 
ATOM   1453 C  CB  . SER A 1 197 ? 2.818   8.158   -7.660  1.000 24.146  0 317 SER A CB  1 ? 
ATOM   1454 O  OG  . SER A 1 197 ? 1.533   8.215   -7.095  1.000 23.280  0 317 SER A OG  1 ? 
ATOM   1455 N  N   . GLU A 1 198 ? 5.317   6.571   -8.997  1.000 27.889  0 318 GLU A N   1 ? 
ATOM   1456 C  CA  . GLU A 1 198 ? 6.418   6.763   -9.970  1.000 28.767  0 318 GLU A CA  1 ? 
ATOM   1457 C  C   . GLU A 1 198 ? 6.332   5.601   -10.979 1.000 27.382  0 318 GLU A C   1 ? 
ATOM   1458 O  O   . GLU A 1 198 ? 6.588   5.870   -12.144 1.000 25.184  0 318 GLU A O   1 ? 
ATOM   1459 C  CB  . GLU A 1 198 ? 7.700   7.238   -9.269  1.000 32.181  0 318 GLU A CB  1 ? 
ATOM   1460 C  CG  . GLU A 1 198 ? 8.426   6.198   -8.459  1.000 43.425  0 318 GLU A CG  1 ? 
ATOM   1461 C  CD  . GLU A 1 198 ? 9.389   6.655   -7.350  1.000 41.632  0 318 GLU A CD  1 ? 
ATOM   1462 O  OE1 . GLU A 1 198 ? 9.862   5.758   -6.653  1.000 38.642  0 318 GLU A OE1 1 ? 
ATOM   1463 O  OE2 . GLU A 1 198 ? 9.644   7.875   -7.165  1.000 40.496  0 318 GLU A OE2 1 ? 
ATOM   1464 N  N   . LEU A 1 199 ? 5.730   4.444   -10.648 1.000 23.876  0 319 LEU A N   1 ? 
ATOM   1465 C  CA  . LEU A 1 199 ? 5.555   3.339   -11.627 1.000 21.951  0 319 LEU A CA  1 ? 
ATOM   1466 C  C   . LEU A 1 199 ? 4.599   3.744   -12.768 1.000 22.493  0 319 LEU A C   1 ? 
ATOM   1467 O  O   . LEU A 1 199 ? 4.838   3.346   -13.904 1.000 20.231  0 319 LEU A O   1 ? 
ATOM   1468 C  CB  . LEU A 1 199 ? 4.988   2.117   -10.903 1.000 24.953  0 319 LEU A CB  1 ? 
ATOM   1469 C  CG  . LEU A 1 199 ? 4.832   0.864   -11.760 1.000 25.119  0 319 LEU A CG  1 ? 
ATOM   1470 C  CD1 . LEU A 1 199 ? 6.182   0.202   -11.980 1.000 28.794  0 319 LEU A CD1 1 ? 
ATOM   1471 C  CD2 . LEU A 1 199 ? 3.874   -0.090  -11.121 1.000 24.611  0 319 LEU A CD2 1 ? 
ATOM   1472 N  N   . LEU A 1 200 ? 3.506   4.433   -12.452 1.000 25.857  0 320 LEU A N   1 ? 
ATOM   1473 C  CA  . LEU A 1 200 ? 2.396   4.828   -13.366 1.000 28.214  0 320 LEU A CA  1 ? 
ATOM   1474 C  C   . LEU A 1 200 ? 2.720   6.137   -14.106 1.000 29.762  0 320 LEU A C   1 ? 
ATOM   1475 O  O   . LEU A 1 200 ? 2.262   6.238   -15.245 1.000 27.326  0 320 LEU A O   1 ? 
ATOM   1476 C  CB  . LEU A 1 200 ? 1.112   4.986   -12.543 1.000 26.730  0 320 LEU A CB  1 ? 
ATOM   1477 C  CG  . LEU A 1 200 ? 0.584   3.725   -11.867 1.000 30.801  0 320 LEU A CG  1 ? 
ATOM   1478 C  CD1 . LEU A 1 200 ? -0.833  3.921   -11.389 1.000 33.803  0 320 LEU A CD1 1 ? 
ATOM   1479 C  CD2 . LEU A 1 200 ? 0.647   2.505   -12.761 1.000 34.510  0 320 LEU A CD2 1 ? 
ATOM   1480 N  N   . GLU A 1 201 ? 3.422   7.069   -13.448 1.000 38.638  0 321 GLU A N   1 ? 
ATOM   1481 C  CA  . GLU A 1 201 ? 3.812   8.462   -13.848 1.000 50.451  0 321 GLU A CA  1 ? 
ATOM   1482 C  C   . GLU A 1 201 ? 2.591   9.261   -14.337 1.000 66.016  0 321 GLU A C   1 ? 
ATOM   1483 O  O   . GLU A 1 201 ? 2.708   10.298  -15.037 1.000 81.228  0 321 GLU A O   1 ? 
ATOM   1484 C  CB  . GLU A 1 201 ? 4.981   8.428   -14.839 1.000 53.915  0 321 GLU A CB  1 ? 
ATOM   1485 C  CG  . GLU A 1 201 ? 4.591   8.493   -16.292 1.000 56.474  0 321 GLU A CG  1 ? 
ATOM   1486 C  CD  . GLU A 1 201 ? 5.488   7.622   -17.160 1.000 76.974  0 321 GLU A CD  1 ? 
ATOM   1487 O  OE1 . GLU A 1 201 ? 5.565   6.373   -16.866 1.000 65.641  0 321 GLU A OE1 1 ? 
ATOM   1488 O  OE2 . GLU A 1 201 ? 6.117   8.188   -18.122 1.000 75.070  0 321 GLU A OE2 1 ? 
HETATM 1489 C  C1  . GOL B 2 .   ? -6.421  -1.044  15.874  1.000 67.933  0 401 GOL A C1  1 ? 
HETATM 1490 O  O1  . GOL B 2 .   ? -7.489  -0.113  16.062  1.000 63.746  0 401 GOL A O1  1 ? 
HETATM 1491 C  C2  . GOL B 2 .   ? -5.189  -0.359  15.309  1.000 69.149  0 401 GOL A C2  1 ? 
HETATM 1492 O  O2  . GOL B 2 .   ? -4.369  0.186   16.347  1.000 68.694  0 401 GOL A O2  1 ? 
HETATM 1493 C  C3  . GOL B 2 .   ? -4.344  -1.258  14.434  1.000 61.742  0 401 GOL A C3  1 ? 
HETATM 1494 O  O3  . GOL B 2 .   ? -3.300  -0.503  13.820  1.000 53.353  0 401 GOL A O3  1 ? 
HETATM 1495 NI NI  . NI  C 3 .   ? -7.456  -4.281  3.167   1.000 35.782  0 402 NI  A NI  1 ? 
HETATM 1496 O  O   . HOH D 4 .   ? -7.478  -6.349  4.275   1.000 32.326  0 501 HOH A O   1 ? 
HETATM 1497 O  O   . HOH D 4 .   ? 1.344   10.650  -4.496  1.000 29.260  0 502 HOH A O   1 ? 
HETATM 1498 O  O   . HOH D 4 .   ? -6.031  -5.124  1.913   1.000 32.168  0 503 HOH A O   1 ? 
HETATM 1499 O  O   . HOH D 4 .   ? -15.040 12.816  -11.355 1.000 25.258  0 504 HOH A O   1 ? 
HETATM 1500 O  O   . HOH D 4 .   ? -9.582  5.636   14.927  1.000 36.597  0 505 HOH A O   1 ? 
HETATM 1501 O  O   . HOH D 4 .   ? -0.756  8.470   -2.704  1.000 23.606  0 506 HOH A O   1 ? 
HETATM 1502 O  O   . HOH D 4 .   ? 8.092   -0.346  -15.165 1.000 43.904  0 507 HOH A O   1 ? 
HETATM 1503 O  O   . HOH D 4 .   ? 6.015   8.685   -5.096  1.000 33.772  0 508 HOH A O   1 ? 
HETATM 1504 O  O   . HOH D 4 .   ? 0.492   15.226  -3.637  1.000 43.171  0 509 HOH A O   1 ? 
HETATM 1505 O  O   . HOH D 4 .   ? 3.395   -3.485  8.888   1.000 34.067  0 510 HOH A O   1 ? 
HETATM 1506 O  O   . HOH D 4 .   ? 8.508   -0.708  -4.416  1.000 21.286  0 511 HOH A O   1 ? 
HETATM 1507 O  O   . HOH D 4 .   ? 5.430   0.894   -4.153  1.000 31.188  0 512 HOH A O   1 ? 
HETATM 1508 O  O   . HOH D 4 .   ? -15.340 1.596   3.690   1.000 28.549  0 513 HOH A O   1 ? 
HETATM 1509 O  O   . HOH D 4 .   ? -11.474 18.310  -8.010  1.000 35.268  0 514 HOH A O   1 ? 
HETATM 1510 O  O   . HOH D 4 .   ? 1.539   -1.579  -14.039 1.000 23.131  0 515 HOH A O   1 ? 
HETATM 1511 O  O   . HOH D 4 .   ? 12.564  -15.121 -11.089 1.000 53.297  0 516 HOH A O   1 ? 
HETATM 1512 O  O   . HOH D 4 .   ? -14.480 -1.443  -1.665  1.000 22.607  0 517 HOH A O   1 ? 
HETATM 1513 O  O   . HOH D 4 .   ? -6.686  -10.865 -2.175  1.000 43.170  0 518 HOH A O   1 ? 
HETATM 1514 O  O   . HOH D 4 .   ? 2.511   9.925   0.328   1.000 30.239  0 519 HOH A O   1 ? 
HETATM 1515 O  O   . HOH D 4 .   ? -21.000 -2.119  -0.254  1.000 32.021  0 520 HOH A O   1 ? 
HETATM 1516 O  O   . HOH D 4 .   ? 5.223   0.419   14.044  1.000 38.984  0 521 HOH A O   1 ? 
HETATM 1517 O  O   . HOH D 4 .   ? -21.355 2.911   -10.813 1.000 32.043  0 522 HOH A O   1 ? 
HETATM 1518 O  O   . HOH D 4 .   ? 12.801  3.626   2.128   1.000 31.788  0 523 HOH A O   1 ? 
HETATM 1519 O  O   . HOH D 4 .   ? 11.541  3.025   4.432   1.000 26.375  0 524 HOH A O   1 ? 
HETATM 1520 O  O   . HOH D 4 .   ? 2.308   -8.965  -13.079 1.000 36.981  0 525 HOH A O   1 ? 
HETATM 1521 O  O   . HOH D 4 .   ? -0.735  0.228   5.085   1.000 18.602  0 526 HOH A O   1 ? 
HETATM 1522 O  O   . HOH D 4 .   ? -8.929  -5.076  1.773   1.000 34.505  0 527 HOH A O   1 ? 
HETATM 1523 O  O   . HOH D 4 .   ? -17.205 -5.313  3.998   1.000 33.344  0 528 HOH A O   1 ? 
HETATM 1524 O  O   . HOH D 4 .   ? 15.628  -0.297  -6.054  1.000 27.160  0 529 HOH A O   1 ? 
HETATM 1525 O  O   . HOH D 4 .   ? -4.270  11.477  -8.679  1.000 38.706  0 530 HOH A O   1 ? 
HETATM 1526 O  O   . HOH D 4 .   ? -24.142 4.075   2.014   1.000 33.147  0 531 HOH A O   1 ? 
HETATM 1527 O  O   . HOH D 4 .   ? -8.867  6.138   -11.402 1.000 14.779  0 532 HOH A O   1 ? 
HETATM 1528 O  O   . HOH D 4 .   ? -2.023  14.455  12.916  1.000 40.713  0 533 HOH A O   1 ? 
HETATM 1529 O  O   . HOH D 4 .   ? 5.202   10.627  -2.701  1.000 38.338  0 534 HOH A O   1 ? 
# 
loop_
_pdbx_poly_seq_scheme.asym_id 
_pdbx_poly_seq_scheme.entity_id 
_pdbx_poly_seq_scheme.seq_id 
_pdbx_poly_seq_scheme.mon_id 
_pdbx_poly_seq_scheme.ndb_seq_num 
_pdbx_poly_seq_scheme.pdb_seq_num 
_pdbx_poly_seq_scheme.auth_seq_num 
_pdbx_poly_seq_scheme.pdb_mon_id 
_pdbx_poly_seq_scheme.auth_mon_id 
_pdbx_poly_seq_scheme.pdb_strand_id 
_pdbx_poly_seq_scheme.pdb_ins_code 
_pdbx_poly_seq_scheme.hetero 
A 1 1   GLY 1   121 ?   ?   ?   A . n 
A 1 2   PRO 2   122 ?   ?   ?   A . n 
A 1 3   ALA 3   123 ?   ?   ?   A . n 
A 1 4   PHE 4   124 ?   ?   ?   A . n 
A 1 5   SER 5   125 ?   ?   ?   A . n 
A 1 6   LYS 6   126 ?   ?   ?   A . n 
A 1 7   LYS 7   127 ?   ?   ?   A . n 
A 1 8   VAL 8   128 ?   ?   ?   A . n 
A 1 9   LEU 9   129 ?   ?   ?   A . n 
A 1 10  GLY 10  130 ?   ?   ?   A . n 
A 1 11  SER 11  131 ?   ?   ?   A . n 
A 1 12  ASN 12  132 ?   ?   ?   A . n 
A 1 13  PRO 13  133 ?   ?   ?   A . n 
A 1 14  SER 14  134 ?   ?   ?   A . n 
A 1 15  SER 15  135 ?   ?   ?   A . n 
A 1 16  GLY 16  136 136 GLY GLY A . n 
A 1 17  LYS 17  137 137 LYS LYS A . n 
A 1 18  GLU 18  138 138 GLU GLU A . n 
A 1 19  VAL 19  139 139 VAL VAL A . n 
A 1 20  ALA 20  140 140 ALA ALA A . n 
A 1 21  LEU 21  141 141 LEU LEU A . n 
A 1 22  THR 22  142 142 THR THR A . n 
A 1 23  PHE 23  143 143 PHE PHE A . n 
A 1 24  ASP 24  144 144 ASP ASP A . n 
A 1 25  ASP 25  145 145 ASP ASP A . n 
A 1 26  GLY 26  146 146 GLY GLY A . n 
A 1 27  PRO 27  147 147 PRO PRO A . n 
A 1 28  PHE 28  148 148 PHE PHE A . n 
A 1 29  PRO 29  149 149 PRO PRO A . n 
A 1 30  ILE 30  150 150 ILE ILE A . n 
A 1 31  TYR 31  151 151 TYR TYR A . n 
A 1 32  THR 32  152 152 THR THR A . n 
A 1 33  GLU 33  153 153 GLU GLU A . n 
A 1 34  LYS 34  154 154 LYS LYS A . n 
A 1 35  TYR 35  155 155 TYR TYR A . n 
A 1 36  VAL 36  156 156 VAL VAL A . n 
A 1 37  ASP 37  157 157 ASP ASP A . n 
A 1 38  ILE 38  158 158 ILE ILE A . n 
A 1 39  LEU 39  159 159 LEU LEU A . n 
A 1 40  LYS 40  160 160 LYS LYS A . n 
A 1 41  SER 41  161 161 SER SER A . n 
A 1 42  MET 42  162 162 MET MET A . n 
A 1 43  ASP 43  163 163 ASP ASP A . n 
A 1 44  VAL 44  164 164 VAL VAL A . n 
A 1 45  LYS 45  165 165 LYS LYS A . n 
A 1 46  ALA 46  166 166 ALA ALA A . n 
A 1 47  THR 47  167 167 THR THR A . n 
A 1 48  PHE 48  168 168 PHE PHE A . n 
A 1 49  PHE 49  169 169 PHE PHE A . n 
A 1 50  VAL 50  170 170 VAL VAL A . n 
A 1 51  ILE 51  171 171 ILE ILE A . n 
A 1 52  GLY 52  172 172 GLY GLY A . n 
A 1 53  LYS 53  173 173 LYS LYS A . n 
A 1 54  HIS 54  174 174 HIS HIS A . n 
A 1 55  ALA 55  175 175 ALA ALA A . n 
A 1 56  GLU 56  176 176 GLU GLU A . n 
A 1 57  LYS 57  177 177 LYS LYS A . n 
A 1 58  HIS 58  178 178 HIS HIS A . n 
A 1 59  PRO 59  179 179 PRO PRO A . n 
A 1 60  GLU 60  180 180 GLU GLU A . n 
A 1 61  LEU 61  181 181 LEU LEU A . n 
A 1 62  LEU 62  182 182 LEU LEU A . n 
A 1 63  LYS 63  183 183 LYS LYS A . n 
A 1 64  TYR 64  184 184 TYR TYR A . n 
A 1 65  ILE 65  185 185 ILE ILE A . n 
A 1 66  VAL 66  186 186 VAL VAL A . n 
A 1 67  GLU 67  187 187 GLU GLU A . n 
A 1 68  ASN 68  188 188 ASN ASN A . n 
A 1 69  GLY 69  189 189 GLY GLY A . n 
A 1 70  ASN 70  190 190 ASN ASN A . n 
A 1 71  GLU 71  191 191 GLU GLU A . n 
A 1 72  ILE 72  192 192 ILE ILE A . n 
A 1 73  GLY 73  193 193 GLY GLY A . n 
A 1 74  LEU 74  194 194 LEU LEU A . n 
A 1 75  HIS 75  195 195 HIS HIS A . n 
A 1 76  SER 76  196 196 SER SER A . n 
A 1 77  TYR 77  197 197 TYR TYR A . n 
A 1 78  SER 78  198 198 SER SER A . n 
A 1 79  HIS 79  199 199 HIS HIS A . n 
A 1 80  PHE 80  200 200 PHE PHE A . n 
A 1 81  ASN 81  201 201 ASN ASN A . n 
A 1 82  MET 82  202 202 MET MET A . n 
A 1 83  LYS 83  203 203 LYS LYS A . n 
A 1 84  LYS 84  204 204 LYS LYS A . n 
A 1 85  LEU 85  205 205 LEU LEU A . n 
A 1 86  LYS 86  206 206 LYS LYS A . n 
A 1 87  PRO 87  207 207 PRO PRO A . n 
A 1 88  GLU 88  208 208 GLU GLU A . n 
A 1 89  LYS 89  209 209 LYS LYS A . n 
A 1 90  MET 90  210 210 MET MET A . n 
A 1 91  VAL 91  211 211 VAL VAL A . n 
A 1 92  GLU 92  212 212 GLU GLU A . n 
A 1 93  GLU 93  213 213 GLU GLU A . n 
A 1 94  LEU 94  214 214 LEU LEU A . n 
A 1 95  TYR 95  215 215 TYR TYR A . n 
A 1 96  LYS 96  216 216 LYS LYS A . n 
A 1 97  THR 97  217 217 THR THR A . n 
A 1 98  GLN 98  218 218 GLN GLN A . n 
A 1 99  GLN 99  219 219 GLN GLN A . n 
A 1 100 ILE 100 220 220 ILE ILE A . n 
A 1 101 ILE 101 221 221 ILE ILE A . n 
A 1 102 VAL 102 222 222 VAL VAL A . n 
A 1 103 GLU 103 223 223 GLU GLU A . n 
A 1 104 ALA 104 224 224 ALA ALA A . n 
A 1 105 THR 105 225 225 THR THR A . n 
A 1 106 GLY 106 226 226 GLY GLY A . n 
A 1 107 ILE 107 227 227 ILE ILE A . n 
A 1 108 LYS 108 228 228 LYS LYS A . n 
A 1 109 PRO 109 229 229 PRO PRO A . n 
A 1 110 THR 110 230 230 THR THR A . n 
A 1 111 LEU 111 231 231 LEU LEU A . n 
A 1 112 PHE 112 232 232 PHE PHE A . n 
A 1 113 ARG 113 233 233 ARG ARG A . n 
A 1 114 PRO 114 234 234 PRO PRO A . n 
A 1 115 PRO 115 235 235 PRO PRO A . n 
A 1 116 PHE 116 236 236 PHE PHE A . n 
A 1 117 GLY 117 237 237 GLY GLY A . n 
A 1 118 ALA 118 238 238 ALA ALA A . n 
A 1 119 TYR 119 239 239 TYR TYR A . n 
A 1 120 ASN 120 240 240 ASN ASN A . n 
A 1 121 SER 121 241 241 SER SER A . n 
A 1 122 THR 122 242 242 THR THR A . n 
A 1 123 LEU 123 243 243 LEU LEU A . n 
A 1 124 ILE 124 244 244 ILE ILE A . n 
A 1 125 GLU 125 245 245 GLU GLU A . n 
A 1 126 ILE 126 246 246 ILE ILE A . n 
A 1 127 SER 127 247 247 SER SER A . n 
A 1 128 ASN 128 248 248 ASN ASN A . n 
A 1 129 ALA 129 249 249 ALA ALA A . n 
A 1 130 LEU 130 250 250 LEU LEU A . n 
A 1 131 GLY 131 251 251 GLY GLY A . n 
A 1 132 LEU 132 252 252 LEU LEU A . n 
A 1 133 LYS 133 253 253 LYS LYS A . n 
A 1 134 VAL 134 254 254 VAL VAL A . n 
A 1 135 VAL 135 255 255 VAL VAL A . n 
A 1 136 LEU 136 256 256 LEU LEU A . n 
A 1 137 TRP 137 257 257 TRP TRP A . n 
A 1 138 ASN 138 258 258 ASN ASN A . n 
A 1 139 VAL 139 259 259 VAL VAL A . n 
A 1 140 ASP 140 260 260 ASP ASP A . n 
A 1 141 PRO 141 261 261 PRO PRO A . n 
A 1 142 ASP 142 262 262 ASP ASP A . n 
A 1 143 ASP 143 263 263 ASP ASP A . n 
A 1 144 TRP 144 264 264 TRP TRP A . n 
A 1 145 ARG 145 265 265 ARG ARG A . n 
A 1 146 ASN 146 266 266 ASN ASN A . n 
A 1 147 PRO 147 267 267 PRO PRO A . n 
A 1 148 SER 148 268 268 SER SER A . n 
A 1 149 VAL 149 269 269 VAL VAL A . n 
A 1 150 GLU 150 270 270 GLU GLU A . n 
A 1 151 SER 151 271 271 SER SER A . n 
A 1 152 VAL 152 272 272 VAL VAL A . n 
A 1 153 VAL 153 273 273 VAL VAL A . n 
A 1 154 ASN 154 274 274 ASN ASN A . n 
A 1 155 ARG 155 275 275 ARG ARG A . n 
A 1 156 VAL 156 276 276 VAL VAL A . n 
A 1 157 LEU 157 277 277 LEU LEU A . n 
A 1 158 SER 158 278 278 SER SER A . n 
A 1 159 HIS 159 279 279 HIS HIS A . n 
A 1 160 THR 160 280 280 THR THR A . n 
A 1 161 ARG 161 281 281 ARG ARG A . n 
A 1 162 ASP 162 282 282 ASP ASP A . n 
A 1 163 GLY 163 283 283 GLY GLY A . n 
A 1 164 SER 164 284 284 SER SER A . n 
A 1 165 ILE 165 285 285 ILE ILE A . n 
A 1 166 ILE 166 286 286 ILE ILE A . n 
A 1 167 LEU 167 287 287 LEU LEU A . n 
A 1 168 MET 168 288 288 MET MET A . n 
A 1 169 HIS 169 289 289 HIS HIS A . n 
A 1 170 GLU 170 290 290 GLU GLU A . n 
A 1 171 GLY 171 291 291 GLY GLY A . n 
A 1 172 LYS 172 292 292 LYS LYS A . n 
A 1 173 PRO 173 293 293 PRO PRO A . n 
A 1 174 SER 174 294 294 SER SER A . n 
A 1 175 THR 175 295 295 THR THR A . n 
A 1 176 LEU 176 296 296 LEU LEU A . n 
A 1 177 ALA 177 297 297 ALA ALA A . n 
A 1 178 ALA 178 298 298 ALA ALA A . n 
A 1 179 LEU 179 299 299 LEU LEU A . n 
A 1 180 PRO 180 300 300 PRO PRO A . n 
A 1 181 GLN 181 301 301 GLN GLN A . n 
A 1 182 ILE 182 302 302 ILE ILE A . n 
A 1 183 ILE 183 303 303 ILE ILE A . n 
A 1 184 LYS 184 304 304 LYS LYS A . n 
A 1 185 LYS 185 305 305 LYS LYS A . n 
A 1 186 LEU 186 306 306 LEU LEU A . n 
A 1 187 LYS 187 307 307 LYS LYS A . n 
A 1 188 GLU 188 308 308 GLU GLU A . n 
A 1 189 GLU 189 309 309 GLU GLU A . n 
A 1 190 GLY 190 310 310 GLY GLY A . n 
A 1 191 TYR 191 311 311 TYR TYR A . n 
A 1 192 LYS 192 312 312 LYS LYS A . n 
A 1 193 PHE 193 313 313 PHE PHE A . n 
A 1 194 VAL 194 314 314 VAL VAL A . n 
A 1 195 THR 195 315 315 THR THR A . n 
A 1 196 VAL 196 316 316 VAL VAL A . n 
A 1 197 SER 197 317 317 SER SER A . n 
A 1 198 GLU 198 318 318 GLU GLU A . n 
A 1 199 LEU 199 319 319 LEU LEU A . n 
A 1 200 LEU 200 320 320 LEU LEU A . n 
A 1 201 GLU 201 321 321 GLU GLU A . n 
A 1 202 LYS 202 322 ?   ?   ?   A . n 
A 1 203 ARG 203 323 ?   ?   ?   A . n 
A 1 204 ASP 204 324 ?   ?   ?   A . n 
# 
_pdbx_contact_author.id                 2 
_pdbx_contact_author.email              t-himiyama@aist.go.jp 
_pdbx_contact_author.name_first         Tomoki 
_pdbx_contact_author.name_last          Himiyama 
_pdbx_contact_author.name_mi            ? 
_pdbx_contact_author.role               'principal investigator/group leader' 
_pdbx_contact_author.identifier_ORCID   0000-0001-5252-1834 
# 
loop_
_pdbx_nonpoly_scheme.asym_id 
_pdbx_nonpoly_scheme.entity_id 
_pdbx_nonpoly_scheme.mon_id 
_pdbx_nonpoly_scheme.ndb_seq_num 
_pdbx_nonpoly_scheme.pdb_seq_num 
_pdbx_nonpoly_scheme.auth_seq_num 
_pdbx_nonpoly_scheme.pdb_mon_id 
_pdbx_nonpoly_scheme.auth_mon_id 
_pdbx_nonpoly_scheme.pdb_strand_id 
_pdbx_nonpoly_scheme.pdb_ins_code 
B 2 GOL 1  401 421 GOL GOL A . 
C 3 NI  1  402 1   NI  NI  A . 
D 4 HOH 1  501 28  HOH HOH A . 
D 4 HOH 2  502 16  HOH HOH A . 
D 4 HOH 3  503 27  HOH HOH A . 
D 4 HOH 4  504 22  HOH HOH A . 
D 4 HOH 5  505 10  HOH HOH A . 
D 4 HOH 6  506 4   HOH HOH A . 
D 4 HOH 7  507 24  HOH HOH A . 
D 4 HOH 8  508 11  HOH HOH A . 
D 4 HOH 9  509 34  HOH HOH A . 
D 4 HOH 10 510 8   HOH HOH A . 
D 4 HOH 11 511 1   HOH HOH A . 
D 4 HOH 12 512 2   HOH HOH A . 
D 4 HOH 13 513 12  HOH HOH A . 
D 4 HOH 14 514 41  HOH HOH A . 
D 4 HOH 15 515 6   HOH HOH A . 
D 4 HOH 16 516 38  HOH HOH A . 
D 4 HOH 17 517 5   HOH HOH A . 
D 4 HOH 18 518 39  HOH HOH A . 
D 4 HOH 19 519 18  HOH HOH A . 
D 4 HOH 20 520 33  HOH HOH A . 
D 4 HOH 21 521 9   HOH HOH A . 
D 4 HOH 22 522 20  HOH HOH A . 
D 4 HOH 23 523 31  HOH HOH A . 
D 4 HOH 24 524 30  HOH HOH A . 
D 4 HOH 25 525 23  HOH HOH A . 
D 4 HOH 26 526 3   HOH HOH A . 
D 4 HOH 27 527 29  HOH HOH A . 
D 4 HOH 28 528 36  HOH HOH A . 
D 4 HOH 29 529 37  HOH HOH A . 
D 4 HOH 30 530 15  HOH HOH A . 
D 4 HOH 31 531 13  HOH HOH A . 
D 4 HOH 32 532 7   HOH HOH A . 
D 4 HOH 33 533 32  HOH HOH A . 
D 4 HOH 34 534 17  HOH HOH A . 
# 
_pdbx_struct_assembly.id                   1 
_pdbx_struct_assembly.details              author_and_software_defined_assembly 
_pdbx_struct_assembly.method_details       PISA 
_pdbx_struct_assembly.oligomeric_details   dimeric 
_pdbx_struct_assembly.oligomeric_count     2 
# 
_pdbx_struct_assembly_gen.assembly_id       1 
_pdbx_struct_assembly_gen.oper_expression   1,2 
_pdbx_struct_assembly_gen.asym_id_list      A,B,C,D 
# 
loop_
_pdbx_struct_assembly_prop.biol_id 
_pdbx_struct_assembly_prop.type 
_pdbx_struct_assembly_prop.value 
_pdbx_struct_assembly_prop.details 
1 'ABSA (A^2)' 3210  ? 
1 MORE         -26   ? 
1 'SSA (A^2)'  15160 ? 
# 
loop_
_pdbx_struct_oper_list.id 
_pdbx_struct_oper_list.type 
_pdbx_struct_oper_list.name 
_pdbx_struct_oper_list.symmetry_operation 
_pdbx_struct_oper_list.matrix[1][1] 
_pdbx_struct_oper_list.matrix[1][2] 
_pdbx_struct_oper_list.matrix[1][3] 
_pdbx_struct_oper_list.vector[1] 
_pdbx_struct_oper_list.matrix[2][1] 
_pdbx_struct_oper_list.matrix[2][2] 
_pdbx_struct_oper_list.matrix[2][3] 
_pdbx_struct_oper_list.vector[2] 
_pdbx_struct_oper_list.matrix[3][1] 
_pdbx_struct_oper_list.matrix[3][2] 
_pdbx_struct_oper_list.matrix[3][3] 
_pdbx_struct_oper_list.vector[3] 
1 'identity operation'         1_555 x,y,z       1.0000000000  0.0000000000  0.0000000000 0.0000000000   0.0000000000  1.0000000000 0.0000000000  0.0000000000   0.0000000000 0.0000000000  1.0000000000  0.0000000000   
2 'crystal symmetry operation' 6_555 -x,-y+1/2,z -0.8551796350 -0.4753865144 0.2065803809 -12.0741612362 -0.4753865144 0.5605010946 -0.6781195948 -12.1924391410 0.2065803809 -0.6781195948 -0.7053214596 -19.5930353608 
# 
loop_
_pdbx_struct_conn_angle.id 
_pdbx_struct_conn_angle.ptnr1_label_atom_id 
_pdbx_struct_conn_angle.ptnr1_label_alt_id 
_pdbx_struct_conn_angle.ptnr1_label_asym_id 
_pdbx_struct_conn_angle.ptnr1_label_comp_id 
_pdbx_struct_conn_angle.ptnr1_label_seq_id 
_pdbx_struct_conn_angle.ptnr1_auth_atom_id 
_pdbx_struct_conn_angle.ptnr1_auth_asym_id 
_pdbx_struct_conn_angle.ptnr1_auth_comp_id 
_pdbx_struct_conn_angle.ptnr1_auth_seq_id 
_pdbx_struct_conn_angle.ptnr1_PDB_ins_code 
_pdbx_struct_conn_angle.ptnr1_symmetry 
_pdbx_struct_conn_angle.ptnr2_label_atom_id 
_pdbx_struct_conn_angle.ptnr2_label_alt_id 
_pdbx_struct_conn_angle.ptnr2_label_asym_id 
_pdbx_struct_conn_angle.ptnr2_label_comp_id 
_pdbx_struct_conn_angle.ptnr2_label_seq_id 
_pdbx_struct_conn_angle.ptnr2_auth_atom_id 
_pdbx_struct_conn_angle.ptnr2_auth_asym_id 
_pdbx_struct_conn_angle.ptnr2_auth_comp_id 
_pdbx_struct_conn_angle.ptnr2_auth_seq_id 
_pdbx_struct_conn_angle.ptnr2_PDB_ins_code 
_pdbx_struct_conn_angle.ptnr2_symmetry 
_pdbx_struct_conn_angle.ptnr3_label_atom_id 
_pdbx_struct_conn_angle.ptnr3_label_alt_id 
_pdbx_struct_conn_angle.ptnr3_label_asym_id 
_pdbx_struct_conn_angle.ptnr3_label_comp_id 
_pdbx_struct_conn_angle.ptnr3_label_seq_id 
_pdbx_struct_conn_angle.ptnr3_auth_atom_id 
_pdbx_struct_conn_angle.ptnr3_auth_asym_id 
_pdbx_struct_conn_angle.ptnr3_auth_comp_id 
_pdbx_struct_conn_angle.ptnr3_auth_seq_id 
_pdbx_struct_conn_angle.ptnr3_PDB_ins_code 
_pdbx_struct_conn_angle.ptnr3_symmetry 
_pdbx_struct_conn_angle.value 
_pdbx_struct_conn_angle.value_esd 
1 OD2 ? A ASP 25 ? A ASP 145 ? 1_555 NI ? C NI . ? A NI 402 ? 1_555 NE2 ? A HIS 75 ? A HIS 195 ? 1_555 83.6 ? 
2 OD2 ? A ASP 25 ? A ASP 145 ? 1_555 NI ? C NI . ? A NI 402 ? 1_555 NE2 ? A HIS 79 ? A HIS 199 ? 1_555 94.7 ? 
3 NE2 ? A HIS 75 ? A HIS 195 ? 1_555 NI ? C NI . ? A NI 402 ? 1_555 NE2 ? A HIS 79 ? A HIS 199 ? 1_555 94.8 ? 
# 
loop_
_pdbx_audit_revision_history.ordinal 
_pdbx_audit_revision_history.data_content_type 
_pdbx_audit_revision_history.major_revision 
_pdbx_audit_revision_history.minor_revision 
_pdbx_audit_revision_history.revision_date 
1 'Structure model' 1 0 2022-08-31 
2 'Structure model' 1 1 2022-09-21 
3 'Structure model' 1 2 2022-10-19 
4 'Structure model' 1 3 2023-11-29 
# 
_pdbx_audit_revision_details.ordinal             1 
_pdbx_audit_revision_details.revision_ordinal    1 
_pdbx_audit_revision_details.data_content_type   'Structure model' 
_pdbx_audit_revision_details.provider            repository 
_pdbx_audit_revision_details.type                'Initial release' 
_pdbx_audit_revision_details.description         ? 
_pdbx_audit_revision_details.details             ? 
# 
loop_
_pdbx_audit_revision_group.ordinal 
_pdbx_audit_revision_group.revision_ordinal 
_pdbx_audit_revision_group.data_content_type 
_pdbx_audit_revision_group.group 
1 2 'Structure model' 'Database references'    
2 3 'Structure model' 'Database references'    
3 4 'Structure model' 'Data collection'        
4 4 'Structure model' 'Refinement description' 
# 
loop_
_pdbx_audit_revision_category.ordinal 
_pdbx_audit_revision_category.revision_ordinal 
_pdbx_audit_revision_category.data_content_type 
_pdbx_audit_revision_category.category 
1 2 'Structure model' citation                      
2 3 'Structure model' citation                      
3 4 'Structure model' chem_comp_atom                
4 4 'Structure model' chem_comp_bond                
5 4 'Structure model' pdbx_initial_refinement_model 
# 
loop_
_pdbx_audit_revision_item.ordinal 
_pdbx_audit_revision_item.revision_ordinal 
_pdbx_audit_revision_item.data_content_type 
_pdbx_audit_revision_item.item 
1 2 'Structure model' '_citation.journal_volume'          
2 2 'Structure model' '_citation.pdbx_database_id_PubMed' 
3 2 'Structure model' '_citation.title'                   
4 3 'Structure model' '_citation.journal_volume'          
5 3 'Structure model' '_citation.page_first'              
6 3 'Structure model' '_citation.page_last'               
# 
loop_
_software.citation_id 
_software.classification 
_software.compiler_name 
_software.compiler_version 
_software.contact_author 
_software.contact_author_email 
_software.date 
_software.description 
_software.dependencies 
_software.hardware 
_software.language 
_software.location 
_software.mods 
_software.name 
_software.os 
_software.os_version 
_software.type 
_software.version 
_software.pdbx_ordinal 
? refinement       ? ? ? ? ? ? ? ? ? ? ? REFMAC ? ? ? 5.8.0267 1 
? 'data reduction' ? ? ? ? ? ? ? ? ? ? ? XDS    ? ? ? .        2 
? 'data scaling'   ? ? ? ? ? ? ? ? ? ? ? XDS    ? ? ? .        3 
? phasing          ? ? ? ? ? ? ? ? ? ? ? MOLREP ? ? ? .        4 
# 
_pdbx_entry_details.entry_id                 7Y51 
_pdbx_entry_details.has_ligand_of_interest   Y 
_pdbx_entry_details.compound_details         ? 
_pdbx_entry_details.source_details           ? 
_pdbx_entry_details.nonpolymer_details       ? 
_pdbx_entry_details.sequence_details         ? 
# 
_pdbx_validate_rmsd_angle.id                         1 
_pdbx_validate_rmsd_angle.PDB_model_num              1 
_pdbx_validate_rmsd_angle.auth_atom_id_1             CB 
_pdbx_validate_rmsd_angle.auth_asym_id_1             A 
_pdbx_validate_rmsd_angle.auth_comp_id_1             GLU 
_pdbx_validate_rmsd_angle.auth_seq_id_1              318 
_pdbx_validate_rmsd_angle.PDB_ins_code_1             ? 
_pdbx_validate_rmsd_angle.label_alt_id_1             ? 
_pdbx_validate_rmsd_angle.auth_atom_id_2             CA 
_pdbx_validate_rmsd_angle.auth_asym_id_2             A 
_pdbx_validate_rmsd_angle.auth_comp_id_2             GLU 
_pdbx_validate_rmsd_angle.auth_seq_id_2              318 
_pdbx_validate_rmsd_angle.PDB_ins_code_2             ? 
_pdbx_validate_rmsd_angle.label_alt_id_2             ? 
_pdbx_validate_rmsd_angle.auth_atom_id_3             C 
_pdbx_validate_rmsd_angle.auth_asym_id_3             A 
_pdbx_validate_rmsd_angle.auth_comp_id_3             GLU 
_pdbx_validate_rmsd_angle.auth_seq_id_3              318 
_pdbx_validate_rmsd_angle.PDB_ins_code_3             ? 
_pdbx_validate_rmsd_angle.label_alt_id_3             ? 
_pdbx_validate_rmsd_angle.angle_value                125.32 
_pdbx_validate_rmsd_angle.angle_target_value         110.40 
_pdbx_validate_rmsd_angle.angle_deviation            14.92 
_pdbx_validate_rmsd_angle.angle_standard_deviation   2.00 
_pdbx_validate_rmsd_angle.linker_flag                N 
# 
loop_
_pdbx_validate_torsion.id 
_pdbx_validate_torsion.PDB_model_num 
_pdbx_validate_torsion.auth_comp_id 
_pdbx_validate_torsion.auth_asym_id 
_pdbx_validate_torsion.auth_seq_id 
_pdbx_validate_torsion.PDB_ins_code 
_pdbx_validate_torsion.label_alt_id 
_pdbx_validate_torsion.phi 
_pdbx_validate_torsion.psi 
1 1 ASP A 145 ? ? 95.83  1.66    
2 1 ILE A 150 ? ? 78.16  -73.16  
3 1 SER A 196 ? ? 86.09  171.39  
4 1 HIS A 199 ? ? 70.58  36.82   
5 1 LEU A 256 ? ? -96.39 -124.50 
6 1 PRO A 261 ? ? -74.63 21.16   
7 1 ASN A 266 ? ? -34.05 105.14  
# 
loop_
_pdbx_unobs_or_zero_occ_residues.id 
_pdbx_unobs_or_zero_occ_residues.PDB_model_num 
_pdbx_unobs_or_zero_occ_residues.polymer_flag 
_pdbx_unobs_or_zero_occ_residues.occupancy_flag 
_pdbx_unobs_or_zero_occ_residues.auth_asym_id 
_pdbx_unobs_or_zero_occ_residues.auth_comp_id 
_pdbx_unobs_or_zero_occ_residues.auth_seq_id 
_pdbx_unobs_or_zero_occ_residues.PDB_ins_code 
_pdbx_unobs_or_zero_occ_residues.label_asym_id 
_pdbx_unobs_or_zero_occ_residues.label_comp_id 
_pdbx_unobs_or_zero_occ_residues.label_seq_id 
1  1 Y 1 A GLY 121 ? A GLY 1   
2  1 Y 1 A PRO 122 ? A PRO 2   
3  1 Y 1 A ALA 123 ? A ALA 3   
4  1 Y 1 A PHE 124 ? A PHE 4   
5  1 Y 1 A SER 125 ? A SER 5   
6  1 Y 1 A LYS 126 ? A LYS 6   
7  1 Y 1 A LYS 127 ? A LYS 7   
8  1 Y 1 A VAL 128 ? A VAL 8   
9  1 Y 1 A LEU 129 ? A LEU 9   
10 1 Y 1 A GLY 130 ? A GLY 10  
11 1 Y 1 A SER 131 ? A SER 11  
12 1 Y 1 A ASN 132 ? A ASN 12  
13 1 Y 1 A PRO 133 ? A PRO 13  
14 1 Y 1 A SER 134 ? A SER 14  
15 1 Y 1 A SER 135 ? A SER 15  
16 1 Y 1 A LYS 322 ? A LYS 202 
17 1 Y 1 A ARG 323 ? A ARG 203 
18 1 Y 1 A ASP 324 ? A ASP 204 
# 
loop_
_chem_comp_atom.comp_id 
_chem_comp_atom.atom_id 
_chem_comp_atom.type_symbol 
_chem_comp_atom.pdbx_aromatic_flag 
_chem_comp_atom.pdbx_stereo_config 
_chem_comp_atom.pdbx_ordinal 
ALA N    N  N N 1   
ALA CA   C  N S 2   
ALA C    C  N N 3   
ALA O    O  N N 4   
ALA CB   C  N N 5   
ALA OXT  O  N N 6   
ALA H    H  N N 7   
ALA H2   H  N N 8   
ALA HA   H  N N 9   
ALA HB1  H  N N 10  
ALA HB2  H  N N 11  
ALA HB3  H  N N 12  
ALA HXT  H  N N 13  
ARG N    N  N N 14  
ARG CA   C  N S 15  
ARG C    C  N N 16  
ARG O    O  N N 17  
ARG CB   C  N N 18  
ARG CG   C  N N 19  
ARG CD   C  N N 20  
ARG NE   N  N N 21  
ARG CZ   C  N N 22  
ARG NH1  N  N N 23  
ARG NH2  N  N N 24  
ARG OXT  O  N N 25  
ARG H    H  N N 26  
ARG H2   H  N N 27  
ARG HA   H  N N 28  
ARG HB2  H  N N 29  
ARG HB3  H  N N 30  
ARG HG2  H  N N 31  
ARG HG3  H  N N 32  
ARG HD2  H  N N 33  
ARG HD3  H  N N 34  
ARG HE   H  N N 35  
ARG HH11 H  N N 36  
ARG HH12 H  N N 37  
ARG HH21 H  N N 38  
ARG HH22 H  N N 39  
ARG HXT  H  N N 40  
ASN N    N  N N 41  
ASN CA   C  N S 42  
ASN C    C  N N 43  
ASN O    O  N N 44  
ASN CB   C  N N 45  
ASN CG   C  N N 46  
ASN OD1  O  N N 47  
ASN ND2  N  N N 48  
ASN OXT  O  N N 49  
ASN H    H  N N 50  
ASN H2   H  N N 51  
ASN HA   H  N N 52  
ASN HB2  H  N N 53  
ASN HB3  H  N N 54  
ASN HD21 H  N N 55  
ASN HD22 H  N N 56  
ASN HXT  H  N N 57  
ASP N    N  N N 58  
ASP CA   C  N S 59  
ASP C    C  N N 60  
ASP O    O  N N 61  
ASP CB   C  N N 62  
ASP CG   C  N N 63  
ASP OD1  O  N N 64  
ASP OD2  O  N N 65  
ASP OXT  O  N N 66  
ASP H    H  N N 67  
ASP H2   H  N N 68  
ASP HA   H  N N 69  
ASP HB2  H  N N 70  
ASP HB3  H  N N 71  
ASP HD2  H  N N 72  
ASP HXT  H  N N 73  
GLN N    N  N N 74  
GLN CA   C  N S 75  
GLN C    C  N N 76  
GLN O    O  N N 77  
GLN CB   C  N N 78  
GLN CG   C  N N 79  
GLN CD   C  N N 80  
GLN OE1  O  N N 81  
GLN NE2  N  N N 82  
GLN OXT  O  N N 83  
GLN H    H  N N 84  
GLN H2   H  N N 85  
GLN HA   H  N N 86  
GLN HB2  H  N N 87  
GLN HB3  H  N N 88  
GLN HG2  H  N N 89  
GLN HG3  H  N N 90  
GLN HE21 H  N N 91  
GLN HE22 H  N N 92  
GLN HXT  H  N N 93  
GLU N    N  N N 94  
GLU CA   C  N S 95  
GLU C    C  N N 96  
GLU O    O  N N 97  
GLU CB   C  N N 98  
GLU CG   C  N N 99  
GLU CD   C  N N 100 
GLU OE1  O  N N 101 
GLU OE2  O  N N 102 
GLU OXT  O  N N 103 
GLU H    H  N N 104 
GLU H2   H  N N 105 
GLU HA   H  N N 106 
GLU HB2  H  N N 107 
GLU HB3  H  N N 108 
GLU HG2  H  N N 109 
GLU HG3  H  N N 110 
GLU HE2  H  N N 111 
GLU HXT  H  N N 112 
GLY N    N  N N 113 
GLY CA   C  N N 114 
GLY C    C  N N 115 
GLY O    O  N N 116 
GLY OXT  O  N N 117 
GLY H    H  N N 118 
GLY H2   H  N N 119 
GLY HA2  H  N N 120 
GLY HA3  H  N N 121 
GLY HXT  H  N N 122 
GOL C1   C  N N 123 
GOL O1   O  N N 124 
GOL C2   C  N N 125 
GOL O2   O  N N 126 
GOL C3   C  N N 127 
GOL O3   O  N N 128 
GOL H11  H  N N 129 
GOL H12  H  N N 130 
GOL HO1  H  N N 131 
GOL H2   H  N N 132 
GOL HO2  H  N N 133 
GOL H31  H  N N 134 
GOL H32  H  N N 135 
GOL HO3  H  N N 136 
HIS N    N  N N 137 
HIS CA   C  N S 138 
HIS C    C  N N 139 
HIS O    O  N N 140 
HIS CB   C  N N 141 
HIS CG   C  Y N 142 
HIS ND1  N  Y N 143 
HIS CD2  C  Y N 144 
HIS CE1  C  Y N 145 
HIS NE2  N  Y N 146 
HIS OXT  O  N N 147 
HIS H    H  N N 148 
HIS H2   H  N N 149 
HIS HA   H  N N 150 
HIS HB2  H  N N 151 
HIS HB3  H  N N 152 
HIS HD1  H  N N 153 
HIS HD2  H  N N 154 
HIS HE1  H  N N 155 
HIS HE2  H  N N 156 
HIS HXT  H  N N 157 
HOH O    O  N N 158 
HOH H1   H  N N 159 
HOH H2   H  N N 160 
ILE N    N  N N 161 
ILE CA   C  N S 162 
ILE C    C  N N 163 
ILE O    O  N N 164 
ILE CB   C  N S 165 
ILE CG1  C  N N 166 
ILE CG2  C  N N 167 
ILE CD1  C  N N 168 
ILE OXT  O  N N 169 
ILE H    H  N N 170 
ILE H2   H  N N 171 
ILE HA   H  N N 172 
ILE HB   H  N N 173 
ILE HG12 H  N N 174 
ILE HG13 H  N N 175 
ILE HG21 H  N N 176 
ILE HG22 H  N N 177 
ILE HG23 H  N N 178 
ILE HD11 H  N N 179 
ILE HD12 H  N N 180 
ILE HD13 H  N N 181 
ILE HXT  H  N N 182 
LEU N    N  N N 183 
LEU CA   C  N S 184 
LEU C    C  N N 185 
LEU O    O  N N 186 
LEU CB   C  N N 187 
LEU CG   C  N N 188 
LEU CD1  C  N N 189 
LEU CD2  C  N N 190 
LEU OXT  O  N N 191 
LEU H    H  N N 192 
LEU H2   H  N N 193 
LEU HA   H  N N 194 
LEU HB2  H  N N 195 
LEU HB3  H  N N 196 
LEU HG   H  N N 197 
LEU HD11 H  N N 198 
LEU HD12 H  N N 199 
LEU HD13 H  N N 200 
LEU HD21 H  N N 201 
LEU HD22 H  N N 202 
LEU HD23 H  N N 203 
LEU HXT  H  N N 204 
LYS N    N  N N 205 
LYS CA   C  N S 206 
LYS C    C  N N 207 
LYS O    O  N N 208 
LYS CB   C  N N 209 
LYS CG   C  N N 210 
LYS CD   C  N N 211 
LYS CE   C  N N 212 
LYS NZ   N  N N 213 
LYS OXT  O  N N 214 
LYS H    H  N N 215 
LYS H2   H  N N 216 
LYS HA   H  N N 217 
LYS HB2  H  N N 218 
LYS HB3  H  N N 219 
LYS HG2  H  N N 220 
LYS HG3  H  N N 221 
LYS HD2  H  N N 222 
LYS HD3  H  N N 223 
LYS HE2  H  N N 224 
LYS HE3  H  N N 225 
LYS HZ1  H  N N 226 
LYS HZ2  H  N N 227 
LYS HZ3  H  N N 228 
LYS HXT  H  N N 229 
MET N    N  N N 230 
MET CA   C  N S 231 
MET C    C  N N 232 
MET O    O  N N 233 
MET CB   C  N N 234 
MET CG   C  N N 235 
MET SD   S  N N 236 
MET CE   C  N N 237 
MET OXT  O  N N 238 
MET H    H  N N 239 
MET H2   H  N N 240 
MET HA   H  N N 241 
MET HB2  H  N N 242 
MET HB3  H  N N 243 
MET HG2  H  N N 244 
MET HG3  H  N N 245 
MET HE1  H  N N 246 
MET HE2  H  N N 247 
MET HE3  H  N N 248 
MET HXT  H  N N 249 
NI  NI   NI N N 250 
PHE N    N  N N 251 
PHE CA   C  N S 252 
PHE C    C  N N 253 
PHE O    O  N N 254 
PHE CB   C  N N 255 
PHE CG   C  Y N 256 
PHE CD1  C  Y N 257 
PHE CD2  C  Y N 258 
PHE CE1  C  Y N 259 
PHE CE2  C  Y N 260 
PHE CZ   C  Y N 261 
PHE OXT  O  N N 262 
PHE H    H  N N 263 
PHE H2   H  N N 264 
PHE HA   H  N N 265 
PHE HB2  H  N N 266 
PHE HB3  H  N N 267 
PHE HD1  H  N N 268 
PHE HD2  H  N N 269 
PHE HE1  H  N N 270 
PHE HE2  H  N N 271 
PHE HZ   H  N N 272 
PHE HXT  H  N N 273 
PRO N    N  N N 274 
PRO CA   C  N S 275 
PRO C    C  N N 276 
PRO O    O  N N 277 
PRO CB   C  N N 278 
PRO CG   C  N N 279 
PRO CD   C  N N 280 
PRO OXT  O  N N 281 
PRO H    H  N N 282 
PRO HA   H  N N 283 
PRO HB2  H  N N 284 
PRO HB3  H  N N 285 
PRO HG2  H  N N 286 
PRO HG3  H  N N 287 
PRO HD2  H  N N 288 
PRO HD3  H  N N 289 
PRO HXT  H  N N 290 
SER N    N  N N 291 
SER CA   C  N S 292 
SER C    C  N N 293 
SER O    O  N N 294 
SER CB   C  N N 295 
SER OG   O  N N 296 
SER OXT  O  N N 297 
SER H    H  N N 298 
SER H2   H  N N 299 
SER HA   H  N N 300 
SER HB2  H  N N 301 
SER HB3  H  N N 302 
SER HG   H  N N 303 
SER HXT  H  N N 304 
THR N    N  N N 305 
THR CA   C  N S 306 
THR C    C  N N 307 
THR O    O  N N 308 
THR CB   C  N R 309 
THR OG1  O  N N 310 
THR CG2  C  N N 311 
THR OXT  O  N N 312 
THR H    H  N N 313 
THR H2   H  N N 314 
THR HA   H  N N 315 
THR HB   H  N N 316 
THR HG1  H  N N 317 
THR HG21 H  N N 318 
THR HG22 H  N N 319 
THR HG23 H  N N 320 
THR HXT  H  N N 321 
TRP N    N  N N 322 
TRP CA   C  N S 323 
TRP C    C  N N 324 
TRP O    O  N N 325 
TRP CB   C  N N 326 
TRP CG   C  Y N 327 
TRP CD1  C  Y N 328 
TRP CD2  C  Y N 329 
TRP NE1  N  Y N 330 
TRP CE2  C  Y N 331 
TRP CE3  C  Y N 332 
TRP CZ2  C  Y N 333 
TRP CZ3  C  Y N 334 
TRP CH2  C  Y N 335 
TRP OXT  O  N N 336 
TRP H    H  N N 337 
TRP H2   H  N N 338 
TRP HA   H  N N 339 
TRP HB2  H  N N 340 
TRP HB3  H  N N 341 
TRP HD1  H  N N 342 
TRP HE1  H  N N 343 
TRP HE3  H  N N 344 
TRP HZ2  H  N N 345 
TRP HZ3  H  N N 346 
TRP HH2  H  N N 347 
TRP HXT  H  N N 348 
TYR N    N  N N 349 
TYR CA   C  N S 350 
TYR C    C  N N 351 
TYR O    O  N N 352 
TYR CB   C  N N 353 
TYR CG   C  Y N 354 
TYR CD1  C  Y N 355 
TYR CD2  C  Y N 356 
TYR CE1  C  Y N 357 
TYR CE2  C  Y N 358 
TYR CZ   C  Y N 359 
TYR OH   O  N N 360 
TYR OXT  O  N N 361 
TYR H    H  N N 362 
TYR H2   H  N N 363 
TYR HA   H  N N 364 
TYR HB2  H  N N 365 
TYR HB3  H  N N 366 
TYR HD1  H  N N 367 
TYR HD2  H  N N 368 
TYR HE1  H  N N 369 
TYR HE2  H  N N 370 
TYR HH   H  N N 371 
TYR HXT  H  N N 372 
VAL N    N  N N 373 
VAL CA   C  N S 374 
VAL C    C  N N 375 
VAL O    O  N N 376 
VAL CB   C  N N 377 
VAL CG1  C  N N 378 
VAL CG2  C  N N 379 
VAL OXT  O  N N 380 
VAL H    H  N N 381 
VAL H2   H  N N 382 
VAL HA   H  N N 383 
VAL HB   H  N N 384 
VAL HG11 H  N N 385 
VAL HG12 H  N N 386 
VAL HG13 H  N N 387 
VAL HG21 H  N N 388 
VAL HG22 H  N N 389 
VAL HG23 H  N N 390 
VAL HXT  H  N N 391 
# 
loop_
_chem_comp_bond.comp_id 
_chem_comp_bond.atom_id_1 
_chem_comp_bond.atom_id_2 
_chem_comp_bond.value_order 
_chem_comp_bond.pdbx_aromatic_flag 
_chem_comp_bond.pdbx_stereo_config 
_chem_comp_bond.pdbx_ordinal 
ALA N   CA   sing N N 1   
ALA N   H    sing N N 2   
ALA N   H2   sing N N 3   
ALA CA  C    sing N N 4   
ALA CA  CB   sing N N 5   
ALA CA  HA   sing N N 6   
ALA C   O    doub N N 7   
ALA C   OXT  sing N N 8   
ALA CB  HB1  sing N N 9   
ALA CB  HB2  sing N N 10  
ALA CB  HB3  sing N N 11  
ALA OXT HXT  sing N N 12  
ARG N   CA   sing N N 13  
ARG N   H    sing N N 14  
ARG N   H2   sing N N 15  
ARG CA  C    sing N N 16  
ARG CA  CB   sing N N 17  
ARG CA  HA   sing N N 18  
ARG C   O    doub N N 19  
ARG C   OXT  sing N N 20  
ARG CB  CG   sing N N 21  
ARG CB  HB2  sing N N 22  
ARG CB  HB3  sing N N 23  
ARG CG  CD   sing N N 24  
ARG CG  HG2  sing N N 25  
ARG CG  HG3  sing N N 26  
ARG CD  NE   sing N N 27  
ARG CD  HD2  sing N N 28  
ARG CD  HD3  sing N N 29  
ARG NE  CZ   sing N N 30  
ARG NE  HE   sing N N 31  
ARG CZ  NH1  sing N N 32  
ARG CZ  NH2  doub N N 33  
ARG NH1 HH11 sing N N 34  
ARG NH1 HH12 sing N N 35  
ARG NH2 HH21 sing N N 36  
ARG NH2 HH22 sing N N 37  
ARG OXT HXT  sing N N 38  
ASN N   CA   sing N N 39  
ASN N   H    sing N N 40  
ASN N   H2   sing N N 41  
ASN CA  C    sing N N 42  
ASN CA  CB   sing N N 43  
ASN CA  HA   sing N N 44  
ASN C   O    doub N N 45  
ASN C   OXT  sing N N 46  
ASN CB  CG   sing N N 47  
ASN CB  HB2  sing N N 48  
ASN CB  HB3  sing N N 49  
ASN CG  OD1  doub N N 50  
ASN CG  ND2  sing N N 51  
ASN ND2 HD21 sing N N 52  
ASN ND2 HD22 sing N N 53  
ASN OXT HXT  sing N N 54  
ASP N   CA   sing N N 55  
ASP N   H    sing N N 56  
ASP N   H2   sing N N 57  
ASP CA  C    sing N N 58  
ASP CA  CB   sing N N 59  
ASP CA  HA   sing N N 60  
ASP C   O    doub N N 61  
ASP C   OXT  sing N N 62  
ASP CB  CG   sing N N 63  
ASP CB  HB2  sing N N 64  
ASP CB  HB3  sing N N 65  
ASP CG  OD1  doub N N 66  
ASP CG  OD2  sing N N 67  
ASP OD2 HD2  sing N N 68  
ASP OXT HXT  sing N N 69  
GLN N   CA   sing N N 70  
GLN N   H    sing N N 71  
GLN N   H2   sing N N 72  
GLN CA  C    sing N N 73  
GLN CA  CB   sing N N 74  
GLN CA  HA   sing N N 75  
GLN C   O    doub N N 76  
GLN C   OXT  sing N N 77  
GLN CB  CG   sing N N 78  
GLN CB  HB2  sing N N 79  
GLN CB  HB3  sing N N 80  
GLN CG  CD   sing N N 81  
GLN CG  HG2  sing N N 82  
GLN CG  HG3  sing N N 83  
GLN CD  OE1  doub N N 84  
GLN CD  NE2  sing N N 85  
GLN NE2 HE21 sing N N 86  
GLN NE2 HE22 sing N N 87  
GLN OXT HXT  sing N N 88  
GLU N   CA   sing N N 89  
GLU N   H    sing N N 90  
GLU N   H2   sing N N 91  
GLU CA  C    sing N N 92  
GLU CA  CB   sing N N 93  
GLU CA  HA   sing N N 94  
GLU C   O    doub N N 95  
GLU C   OXT  sing N N 96  
GLU CB  CG   sing N N 97  
GLU CB  HB2  sing N N 98  
GLU CB  HB3  sing N N 99  
GLU CG  CD   sing N N 100 
GLU CG  HG2  sing N N 101 
GLU CG  HG3  sing N N 102 
GLU CD  OE1  doub N N 103 
GLU CD  OE2  sing N N 104 
GLU OE2 HE2  sing N N 105 
GLU OXT HXT  sing N N 106 
GLY N   CA   sing N N 107 
GLY N   H    sing N N 108 
GLY N   H2   sing N N 109 
GLY CA  C    sing N N 110 
GLY CA  HA2  sing N N 111 
GLY CA  HA3  sing N N 112 
GLY C   O    doub N N 113 
GLY C   OXT  sing N N 114 
GLY OXT HXT  sing N N 115 
GOL C1  O1   sing N N 116 
GOL C1  C2   sing N N 117 
GOL C1  H11  sing N N 118 
GOL C1  H12  sing N N 119 
GOL O1  HO1  sing N N 120 
GOL C2  O2   sing N N 121 
GOL C2  C3   sing N N 122 
GOL C2  H2   sing N N 123 
GOL O2  HO2  sing N N 124 
GOL C3  O3   sing N N 125 
GOL C3  H31  sing N N 126 
GOL C3  H32  sing N N 127 
GOL O3  HO3  sing N N 128 
HIS N   CA   sing N N 129 
HIS N   H    sing N N 130 
HIS N   H2   sing N N 131 
HIS CA  C    sing N N 132 
HIS CA  CB   sing N N 133 
HIS CA  HA   sing N N 134 
HIS C   O    doub N N 135 
HIS C   OXT  sing N N 136 
HIS CB  CG   sing N N 137 
HIS CB  HB2  sing N N 138 
HIS CB  HB3  sing N N 139 
HIS CG  ND1  sing Y N 140 
HIS CG  CD2  doub Y N 141 
HIS ND1 CE1  doub Y N 142 
HIS ND1 HD1  sing N N 143 
HIS CD2 NE2  sing Y N 144 
HIS CD2 HD2  sing N N 145 
HIS CE1 NE2  sing Y N 146 
HIS CE1 HE1  sing N N 147 
HIS NE2 HE2  sing N N 148 
HIS OXT HXT  sing N N 149 
HOH O   H1   sing N N 150 
HOH O   H2   sing N N 151 
ILE N   CA   sing N N 152 
ILE N   H    sing N N 153 
ILE N   H2   sing N N 154 
ILE CA  C    sing N N 155 
ILE CA  CB   sing N N 156 
ILE CA  HA   sing N N 157 
ILE C   O    doub N N 158 
ILE C   OXT  sing N N 159 
ILE CB  CG1  sing N N 160 
ILE CB  CG2  sing N N 161 
ILE CB  HB   sing N N 162 
ILE CG1 CD1  sing N N 163 
ILE CG1 HG12 sing N N 164 
ILE CG1 HG13 sing N N 165 
ILE CG2 HG21 sing N N 166 
ILE CG2 HG22 sing N N 167 
ILE CG2 HG23 sing N N 168 
ILE CD1 HD11 sing N N 169 
ILE CD1 HD12 sing N N 170 
ILE CD1 HD13 sing N N 171 
ILE OXT HXT  sing N N 172 
LEU N   CA   sing N N 173 
LEU N   H    sing N N 174 
LEU N   H2   sing N N 175 
LEU CA  C    sing N N 176 
LEU CA  CB   sing N N 177 
LEU CA  HA   sing N N 178 
LEU C   O    doub N N 179 
LEU C   OXT  sing N N 180 
LEU CB  CG   sing N N 181 
LEU CB  HB2  sing N N 182 
LEU CB  HB3  sing N N 183 
LEU CG  CD1  sing N N 184 
LEU CG  CD2  sing N N 185 
LEU CG  HG   sing N N 186 
LEU CD1 HD11 sing N N 187 
LEU CD1 HD12 sing N N 188 
LEU CD1 HD13 sing N N 189 
LEU CD2 HD21 sing N N 190 
LEU CD2 HD22 sing N N 191 
LEU CD2 HD23 sing N N 192 
LEU OXT HXT  sing N N 193 
LYS N   CA   sing N N 194 
LYS N   H    sing N N 195 
LYS N   H2   sing N N 196 
LYS CA  C    sing N N 197 
LYS CA  CB   sing N N 198 
LYS CA  HA   sing N N 199 
LYS C   O    doub N N 200 
LYS C   OXT  sing N N 201 
LYS CB  CG   sing N N 202 
LYS CB  HB2  sing N N 203 
LYS CB  HB3  sing N N 204 
LYS CG  CD   sing N N 205 
LYS CG  HG2  sing N N 206 
LYS CG  HG3  sing N N 207 
LYS CD  CE   sing N N 208 
LYS CD  HD2  sing N N 209 
LYS CD  HD3  sing N N 210 
LYS CE  NZ   sing N N 211 
LYS CE  HE2  sing N N 212 
LYS CE  HE3  sing N N 213 
LYS NZ  HZ1  sing N N 214 
LYS NZ  HZ2  sing N N 215 
LYS NZ  HZ3  sing N N 216 
LYS OXT HXT  sing N N 217 
MET N   CA   sing N N 218 
MET N   H    sing N N 219 
MET N   H2   sing N N 220 
MET CA  C    sing N N 221 
MET CA  CB   sing N N 222 
MET CA  HA   sing N N 223 
MET C   O    doub N N 224 
MET C   OXT  sing N N 225 
MET CB  CG   sing N N 226 
MET CB  HB2  sing N N 227 
MET CB  HB3  sing N N 228 
MET CG  SD   sing N N 229 
MET CG  HG2  sing N N 230 
MET CG  HG3  sing N N 231 
MET SD  CE   sing N N 232 
MET CE  HE1  sing N N 233 
MET CE  HE2  sing N N 234 
MET CE  HE3  sing N N 235 
MET OXT HXT  sing N N 236 
PHE N   CA   sing N N 237 
PHE N   H    sing N N 238 
PHE N   H2   sing N N 239 
PHE CA  C    sing N N 240 
PHE CA  CB   sing N N 241 
PHE CA  HA   sing N N 242 
PHE C   O    doub N N 243 
PHE C   OXT  sing N N 244 
PHE CB  CG   sing N N 245 
PHE CB  HB2  sing N N 246 
PHE CB  HB3  sing N N 247 
PHE CG  CD1  doub Y N 248 
PHE CG  CD2  sing Y N 249 
PHE CD1 CE1  sing Y N 250 
PHE CD1 HD1  sing N N 251 
PHE CD2 CE2  doub Y N 252 
PHE CD2 HD2  sing N N 253 
PHE CE1 CZ   doub Y N 254 
PHE CE1 HE1  sing N N 255 
PHE CE2 CZ   sing Y N 256 
PHE CE2 HE2  sing N N 257 
PHE CZ  HZ   sing N N 258 
PHE OXT HXT  sing N N 259 
PRO N   CA   sing N N 260 
PRO N   CD   sing N N 261 
PRO N   H    sing N N 262 
PRO CA  C    sing N N 263 
PRO CA  CB   sing N N 264 
PRO CA  HA   sing N N 265 
PRO C   O    doub N N 266 
PRO C   OXT  sing N N 267 
PRO CB  CG   sing N N 268 
PRO CB  HB2  sing N N 269 
PRO CB  HB3  sing N N 270 
PRO CG  CD   sing N N 271 
PRO CG  HG2  sing N N 272 
PRO CG  HG3  sing N N 273 
PRO CD  HD2  sing N N 274 
PRO CD  HD3  sing N N 275 
PRO OXT HXT  sing N N 276 
SER N   CA   sing N N 277 
SER N   H    sing N N 278 
SER N   H2   sing N N 279 
SER CA  C    sing N N 280 
SER CA  CB   sing N N 281 
SER CA  HA   sing N N 282 
SER C   O    doub N N 283 
SER C   OXT  sing N N 284 
SER CB  OG   sing N N 285 
SER CB  HB2  sing N N 286 
SER CB  HB3  sing N N 287 
SER OG  HG   sing N N 288 
SER OXT HXT  sing N N 289 
THR N   CA   sing N N 290 
THR N   H    sing N N 291 
THR N   H2   sing N N 292 
THR CA  C    sing N N 293 
THR CA  CB   sing N N 294 
THR CA  HA   sing N N 295 
THR C   O    doub N N 296 
THR C   OXT  sing N N 297 
THR CB  OG1  sing N N 298 
THR CB  CG2  sing N N 299 
THR CB  HB   sing N N 300 
THR OG1 HG1  sing N N 301 
THR CG2 HG21 sing N N 302 
THR CG2 HG22 sing N N 303 
THR CG2 HG23 sing N N 304 
THR OXT HXT  sing N N 305 
TRP N   CA   sing N N 306 
TRP N   H    sing N N 307 
TRP N   H2   sing N N 308 
TRP CA  C    sing N N 309 
TRP CA  CB   sing N N 310 
TRP CA  HA   sing N N 311 
TRP C   O    doub N N 312 
TRP C   OXT  sing N N 313 
TRP CB  CG   sing N N 314 
TRP CB  HB2  sing N N 315 
TRP CB  HB3  sing N N 316 
TRP CG  CD1  doub Y N 317 
TRP CG  CD2  sing Y N 318 
TRP CD1 NE1  sing Y N 319 
TRP CD1 HD1  sing N N 320 
TRP CD2 CE2  doub Y N 321 
TRP CD2 CE3  sing Y N 322 
TRP NE1 CE2  sing Y N 323 
TRP NE1 HE1  sing N N 324 
TRP CE2 CZ2  sing Y N 325 
TRP CE3 CZ3  doub Y N 326 
TRP CE3 HE3  sing N N 327 
TRP CZ2 CH2  doub Y N 328 
TRP CZ2 HZ2  sing N N 329 
TRP CZ3 CH2  sing Y N 330 
TRP CZ3 HZ3  sing N N 331 
TRP CH2 HH2  sing N N 332 
TRP OXT HXT  sing N N 333 
TYR N   CA   sing N N 334 
TYR N   H    sing N N 335 
TYR N   H2   sing N N 336 
TYR CA  C    sing N N 337 
TYR CA  CB   sing N N 338 
TYR CA  HA   sing N N 339 
TYR C   O    doub N N 340 
TYR C   OXT  sing N N 341 
TYR CB  CG   sing N N 342 
TYR CB  HB2  sing N N 343 
TYR CB  HB3  sing N N 344 
TYR CG  CD1  doub Y N 345 
TYR CG  CD2  sing Y N 346 
TYR CD1 CE1  sing Y N 347 
TYR CD1 HD1  sing N N 348 
TYR CD2 CE2  doub Y N 349 
TYR CD2 HD2  sing N N 350 
TYR CE1 CZ   doub Y N 351 
TYR CE1 HE1  sing N N 352 
TYR CE2 CZ   sing Y N 353 
TYR CE2 HE2  sing N N 354 
TYR CZ  OH   sing N N 355 
TYR OH  HH   sing N N 356 
TYR OXT HXT  sing N N 357 
VAL N   CA   sing N N 358 
VAL N   H    sing N N 359 
VAL N   H2   sing N N 360 
VAL CA  C    sing N N 361 
VAL CA  CB   sing N N 362 
VAL CA  HA   sing N N 363 
VAL C   O    doub N N 364 
VAL C   OXT  sing N N 365 
VAL CB  CG1  sing N N 366 
VAL CB  CG2  sing N N 367 
VAL CB  HB   sing N N 368 
VAL CG1 HG11 sing N N 369 
VAL CG1 HG12 sing N N 370 
VAL CG1 HG13 sing N N 371 
VAL CG2 HG21 sing N N 372 
VAL CG2 HG22 sing N N 373 
VAL CG2 HG23 sing N N 374 
VAL OXT HXT  sing N N 375 
# 
loop_
_pdbx_audit_support.funding_organization 
_pdbx_audit_support.country 
_pdbx_audit_support.grant_number 
_pdbx_audit_support.ordinal 
'Japan Society for the Promotion of Science (JSPS)' Japan 18K06616 1 
'Japan Society for the Promotion of Science (JSPS)' Japan 20K15403 2 
'Japan Society for the Promotion of Science (JSPS)' Japan 20K05740 3 
# 
_pdbx_entity_instance_feature.ordinal        1 
_pdbx_entity_instance_feature.comp_id        NI 
_pdbx_entity_instance_feature.asym_id        ? 
_pdbx_entity_instance_feature.seq_num        ? 
_pdbx_entity_instance_feature.auth_comp_id   NI 
_pdbx_entity_instance_feature.auth_asym_id   ? 
_pdbx_entity_instance_feature.auth_seq_num   ? 
_pdbx_entity_instance_feature.feature_type   'SUBJECT OF INVESTIGATION' 
_pdbx_entity_instance_feature.details        ? 
# 
loop_
_pdbx_entity_nonpoly.entity_id 
_pdbx_entity_nonpoly.name 
_pdbx_entity_nonpoly.comp_id 
2 GLYCEROL          GOL 
3 'NICKEL (II) ION' NI  
4 water             HOH 
# 
_pdbx_initial_refinement_model.id               1 
_pdbx_initial_refinement_model.entity_id_list   ? 
_pdbx_initial_refinement_model.type             'experimental model' 
_pdbx_initial_refinement_model.source_name      PDB 
_pdbx_initial_refinement_model.accession_code   7FBW 
_pdbx_initial_refinement_model.details          ? 
# 
_pdbx_serial_crystallography_sample_delivery.diffrn_id     1 
_pdbx_serial_crystallography_sample_delivery.description   ? 
_pdbx_serial_crystallography_sample_delivery.method        'fixed target' 
# 
_pdbx_struct_assembly_auth_evidence.id                     1 
_pdbx_struct_assembly_auth_evidence.assembly_id            1 
_pdbx_struct_assembly_auth_evidence.experimental_support   'gel filtration' 
_pdbx_struct_assembly_auth_evidence.details                ? 
# 
